data_5T5O
#
_entry.id   5T5O
#
_cell.length_a   65.081
_cell.length_b   187.290
_cell.length_c   258.387
_cell.angle_alpha   90.000
_cell.angle_beta   90.000
_cell.angle_gamma   90.000
#
_symmetry.space_group_name_H-M   'P 21 21 21'
#
loop_
_entity.id
_entity.type
_entity.pdbx_description
1 polymer Lectin
2 polymer 'TN-peptide ACE-GLY-VAL-THR-SER-ALA'
3 non-polymer 'CALCIUM ION'
4 non-polymer 2-acetamido-2-deoxy-alpha-D-galactopyranose
5 water water
#
loop_
_entity_poly.entity_id
_entity_poly.type
_entity_poly.pdbx_seq_one_letter_code
_entity_poly.pdbx_strand_id
1 'polypeptide(L)'
;SELSFNYPNFQSVEDITFQGGASPRNETLQLTPTDSNGIPIRQRAGHAVYSQPFQLRDTSFYTTFTFVIRTTSNSPADGF
AIFIAPPDFPVKRYGGYLGLFEPNTATNTSANKVVAVEFDTWVNTEWKEPRYRHIGIDVNSIVSVRVTRWQDKDVFSRSI
ATAHVGYDGISKILTAFVTYPDGGNYVLSHVVDLAEIFPGDVRIGFSGATGQYETQYIHSWSFSSTSTNLLRDGARHHHH
HH
;
A,B,C,D,E,F,G,H,I,J
2 'polypeptide(L)' (ACE)GVTSA a,b,c,d,e,f,g,h,i,j
#
loop_
_chem_comp.id
_chem_comp.type
_chem_comp.name
_chem_comp.formula
A2G D-saccharide, alpha linking 2-acetamido-2-deoxy-alpha-D-galactopyranose 'C8 H15 N O6'
ACE non-polymer 'ACETYL GROUP' 'C2 H4 O'
CA non-polymer 'CALCIUM ION' 'Ca 2'
#
# COMPACT_ATOMS: atom_id res chain seq x y z
N SER A 1 4.99 -2.66 44.28
CA SER A 1 5.84 -1.58 43.62
C SER A 1 6.68 -2.13 42.46
N GLU A 2 7.33 -1.19 41.74
CA GLU A 2 8.14 -1.48 40.52
C GLU A 2 9.63 -1.40 40.84
N LEU A 3 10.33 -2.49 40.56
CA LEU A 3 11.75 -2.56 40.75
C LEU A 3 12.31 -3.51 39.73
N SER A 4 13.44 -3.19 39.18
CA SER A 4 14.13 -4.17 38.38
C SER A 4 15.65 -4.08 38.51
N PHE A 5 16.33 -5.20 38.36
CA PHE A 5 17.77 -5.22 38.39
C PHE A 5 18.29 -6.31 37.54
N ASN A 6 19.59 -6.24 37.27
CA ASN A 6 20.25 -7.21 36.40
C ASN A 6 21.71 -7.47 36.76
N TYR A 7 22.06 -8.71 37.04
CA TYR A 7 23.47 -9.13 37.24
C TYR A 7 23.72 -10.27 36.24
N PRO A 8 24.33 -9.95 35.05
CA PRO A 8 24.72 -10.98 34.07
C PRO A 8 25.75 -11.89 34.63
N ASN A 9 26.66 -11.33 35.43
CA ASN A 9 27.48 -12.05 36.42
C ASN A 9 27.54 -11.21 37.66
N PHE A 10 28.34 -11.59 38.64
CA PHE A 10 28.54 -10.80 39.87
C PHE A 10 29.94 -10.27 39.95
N GLN A 11 30.43 -9.66 38.89
CA GLN A 11 31.72 -8.99 38.90
C GLN A 11 31.66 -7.76 39.77
N SER A 12 30.52 -7.09 39.68
CA SER A 12 30.13 -6.08 40.65
C SER A 12 29.07 -6.70 41.57
N VAL A 13 29.10 -6.37 42.86
CA VAL A 13 28.10 -6.86 43.79
C VAL A 13 27.44 -5.71 44.48
N GLU A 14 27.11 -4.69 43.68
CA GLU A 14 26.92 -3.39 44.22
C GLU A 14 25.67 -3.34 45.15
N ASP A 15 24.50 -3.79 44.76
CA ASP A 15 23.42 -3.63 45.72
C ASP A 15 23.10 -4.98 46.37
N ILE A 16 24.12 -5.72 46.73
CA ILE A 16 23.89 -7.00 47.40
C ILE A 16 24.33 -6.85 48.88
N THR A 17 23.45 -7.18 49.82
CA THR A 17 23.80 -7.26 51.22
C THR A 17 24.19 -8.73 51.47
N PHE A 18 25.41 -8.93 52.01
CA PHE A 18 25.80 -10.25 52.49
C PHE A 18 25.65 -10.34 54.00
N GLN A 19 25.16 -11.48 54.45
CA GLN A 19 25.09 -11.80 55.84
C GLN A 19 25.49 -13.23 56.13
N GLY A 20 26.01 -13.49 57.38
CA GLY A 20 26.37 -14.81 57.81
C GLY A 20 27.56 -15.16 56.92
N GLY A 21 27.50 -16.41 56.46
CA GLY A 21 28.62 -17.03 55.73
C GLY A 21 28.68 -16.75 54.24
N ALA A 22 27.75 -15.93 53.78
CA ALA A 22 27.79 -15.59 52.39
C ALA A 22 28.79 -14.51 52.06
N SER A 23 29.39 -14.63 50.89
CA SER A 23 30.36 -13.69 50.37
C SER A 23 30.45 -13.77 48.85
N PRO A 24 31.02 -12.75 48.18
CA PRO A 24 31.27 -12.87 46.73
C PRO A 24 32.51 -13.69 46.44
N ARG A 25 32.51 -14.40 45.30
CA ARG A 25 33.67 -15.23 44.96
C ARG A 25 33.78 -15.56 43.52
N ASN A 26 34.87 -15.24 42.83
CA ASN A 26 35.04 -15.52 41.37
C ASN A 26 33.83 -15.17 40.54
N GLU A 27 33.37 -13.96 40.76
CA GLU A 27 32.24 -13.38 40.07
C GLU A 27 30.94 -14.16 40.32
N THR A 28 30.78 -14.70 41.55
CA THR A 28 29.53 -15.36 41.95
C THR A 28 29.13 -15.04 43.34
N LEU A 29 27.93 -15.38 43.77
CA LEU A 29 27.57 -15.34 45.15
C LEU A 29 27.78 -16.72 45.73
N GLN A 30 28.74 -16.82 46.68
CA GLN A 30 28.93 -17.99 47.49
C GLN A 30 28.07 -17.91 48.75
N LEU A 31 27.06 -18.74 48.86
CA LEU A 31 26.09 -18.60 49.95
C LEU A 31 26.58 -19.15 51.32
N THR A 32 27.45 -20.17 51.32
CA THR A 32 28.00 -20.76 52.55
C THR A 32 29.50 -20.78 52.45
N PRO A 33 30.18 -20.59 53.59
CA PRO A 33 31.60 -20.39 53.55
C PRO A 33 32.39 -21.69 53.42
N THR A 34 33.61 -21.51 52.92
CA THR A 34 34.65 -22.53 52.84
C THR A 34 35.87 -22.14 53.66
N ASP A 35 36.61 -23.14 54.15
CA ASP A 35 37.85 -22.96 54.90
C ASP A 35 39.09 -22.76 54.03
N SER A 36 40.23 -22.64 54.65
CA SER A 36 41.48 -22.36 53.93
C SER A 36 41.91 -23.39 52.93
N ASN A 37 41.40 -24.59 53.04
CA ASN A 37 41.55 -25.50 51.91
C ASN A 37 40.40 -25.61 50.90
N GLY A 38 39.44 -24.69 50.85
CA GLY A 38 38.27 -24.73 49.92
C GLY A 38 37.22 -25.69 50.32
N ILE A 39 37.37 -26.37 51.48
CA ILE A 39 36.38 -27.36 51.99
C ILE A 39 35.14 -26.68 52.67
N PRO A 40 33.93 -27.08 52.35
CA PRO A 40 32.77 -26.46 52.95
C PRO A 40 32.72 -26.63 54.45
N ILE A 41 32.29 -25.57 55.15
CA ILE A 41 32.20 -25.57 56.58
C ILE A 41 30.83 -26.06 57.04
N ARG A 42 30.88 -26.99 57.98
CA ARG A 42 29.70 -27.59 58.55
C ARG A 42 28.86 -26.53 59.29
N GLN A 43 27.56 -26.73 59.40
CA GLN A 43 26.67 -25.93 60.23
C GLN A 43 26.75 -24.40 60.14
N ARG A 44 26.65 -23.91 58.93
CA ARG A 44 26.64 -22.46 58.65
C ARG A 44 25.49 -22.12 57.67
N ALA A 45 25.03 -20.88 57.76
CA ALA A 45 24.02 -20.32 56.92
C ALA A 45 24.49 -19.01 56.37
N GLY A 46 24.08 -18.64 55.14
CA GLY A 46 24.43 -17.31 54.62
C GLY A 46 23.38 -16.78 53.71
N HIS A 47 23.23 -15.45 53.74
CA HIS A 47 22.21 -14.74 52.94
C HIS A 47 22.93 -13.81 52.01
N ALA A 48 22.50 -13.78 50.76
CA ALA A 48 22.85 -12.72 49.82
C ALA A 48 21.52 -12.15 49.32
N VAL A 49 21.13 -10.96 49.77
CA VAL A 49 19.87 -10.32 49.38
C VAL A 49 20.13 -9.06 48.57
N TYR A 50 19.20 -8.70 47.71
CA TYR A 50 19.15 -7.44 47.02
C TYR A 50 18.71 -6.41 48.04
N SER A 51 19.47 -5.33 48.18
CA SER A 51 19.33 -4.49 49.39
C SER A 51 18.14 -3.59 49.44
N GLN A 52 17.60 -3.25 48.28
CA GLN A 52 16.41 -2.36 48.13
C GLN A 52 15.11 -3.11 48.42
N PRO A 53 14.35 -2.64 49.42
CA PRO A 53 13.05 -3.23 49.64
C PRO A 53 12.10 -2.91 48.49
N PHE A 54 10.98 -3.64 48.42
CA PHE A 54 9.86 -3.29 47.57
C PHE A 54 8.53 -3.78 48.19
N GLN A 55 7.38 -3.49 47.55
CA GLN A 55 6.09 -3.95 48.08
C GLN A 55 5.47 -4.95 47.12
N LEU A 56 4.56 -5.76 47.63
CA LEU A 56 3.86 -6.76 46.87
C LEU A 56 2.39 -6.41 46.61
N ARG A 57 1.81 -5.37 47.23
CA ARG A 57 0.41 -5.09 46.87
C ARG A 57 0.23 -4.79 45.38
N ASP A 58 -0.70 -5.47 44.73
CA ASP A 58 -0.98 -5.25 43.34
C ASP A 58 0.25 -5.33 42.45
N THR A 59 0.97 -6.43 42.59
CA THR A 59 2.26 -6.61 41.92
C THR A 59 2.44 -8.00 41.41
N SER A 60 2.99 -8.06 40.21
CA SER A 60 3.55 -9.32 39.65
C SER A 60 5.06 -9.22 39.59
N PHE A 61 5.75 -10.34 39.59
CA PHE A 61 7.17 -10.33 39.29
C PHE A 61 7.65 -11.52 38.57
N TYR A 62 8.80 -11.34 37.95
CA TYR A 62 9.54 -12.44 37.29
C TYR A 62 11.02 -12.34 37.75
N THR A 63 11.65 -13.45 38.07
CA THR A 63 13.05 -13.44 38.34
C THR A 63 13.66 -14.73 37.85
N THR A 64 14.89 -14.63 37.39
CA THR A 64 15.62 -15.78 36.88
C THR A 64 17.05 -15.64 37.42
N PHE A 65 17.66 -16.79 37.68
CA PHE A 65 19.02 -16.88 38.10
C PHE A 65 19.66 -18.14 37.64
N THR A 66 20.98 -18.11 37.56
CA THR A 66 21.77 -19.31 37.26
C THR A 66 22.46 -19.77 38.49
N PHE A 67 22.64 -21.08 38.67
CA PHE A 67 23.26 -21.57 39.91
C PHE A 67 23.98 -22.87 39.66
N VAL A 68 24.98 -23.08 40.54
CA VAL A 68 25.77 -24.31 40.59
C VAL A 68 25.75 -24.85 42.04
N ILE A 69 25.56 -26.15 42.22
CA ILE A 69 25.75 -26.77 43.46
C ILE A 69 27.11 -27.49 43.29
N ARG A 70 28.03 -27.27 44.21
CA ARG A 70 29.31 -28.01 44.21
C ARG A 70 29.33 -28.96 45.38
N THR A 71 29.45 -30.26 45.15
CA THR A 71 29.44 -31.16 46.26
C THR A 71 30.82 -31.79 46.37
N THR A 72 31.29 -32.10 47.59
CA THR A 72 32.53 -32.79 47.77
C THR A 72 32.32 -34.18 48.27
N SER A 73 31.10 -34.69 48.53
CA SER A 73 30.88 -36.18 48.59
C SER A 73 29.42 -36.63 48.50
N ASN A 74 29.14 -37.90 48.77
CA ASN A 74 27.81 -38.55 48.72
C ASN A 74 26.61 -37.84 49.24
N SER A 75 26.68 -37.14 50.37
CA SER A 75 25.55 -36.87 51.21
C SER A 75 25.56 -35.45 51.53
N PRO A 76 25.55 -34.60 50.52
CA PRO A 76 25.54 -33.18 50.78
C PRO A 76 24.27 -32.61 51.48
N ALA A 77 24.46 -31.50 52.18
CA ALA A 77 23.38 -30.85 52.86
C ALA A 77 23.75 -29.42 53.00
N ASP A 78 22.79 -28.50 53.02
CA ASP A 78 21.38 -28.77 53.05
C ASP A 78 20.60 -28.22 51.88
N GLY A 79 21.27 -27.39 51.06
CA GLY A 79 20.64 -26.72 49.92
C GLY A 79 20.62 -25.21 50.08
N PHE A 80 19.79 -24.59 49.25
CA PHE A 80 19.57 -23.15 49.29
C PHE A 80 18.15 -22.81 48.80
N ALA A 81 17.76 -21.55 48.98
CA ALA A 81 16.47 -21.09 48.59
C ALA A 81 16.53 -19.69 48.08
N ILE A 82 15.62 -19.35 47.14
CA ILE A 82 15.30 -17.94 46.84
C ILE A 82 14.10 -17.60 47.66
N PHE A 83 14.17 -16.50 48.37
CA PHE A 83 13.15 -16.20 49.37
C PHE A 83 12.75 -14.74 49.41
N ILE A 84 11.54 -14.55 49.93
CA ILE A 84 10.99 -13.24 50.18
C ILE A 84 10.62 -13.18 51.66
N ALA A 85 10.96 -12.07 52.30
CA ALA A 85 10.72 -11.85 53.71
C ALA A 85 10.83 -10.36 54.06
N PRO A 86 10.50 -9.99 55.30
CA PRO A 86 10.66 -8.55 55.62
C PRO A 86 12.10 -8.07 55.52
N PRO A 87 12.32 -6.76 55.44
CA PRO A 87 13.72 -6.25 55.32
C PRO A 87 14.63 -6.53 56.51
N ASP A 88 14.09 -6.66 57.71
CA ASP A 88 14.94 -6.90 58.91
C ASP A 88 15.10 -8.40 59.22
N PHE A 89 14.97 -9.28 58.25
CA PHE A 89 14.99 -10.71 58.49
C PHE A 89 16.39 -11.20 58.71
N PRO A 90 16.65 -11.83 59.87
CA PRO A 90 17.99 -12.27 60.17
C PRO A 90 18.34 -13.55 59.50
N VAL A 91 19.63 -13.88 59.50
CA VAL A 91 20.08 -15.25 59.11
C VAL A 91 19.61 -16.13 60.27
N LYS A 92 18.81 -17.16 60.01
CA LYS A 92 18.26 -18.03 61.06
C LYS A 92 18.97 -19.35 60.96
N ARG A 93 18.42 -20.42 61.55
CA ARG A 93 19.23 -21.61 61.80
C ARG A 93 19.85 -22.29 60.53
N TYR A 94 21.13 -22.63 60.61
CA TYR A 94 21.80 -23.51 59.68
C TYR A 94 21.12 -24.90 59.55
N GLY A 95 21.72 -25.81 58.80
CA GLY A 95 21.16 -27.13 58.62
C GLY A 95 19.85 -27.13 57.73
N GLY A 96 18.91 -28.02 58.06
CA GLY A 96 17.78 -28.27 57.22
C GLY A 96 16.76 -27.16 57.29
N TYR A 97 16.98 -26.24 58.24
CA TYR A 97 16.21 -25.01 58.29
C TYR A 97 16.56 -23.98 57.20
N LEU A 98 17.67 -24.18 56.48
CA LEU A 98 18.09 -23.41 55.27
C LEU A 98 18.34 -21.95 55.48
N GLY A 99 18.64 -21.65 56.75
CA GLY A 99 18.81 -20.26 57.21
C GLY A 99 17.51 -19.46 57.26
N LEU A 100 16.33 -20.13 57.16
CA LEU A 100 15.05 -19.42 57.11
C LEU A 100 14.05 -19.65 58.25
N PHE A 101 14.40 -20.58 59.12
CA PHE A 101 13.56 -20.86 60.26
C PHE A 101 14.38 -21.13 61.55
N GLU A 102 13.68 -21.04 62.68
CA GLU A 102 14.22 -21.46 63.98
C GLU A 102 13.55 -22.77 64.42
N PRO A 103 14.30 -23.67 65.06
CA PRO A 103 13.76 -24.97 65.41
C PRO A 103 12.40 -24.96 66.11
N ASN A 104 12.27 -24.18 67.17
CA ASN A 104 11.01 -24.03 67.88
C ASN A 104 9.75 -23.94 67.09
N THR A 105 9.82 -23.16 66.05
CA THR A 105 8.68 -22.63 65.32
C THR A 105 8.67 -23.04 63.79
N ALA A 106 9.57 -23.91 63.35
CA ALA A 106 9.81 -24.06 61.92
C ALA A 106 8.66 -24.62 61.11
N THR A 107 7.73 -25.32 61.77
CA THR A 107 6.55 -25.85 61.13
C THR A 107 5.27 -25.12 61.50
N ASN A 108 5.37 -24.08 62.33
CA ASN A 108 4.20 -23.31 62.68
C ASN A 108 3.95 -22.12 61.73
N THR A 109 2.97 -22.25 60.82
CA THR A 109 2.75 -21.19 59.83
C THR A 109 2.36 -19.83 60.45
N SER A 110 1.78 -19.83 61.64
CA SER A 110 1.43 -18.56 62.26
C SER A 110 2.61 -17.93 63.03
N ALA A 111 3.79 -18.52 63.04
CA ALA A 111 4.92 -17.90 63.66
C ALA A 111 6.02 -17.49 62.65
N ASN A 112 5.70 -17.52 61.37
CA ASN A 112 6.64 -17.13 60.37
C ASN A 112 6.00 -16.22 59.27
N LYS A 113 6.85 -15.45 58.63
CA LYS A 113 6.51 -14.66 57.48
C LYS A 113 7.62 -14.73 56.45
N VAL A 114 7.60 -15.81 55.70
CA VAL A 114 8.63 -16.06 54.69
C VAL A 114 8.10 -17.04 53.65
N VAL A 115 8.45 -16.73 52.41
CA VAL A 115 8.07 -17.55 51.24
C VAL A 115 9.33 -17.80 50.41
N ALA A 116 9.45 -19.04 49.93
CA ALA A 116 10.67 -19.47 49.29
C ALA A 116 10.43 -20.55 48.29
N VAL A 117 11.37 -20.63 47.37
CA VAL A 117 11.49 -21.75 46.48
C VAL A 117 12.78 -22.39 46.89
N GLU A 118 12.70 -23.60 47.47
CA GLU A 118 13.86 -24.27 47.98
C GLU A 118 14.38 -25.33 47.04
N PHE A 119 15.70 -25.46 47.02
CA PHE A 119 16.47 -26.49 46.34
C PHE A 119 17.10 -27.33 47.44
N ASP A 120 16.49 -28.46 47.76
CA ASP A 120 16.79 -29.17 49.00
C ASP A 120 17.62 -30.45 48.73
N THR A 121 18.84 -30.48 49.19
CA THR A 121 19.72 -31.60 48.91
C THR A 121 19.75 -32.61 50.00
N TRP A 122 19.05 -32.39 51.10
CA TRP A 122 19.10 -33.32 52.25
C TRP A 122 17.69 -33.68 52.72
N VAL A 123 17.43 -34.94 52.77
CA VAL A 123 16.16 -35.45 53.26
C VAL A 123 16.11 -35.46 54.74
N ASN A 124 15.34 -34.55 55.33
CA ASN A 124 15.24 -34.43 56.77
C ASN A 124 14.21 -35.38 57.36
N THR A 125 14.67 -36.21 58.26
CA THR A 125 13.85 -37.13 58.97
C THR A 125 13.01 -36.38 60.00
N GLU A 126 13.50 -35.23 60.45
CA GLU A 126 12.94 -34.50 61.62
C GLU A 126 11.57 -33.95 61.33
N TRP A 127 11.26 -33.61 60.09
CA TRP A 127 9.86 -33.27 59.69
C TRP A 127 9.39 -34.12 58.45
N LYS A 128 9.90 -35.37 58.42
CA LYS A 128 9.43 -36.45 57.53
C LYS A 128 9.20 -35.93 56.10
N GLU A 129 10.23 -35.35 55.51
CA GLU A 129 10.18 -34.82 54.13
C GLU A 129 10.06 -36.01 53.20
N PRO A 130 9.86 -35.78 51.96
CA PRO A 130 9.69 -36.96 51.09
C PRO A 130 11.03 -37.53 50.80
N ARG A 131 11.06 -38.80 50.43
CA ARG A 131 12.28 -39.59 50.41
C ARG A 131 13.10 -39.44 49.12
N TYR A 132 13.50 -38.20 48.90
CA TYR A 132 14.30 -37.85 47.76
C TYR A 132 14.62 -36.38 47.90
N ARG A 133 15.66 -35.98 47.21
CA ARG A 133 15.99 -34.60 47.13
C ARG A 133 14.94 -33.92 46.34
N HIS A 134 14.66 -32.69 46.66
CA HIS A 134 13.46 -32.12 46.03
C HIS A 134 13.60 -30.63 45.88
N ILE A 135 12.78 -30.07 44.99
CA ILE A 135 12.54 -28.67 44.87
C ILE A 135 11.09 -28.46 45.33
N GLY A 136 10.86 -27.34 46.00
CA GLY A 136 9.61 -27.11 46.68
C GLY A 136 9.30 -25.67 46.90
N ILE A 137 8.04 -25.40 47.17
CA ILE A 137 7.62 -24.05 47.51
C ILE A 137 7.24 -24.05 48.98
N ASP A 138 7.85 -23.12 49.72
CA ASP A 138 7.62 -22.97 51.16
C ASP A 138 6.85 -21.71 51.46
N VAL A 139 5.81 -21.90 52.26
CA VAL A 139 4.98 -20.79 52.73
C VAL A 139 4.87 -20.87 54.22
N ASN A 140 5.73 -20.10 54.91
CA ASN A 140 5.77 -19.97 56.34
C ASN A 140 6.08 -21.23 57.13
N SER A 141 6.71 -22.20 56.51
CA SER A 141 7.00 -23.48 57.20
C SER A 141 8.11 -24.10 56.43
N ILE A 142 8.98 -24.82 57.13
CA ILE A 142 10.01 -25.62 56.45
C ILE A 142 9.40 -26.86 55.69
N VAL A 143 8.17 -27.23 56.08
CA VAL A 143 7.41 -28.20 55.34
C VAL A 143 6.74 -27.62 54.08
N SER A 144 7.33 -27.92 52.93
CA SER A 144 6.89 -27.35 51.65
C SER A 144 5.45 -27.69 51.43
N VAL A 145 4.66 -26.73 50.97
CA VAL A 145 3.27 -26.92 50.67
C VAL A 145 3.18 -27.53 49.35
N ARG A 146 4.22 -27.44 48.53
CA ARG A 146 4.21 -28.12 47.25
C ARG A 146 5.61 -28.53 46.93
N VAL A 147 5.79 -29.75 46.45
CA VAL A 147 7.13 -30.32 46.38
C VAL A 147 7.19 -31.38 45.28
N THR A 148 8.33 -31.44 44.60
CA THR A 148 8.56 -32.35 43.52
C THR A 148 10.00 -32.86 43.57
N ARG A 149 10.17 -34.05 43.05
CA ARG A 149 11.39 -34.74 43.03
C ARG A 149 12.40 -34.02 42.17
N TRP A 150 13.61 -33.90 42.68
CA TRP A 150 14.74 -33.26 42.04
C TRP A 150 15.72 -34.35 41.78
N GLN A 151 15.99 -34.63 40.53
CA GLN A 151 16.71 -35.86 40.12
C GLN A 151 18.12 -35.73 40.57
N ASP A 152 18.64 -36.81 41.11
CA ASP A 152 20.04 -36.84 41.57
C ASP A 152 21.04 -36.63 40.41
N LYS A 153 20.74 -37.16 39.22
CA LYS A 153 21.55 -36.88 38.03
C LYS A 153 21.87 -35.36 37.95
N ASP A 154 20.81 -34.57 38.18
CA ASP A 154 20.88 -33.13 38.07
C ASP A 154 21.50 -32.44 39.31
N VAL A 155 21.21 -32.94 40.50
CA VAL A 155 21.79 -32.36 41.71
C VAL A 155 23.29 -32.38 41.56
N PHE A 156 23.85 -33.54 41.29
CA PHE A 156 25.30 -33.81 41.23
C PHE A 156 26.00 -33.47 39.90
N SER A 157 25.26 -32.91 38.96
CA SER A 157 25.76 -32.72 37.56
C SER A 157 26.85 -31.66 37.45
N ARG A 158 26.84 -30.76 38.44
CA ARG A 158 27.71 -29.62 38.41
C ARG A 158 27.56 -28.79 37.14
N SER A 159 26.34 -28.77 36.62
CA SER A 159 25.96 -27.87 35.56
C SER A 159 25.56 -26.51 36.17
N ILE A 160 25.65 -25.49 35.33
CA ILE A 160 25.06 -24.22 35.56
C ILE A 160 23.56 -24.34 35.18
N ALA A 161 22.71 -24.37 36.19
CA ALA A 161 21.30 -24.56 36.07
C ALA A 161 20.59 -23.26 36.13
N THR A 162 19.38 -23.21 35.57
CA THR A 162 18.53 -21.99 35.47
C THR A 162 17.21 -22.19 36.20
N ALA A 163 16.86 -21.20 37.00
CA ALA A 163 15.59 -21.13 37.68
C ALA A 163 14.85 -19.93 37.21
N HIS A 164 13.57 -20.08 36.96
CA HIS A 164 12.65 -18.99 36.63
C HIS A 164 11.62 -18.97 37.77
N VAL A 165 11.47 -17.90 38.49
CA VAL A 165 10.39 -17.81 39.47
C VAL A 165 9.51 -16.62 39.20
N GLY A 166 8.21 -16.83 39.23
CA GLY A 166 7.24 -15.78 38.79
C GLY A 166 5.98 -15.77 39.60
N TYR A 167 5.46 -14.58 39.83
CA TYR A 167 4.28 -14.42 40.70
C TYR A 167 3.29 -13.61 39.96
N ASP A 168 2.10 -14.19 39.74
CA ASP A 168 1.00 -13.52 39.07
C ASP A 168 0.12 -12.95 40.23
N GLY A 169 0.12 -11.62 40.31
CA GLY A 169 -0.62 -10.88 41.30
C GLY A 169 -2.12 -10.86 41.13
N ILE A 170 -2.64 -11.19 39.97
CA ILE A 170 -4.08 -11.26 39.75
C ILE A 170 -4.63 -12.60 40.20
N SER A 171 -4.03 -13.69 39.73
CA SER A 171 -4.47 -15.02 40.11
C SER A 171 -3.88 -15.54 41.41
N LYS A 172 -2.84 -14.86 41.91
CA LYS A 172 -2.23 -15.17 43.21
C LYS A 172 -1.56 -16.50 43.15
N ILE A 173 -0.65 -16.62 42.20
CA ILE A 173 0.04 -17.87 41.93
C ILE A 173 1.55 -17.68 41.84
N LEU A 174 2.28 -18.43 42.64
CA LEU A 174 3.70 -18.44 42.53
C LEU A 174 4.08 -19.68 41.77
N THR A 175 5.09 -19.58 40.92
CA THR A 175 5.49 -20.68 40.01
C THR A 175 6.97 -20.70 39.84
N ALA A 176 7.53 -21.89 39.75
CA ALA A 176 8.96 -22.05 39.50
C ALA A 176 9.15 -23.01 38.36
N PHE A 177 9.95 -22.57 37.37
CA PHE A 177 10.48 -23.47 36.34
C PHE A 177 11.95 -23.66 36.53
N VAL A 178 12.44 -24.89 36.60
CA VAL A 178 13.87 -25.08 36.72
C VAL A 178 14.36 -25.96 35.62
N THR A 179 15.46 -25.55 35.02
CA THR A 179 15.99 -26.29 33.86
C THR A 179 17.50 -26.60 33.96
N TYR A 180 17.89 -27.70 33.36
CA TYR A 180 19.26 -28.16 33.36
C TYR A 180 19.66 -28.43 31.88
N PRO A 181 20.78 -27.86 31.41
CA PRO A 181 21.27 -28.25 30.08
C PRO A 181 21.51 -29.75 29.85
N ASP A 182 20.80 -30.35 28.90
CA ASP A 182 20.71 -31.81 28.73
C ASP A 182 20.34 -32.55 29.97
N GLY A 183 19.48 -31.94 30.78
CA GLY A 183 18.99 -32.56 32.00
C GLY A 183 17.48 -32.34 32.13
N GLY A 184 17.05 -32.37 33.36
CA GLY A 184 15.68 -32.31 33.76
C GLY A 184 15.13 -30.92 33.83
N ASN A 185 13.79 -30.86 33.75
CA ASN A 185 12.98 -29.65 33.80
C ASN A 185 11.90 -29.84 34.83
N TYR A 186 11.68 -28.83 35.60
CA TYR A 186 10.87 -28.98 36.81
C TYR A 186 9.88 -27.87 36.84
N VAL A 187 8.68 -28.16 37.30
CA VAL A 187 7.58 -27.20 37.31
C VAL A 187 6.77 -27.34 38.57
N LEU A 188 6.65 -26.24 39.28
CA LEU A 188 5.86 -26.14 40.49
C LEU A 188 5.04 -24.85 40.58
N SER A 189 3.81 -24.97 41.01
CA SER A 189 2.98 -23.83 41.18
C SER A 189 2.16 -24.01 42.45
N HIS A 190 1.85 -22.85 43.01
CA HIS A 190 1.02 -22.81 44.16
C HIS A 190 0.21 -21.53 44.25
N VAL A 191 -1.07 -21.69 44.61
CA VAL A 191 -1.92 -20.52 44.94
C VAL A 191 -1.56 -19.99 46.35
N VAL A 192 -1.04 -18.75 46.39
CA VAL A 192 -0.71 -18.06 47.62
C VAL A 192 -0.75 -16.57 47.47
N ASP A 193 -1.40 -15.89 48.43
CA ASP A 193 -1.60 -14.43 48.38
C ASP A 193 -0.45 -13.73 49.11
N LEU A 194 0.57 -13.36 48.35
CA LEU A 194 1.74 -12.73 48.91
C LEU A 194 1.46 -11.34 49.50
N ALA A 195 0.57 -10.58 48.91
CA ALA A 195 0.21 -9.24 49.45
C ALA A 195 -0.44 -9.33 50.83
N GLU A 196 -1.11 -10.45 51.11
CA GLU A 196 -1.74 -10.70 52.40
C GLU A 196 -0.79 -11.15 53.50
N ILE A 197 0.20 -11.96 53.17
CA ILE A 197 1.30 -12.37 54.06
C ILE A 197 2.26 -11.20 54.39
N PHE A 198 2.62 -10.45 53.35
CA PHE A 198 3.53 -9.28 53.40
C PHE A 198 2.80 -7.94 53.09
N PRO A 199 1.98 -7.46 54.03
CA PRO A 199 1.37 -6.16 53.80
C PRO A 199 2.37 -4.98 53.70
N GLY A 200 3.59 -5.07 54.22
CA GLY A 200 4.56 -3.98 54.12
C GLY A 200 5.64 -4.21 53.10
N ASP A 201 6.86 -3.91 53.48
CA ASP A 201 8.05 -4.10 52.64
C ASP A 201 8.54 -5.54 52.66
N VAL A 202 9.32 -5.91 51.66
CA VAL A 202 10.03 -7.17 51.59
C VAL A 202 11.34 -7.04 50.81
N ARG A 203 12.19 -8.05 50.94
CA ARG A 203 13.39 -8.13 50.12
C ARG A 203 13.46 -9.48 49.56
N ILE A 204 14.06 -9.56 48.39
CA ILE A 204 14.26 -10.83 47.77
C ILE A 204 15.75 -11.14 47.80
N GLY A 205 16.05 -12.41 47.97
CA GLY A 205 17.41 -12.92 47.99
C GLY A 205 17.59 -14.42 48.16
N PHE A 206 18.80 -14.81 48.44
CA PHE A 206 19.17 -16.20 48.52
C PHE A 206 19.66 -16.57 49.96
N SER A 207 19.20 -17.73 50.46
CA SER A 207 19.66 -18.29 51.68
C SER A 207 20.20 -19.65 51.40
N GLY A 208 21.41 -19.94 51.87
CA GLY A 208 22.03 -21.26 51.77
C GLY A 208 22.46 -21.77 53.13
N ALA A 209 22.57 -23.08 53.24
CA ALA A 209 22.97 -23.61 54.54
C ALA A 209 23.67 -24.94 54.43
N THR A 210 24.60 -25.18 55.35
CA THR A 210 25.15 -26.48 55.60
C THR A 210 24.83 -26.90 57.07
N GLY A 211 24.91 -28.17 57.45
CA GLY A 211 25.14 -29.23 56.56
C GLY A 211 26.59 -29.66 56.39
N GLN A 212 26.89 -30.12 55.16
CA GLN A 212 28.16 -30.77 54.90
C GLN A 212 28.41 -30.98 53.47
N TYR A 213 29.67 -30.89 53.03
CA TYR A 213 30.15 -31.23 51.71
C TYR A 213 29.55 -30.45 50.53
N GLU A 214 29.00 -29.28 50.78
CA GLU A 214 28.21 -28.56 49.82
C GLU A 214 28.50 -27.08 49.83
N THR A 215 28.68 -26.52 48.64
CA THR A 215 28.71 -25.07 48.46
C THR A 215 27.72 -24.69 47.31
N GLN A 216 26.97 -23.62 47.53
CA GLN A 216 25.96 -23.16 46.60
C GLN A 216 26.40 -21.81 46.03
N TYR A 217 26.51 -21.75 44.71
CA TYR A 217 26.99 -20.54 43.98
C TYR A 217 25.88 -20.01 43.03
N ILE A 218 25.56 -18.74 43.12
CA ILE A 218 24.63 -18.09 42.19
C ILE A 218 25.54 -17.39 41.17
N HIS A 219 25.37 -17.66 39.87
CA HIS A 219 26.22 -17.15 38.85
C HIS A 219 25.65 -15.84 38.17
N SER A 220 24.32 -15.72 38.07
CA SER A 220 23.65 -14.58 37.42
C SER A 220 22.27 -14.40 38.03
N TRP A 221 21.70 -13.20 37.96
CA TRP A 221 20.40 -12.96 38.58
C TRP A 221 19.74 -11.71 37.99
N SER A 222 18.48 -11.84 37.52
CA SER A 222 17.68 -10.65 37.15
C SER A 222 16.30 -10.72 37.76
N PHE A 223 15.70 -9.55 37.90
CA PHE A 223 14.41 -9.42 38.57
C PHE A 223 13.64 -8.29 37.90
N SER A 224 12.35 -8.43 37.67
CA SER A 224 11.50 -7.32 37.28
C SER A 224 10.14 -7.55 37.99
N SER A 225 9.65 -6.51 38.64
CA SER A 225 8.29 -6.45 39.11
C SER A 225 7.53 -5.33 38.37
N THR A 226 6.23 -5.48 38.28
CA THR A 226 5.37 -4.43 37.69
C THR A 226 4.02 -4.47 38.38
N SER A 227 3.34 -3.34 38.28
CA SER A 227 2.10 -3.19 38.94
C SER A 227 1.04 -3.89 38.07
N THR A 228 0.00 -4.43 38.70
CA THR A 228 -1.11 -5.10 37.98
C THR A 228 -2.26 -4.10 37.78
N ASN A 229 -2.02 -3.04 36.99
CA ASN A 229 -2.95 -1.90 36.77
C ASN A 229 -2.73 -1.24 35.42
C ACE B 1 19.98 -40.78 58.10
O ACE B 1 20.52 -41.53 58.84
CH3 ACE B 1 20.56 -40.56 56.72
N GLY B 2 18.89 -40.17 58.48
CA GLY B 2 18.29 -40.21 59.85
C GLY B 2 18.27 -38.86 60.54
N VAL B 3 17.73 -38.79 61.76
CA VAL B 3 17.68 -37.55 62.56
C VAL B 3 19.06 -37.10 62.86
N THR B 4 19.38 -35.83 62.57
CA THR B 4 20.75 -35.27 62.90
C THR B 4 20.87 -34.03 63.85
N SER B 5 19.80 -33.28 64.12
CA SER B 5 19.73 -32.30 65.20
C SER B 5 18.30 -31.89 65.60
N ALA B 6 17.59 -32.76 66.29
CA ALA B 6 16.35 -32.34 67.04
C ALA B 6 16.75 -32.37 68.48
N SER C 1 1.28 -38.60 29.77
CA SER C 1 2.42 -39.45 29.28
C SER C 1 3.72 -38.58 29.22
N GLU C 2 4.81 -39.23 28.87
CA GLU C 2 6.17 -38.64 28.79
C GLU C 2 6.64 -38.48 27.40
N LEU C 3 6.95 -37.27 27.04
CA LEU C 3 7.40 -36.95 25.71
C LEU C 3 8.37 -35.81 25.82
N SER C 4 9.43 -35.85 25.01
CA SER C 4 10.28 -34.69 24.90
C SER C 4 10.90 -34.55 23.52
N PHE C 5 11.15 -33.29 23.13
CA PHE C 5 11.72 -32.97 21.81
C PHE C 5 12.45 -31.68 21.90
N ASN C 6 13.33 -31.47 20.94
CA ASN C 6 14.15 -30.28 20.91
C ASN C 6 14.49 -29.84 19.49
N TYR C 7 14.20 -28.58 19.19
CA TYR C 7 14.53 -27.92 17.93
C TYR C 7 15.32 -26.64 18.28
N PRO C 8 16.66 -26.68 18.18
CA PRO C 8 17.48 -25.50 18.52
C PRO C 8 17.28 -24.46 17.47
N ASN C 9 17.16 -24.91 16.27
CA ASN C 9 16.54 -24.15 15.20
C ASN C 9 15.61 -25.07 14.38
N PHE C 10 15.06 -24.64 13.23
CA PHE C 10 14.21 -25.53 12.40
C PHE C 10 14.87 -25.86 11.09
N GLN C 11 16.15 -26.14 11.11
CA GLN C 11 16.84 -26.55 9.91
C GLN C 11 16.31 -27.86 9.37
N SER C 12 15.94 -28.74 10.29
CA SER C 12 15.13 -29.91 10.04
C SER C 12 13.74 -29.57 10.55
N VAL C 13 12.70 -30.06 9.86
CA VAL C 13 11.35 -29.92 10.39
C VAL C 13 10.67 -31.25 10.56
N GLU C 14 11.37 -32.22 11.16
CA GLU C 14 11.10 -33.59 10.91
C GLU C 14 9.76 -33.97 11.51
N ASP C 15 9.48 -33.68 12.76
CA ASP C 15 8.13 -34.20 13.20
C ASP C 15 7.14 -33.06 13.39
N ILE C 16 7.12 -32.19 12.39
CA ILE C 16 6.23 -31.05 12.36
C ILE C 16 5.24 -31.29 11.26
N THR C 17 3.95 -31.24 11.64
CA THR C 17 2.86 -31.18 10.70
C THR C 17 2.47 -29.72 10.43
N PHE C 18 2.56 -29.33 9.16
CA PHE C 18 2.03 -28.06 8.62
C PHE C 18 0.62 -28.14 7.99
N GLN C 19 -0.23 -27.20 8.30
CA GLN C 19 -1.52 -27.09 7.71
C GLN C 19 -1.85 -25.64 7.45
N GLY C 20 -2.77 -25.43 6.52
CA GLY C 20 -3.22 -24.10 6.13
C GLY C 20 -2.11 -23.33 5.52
N GLY C 21 -1.95 -22.08 5.88
CA GLY C 21 -0.81 -21.27 5.37
C GLY C 21 0.56 -21.41 6.04
N ALA C 22 0.73 -22.32 7.00
CA ALA C 22 2.06 -22.42 7.67
C ALA C 22 3.03 -23.19 6.78
N SER C 23 4.31 -22.84 6.87
CA SER C 23 5.38 -23.54 6.13
C SER C 23 6.74 -23.28 6.77
N PRO C 24 7.76 -24.09 6.43
CA PRO C 24 9.10 -23.79 6.97
C PRO C 24 9.76 -22.75 6.11
N ARG C 25 10.60 -21.92 6.69
CA ARG C 25 11.27 -20.84 5.98
C ARG C 25 12.52 -20.33 6.70
N ASN C 26 13.67 -20.30 6.04
CA ASN C 26 14.95 -19.87 6.65
C ASN C 26 15.14 -20.40 8.05
N GLU C 27 14.99 -21.70 8.18
CA GLU C 27 15.19 -22.37 9.43
C GLU C 27 14.27 -21.92 10.57
N THR C 28 13.04 -21.50 10.23
CA THR C 28 12.01 -21.19 11.20
C THR C 28 10.66 -21.70 10.77
N LEU C 29 9.71 -21.69 11.69
CA LEU C 29 8.29 -21.92 11.35
C LEU C 29 7.56 -20.62 11.00
N GLN C 30 7.14 -20.45 9.75
CA GLN C 30 6.32 -19.33 9.30
C GLN C 30 4.87 -19.72 9.43
N LEU C 31 4.14 -19.08 10.32
CA LEU C 31 2.77 -19.56 10.65
C LEU C 31 1.69 -19.11 9.71
N THR C 32 1.88 -17.93 9.10
CA THR C 32 0.98 -17.42 8.07
C THR C 32 1.76 -17.12 6.79
N PRO C 33 1.09 -17.25 5.64
CA PRO C 33 1.85 -17.19 4.35
C PRO C 33 2.14 -15.75 3.83
N THR C 34 3.15 -15.64 2.95
CA THR C 34 3.49 -14.39 2.29
C THR C 34 3.49 -14.61 0.79
N ASP C 35 3.15 -13.58 0.04
CA ASP C 35 3.08 -13.65 -1.42
C ASP C 35 4.49 -13.62 -2.07
N SER C 36 4.55 -13.67 -3.40
CA SER C 36 5.80 -13.63 -4.14
C SER C 36 6.71 -12.47 -3.71
N ASN C 37 6.19 -11.30 -3.30
CA ASN C 37 7.00 -10.16 -2.82
C ASN C 37 7.23 -10.16 -1.34
N GLY C 38 6.99 -11.26 -0.63
CA GLY C 38 7.16 -11.26 0.83
C GLY C 38 6.10 -10.53 1.64
N ILE C 39 5.05 -10.03 1.01
CA ILE C 39 3.95 -9.31 1.71
C ILE C 39 2.97 -10.28 2.38
N PRO C 40 2.62 -10.04 3.64
CA PRO C 40 1.67 -10.95 4.32
C PRO C 40 0.31 -10.98 3.70
N ILE C 41 -0.27 -12.15 3.58
CA ILE C 41 -1.55 -12.29 2.92
C ILE C 41 -2.64 -12.16 4.01
N ARG C 42 -3.63 -11.38 3.66
CA ARG C 42 -4.79 -11.08 4.50
C ARG C 42 -5.63 -12.33 4.71
N GLN C 43 -6.28 -12.47 5.85
CA GLN C 43 -7.29 -13.56 6.09
C GLN C 43 -6.88 -15.00 5.88
N ARG C 44 -5.78 -15.36 6.47
CA ARG C 44 -5.26 -16.75 6.42
C ARG C 44 -4.95 -17.18 7.85
N ALA C 45 -4.94 -18.49 8.07
CA ALA C 45 -4.50 -19.12 9.33
C ALA C 45 -3.57 -20.27 8.98
N GLY C 46 -2.62 -20.56 9.86
CA GLY C 46 -1.73 -21.73 9.70
C GLY C 46 -1.40 -22.38 11.03
N HIS C 47 -1.17 -23.69 11.01
CA HIS C 47 -0.81 -24.46 12.17
C HIS C 47 0.51 -25.14 11.82
N ALA C 48 1.41 -25.13 12.79
CA ALA C 48 2.61 -25.96 12.82
C ALA C 48 2.56 -26.71 14.17
N VAL C 49 2.30 -28.01 14.13
CA VAL C 49 2.14 -28.83 15.36
C VAL C 49 3.17 -29.95 15.34
N TYR C 50 3.57 -30.34 16.54
CA TYR C 50 4.38 -31.50 16.73
C TYR C 50 3.49 -32.68 16.50
N SER C 51 3.88 -33.59 15.62
CA SER C 51 2.92 -34.61 15.09
C SER C 51 2.55 -35.74 16.00
N GLN C 52 3.39 -36.05 16.98
CA GLN C 52 3.13 -37.13 17.99
C GLN C 52 2.17 -36.69 19.05
N PRO C 53 1.08 -37.41 19.20
CA PRO C 53 0.15 -37.08 20.28
C PRO C 53 0.70 -37.49 21.61
N PHE C 54 0.14 -36.98 22.69
CA PHE C 54 0.47 -37.41 24.07
C PHE C 54 -0.75 -37.25 24.99
N GLN C 55 -0.69 -37.74 26.24
CA GLN C 55 -1.84 -37.62 27.18
C GLN C 55 -1.46 -36.71 28.33
N LEU C 56 -2.46 -36.16 28.99
CA LEU C 56 -2.30 -35.20 30.02
C LEU C 56 -2.71 -35.79 31.35
N ARG C 57 -3.21 -37.02 31.46
CA ARG C 57 -3.55 -37.49 32.78
C ARG C 57 -2.25 -37.62 33.66
N ASP C 58 -2.29 -37.12 34.89
CA ASP C 58 -1.18 -37.22 35.74
C ASP C 58 0.12 -36.78 35.08
N THR C 59 0.08 -35.58 34.52
CA THR C 59 1.19 -35.04 33.74
C THR C 59 1.52 -33.58 34.04
N SER C 60 2.79 -33.28 34.08
CA SER C 60 3.32 -31.91 34.04
C SER C 60 4.06 -31.72 32.73
N PHE C 61 4.17 -30.50 32.27
CA PHE C 61 5.06 -30.21 31.19
C PHE C 61 5.68 -28.84 31.27
N TYR C 62 6.81 -28.70 30.58
CA TYR C 62 7.44 -27.43 30.38
C TYR C 62 7.77 -27.34 28.94
N THR C 63 7.57 -26.16 28.34
CA THR C 63 7.98 -25.93 26.96
C THR C 63 8.46 -24.50 26.85
N THR C 64 9.39 -24.27 25.96
CA THR C 64 9.94 -22.94 25.71
C THR C 64 10.19 -22.86 24.25
N PHE C 65 10.11 -21.63 23.74
CA PHE C 65 10.29 -21.33 22.32
C PHE C 65 10.71 -19.91 22.14
N THR C 66 11.39 -19.65 21.02
CA THR C 66 11.74 -18.28 20.64
C THR C 66 10.90 -17.89 19.41
N PHE C 67 10.57 -16.60 19.32
CA PHE C 67 9.71 -16.11 18.31
C PHE C 67 9.97 -14.70 17.92
N VAL C 68 9.59 -14.38 16.69
CA VAL C 68 9.67 -13.04 16.16
C VAL C 68 8.32 -12.70 15.54
N ILE C 69 7.81 -11.51 15.83
CA ILE C 69 6.68 -10.96 15.09
C ILE C 69 7.28 -9.94 14.13
N ARG C 70 7.00 -10.08 12.83
CA ARG C 70 7.44 -9.13 11.82
C ARG C 70 6.27 -8.34 11.32
N THR C 71 6.30 -7.03 11.50
CA THR C 71 5.18 -6.20 11.09
C THR C 71 5.59 -5.32 9.92
N THR C 72 4.68 -5.10 8.97
CA THR C 72 4.92 -4.22 7.84
C THR C 72 4.16 -2.91 7.95
N SER C 73 3.31 -2.70 8.98
CA SER C 73 2.83 -1.33 9.33
C SER C 73 2.09 -1.25 10.71
N ASN C 74 1.49 -0.08 11.00
CA ASN C 74 0.77 0.32 12.23
C ASN C 74 -0.10 -0.66 12.92
N SER C 75 -0.90 -1.43 12.17
CA SER C 75 -2.09 -2.06 12.76
C SER C 75 -2.14 -3.54 12.44
N PRO C 76 -1.10 -4.25 12.85
CA PRO C 76 -1.01 -5.63 12.52
C PRO C 76 -2.02 -6.50 13.22
N ALA C 77 -2.32 -7.61 12.55
CA ALA C 77 -3.32 -8.55 13.06
C ALA C 77 -2.99 -9.90 12.55
N ASP C 78 -3.30 -11.00 13.27
CA ASP C 78 -4.03 -11.00 14.54
C ASP C 78 -3.20 -11.52 15.75
N GLY C 79 -2.02 -12.10 15.47
CA GLY C 79 -1.20 -12.75 16.41
C GLY C 79 -1.05 -14.22 16.18
N PHE C 80 -0.63 -14.92 17.20
CA PHE C 80 -0.50 -16.37 17.20
C PHE C 80 -0.63 -16.90 18.65
N ALA C 81 -0.64 -18.24 18.77
CA ALA C 81 -0.83 -18.93 20.02
C ALA C 81 -0.17 -20.27 20.06
N ILE C 82 0.28 -20.65 21.27
CA ILE C 82 0.69 -22.01 21.49
C ILE C 82 -0.54 -22.66 22.07
N PHE C 83 -0.91 -23.80 21.50
CA PHE C 83 -2.12 -24.44 21.86
C PHE C 83 -2.06 -25.94 21.98
N ILE C 84 -3.00 -26.47 22.76
CA ILE C 84 -3.19 -27.87 22.99
C ILE C 84 -4.61 -28.17 22.58
N ALA C 85 -4.81 -29.23 21.80
CA ALA C 85 -6.11 -29.66 21.33
C ALA C 85 -6.08 -31.09 20.88
N PRO C 86 -7.26 -31.70 20.60
CA PRO C 86 -7.16 -33.08 20.10
C PRO C 86 -6.37 -33.28 18.79
N PRO C 87 -5.94 -34.52 18.54
CA PRO C 87 -5.08 -34.74 17.33
C PRO C 87 -5.72 -34.40 15.98
N ASP C 88 -7.03 -34.49 15.91
CA ASP C 88 -7.81 -34.24 14.64
C ASP C 88 -8.30 -32.78 14.53
N PHE C 89 -7.65 -31.85 15.15
CA PHE C 89 -8.15 -30.49 15.21
C PHE C 89 -7.81 -29.82 13.88
N PRO C 90 -8.82 -29.27 13.23
CA PRO C 90 -8.52 -28.55 12.01
C PRO C 90 -8.01 -27.13 12.16
N VAL C 91 -7.47 -26.56 11.10
CA VAL C 91 -7.25 -25.11 11.06
C VAL C 91 -8.60 -24.45 11.12
N LYS C 92 -8.90 -23.59 12.07
CA LYS C 92 -10.21 -22.95 12.11
C LYS C 92 -10.12 -21.51 11.55
N ARG C 93 -11.01 -20.61 11.96
CA ARG C 93 -11.16 -19.37 11.26
C ARG C 93 -9.98 -18.48 11.41
N TYR C 94 -9.57 -17.91 10.28
CA TYR C 94 -8.62 -16.79 10.27
C TYR C 94 -9.04 -15.56 11.12
N GLY C 95 -8.26 -14.49 11.09
CA GLY C 95 -8.62 -13.28 11.79
C GLY C 95 -8.36 -13.43 13.28
N GLY C 96 -9.21 -12.79 14.07
CA GLY C 96 -9.08 -12.73 15.52
C GLY C 96 -9.38 -14.01 16.28
N TYR C 97 -10.00 -14.91 15.57
CA TYR C 97 -10.16 -16.27 16.05
C TYR C 97 -8.83 -17.06 16.13
N LEU C 98 -7.77 -16.53 15.53
CA LEU C 98 -6.41 -17.07 15.62
C LEU C 98 -6.24 -18.50 15.10
N GLY C 99 -7.10 -18.90 14.22
CA GLY C 99 -7.06 -20.26 13.73
C GLY C 99 -7.55 -21.31 14.70
N LEU C 100 -8.09 -20.92 15.85
CA LEU C 100 -8.52 -21.83 16.89
C LEU C 100 -10.03 -21.93 17.19
N PHE C 101 -10.83 -21.04 16.58
CA PHE C 101 -12.27 -21.04 16.79
C PHE C 101 -13.10 -20.70 15.51
N GLU C 102 -14.37 -21.06 15.61
CA GLU C 102 -15.35 -20.80 14.58
C GLU C 102 -16.30 -19.71 15.10
N PRO C 103 -16.73 -18.77 14.25
CA PRO C 103 -17.53 -17.60 14.70
C PRO C 103 -18.74 -17.91 15.55
N ASN C 104 -19.59 -18.81 15.08
CA ASN C 104 -20.72 -19.32 15.86
C ASN C 104 -20.59 -19.61 17.38
N THR C 105 -19.47 -20.24 17.70
CA THR C 105 -19.29 -20.92 18.93
C THR C 105 -18.07 -20.36 19.71
N ALA C 106 -17.41 -19.31 19.22
CA ALA C 106 -16.08 -18.91 19.68
C ALA C 106 -15.97 -18.44 21.16
N THR C 107 -17.10 -18.02 21.74
CA THR C 107 -17.12 -17.67 23.16
C THR C 107 -17.88 -18.68 23.99
N ASN C 108 -18.36 -19.78 23.44
CA ASN C 108 -19.13 -20.80 24.18
C ASN C 108 -18.15 -21.91 24.65
N THR C 109 -17.85 -21.91 25.95
CA THR C 109 -16.83 -22.84 26.50
C THR C 109 -17.29 -24.30 26.42
N SER C 110 -18.60 -24.55 26.35
CA SER C 110 -19.05 -25.93 26.19
C SER C 110 -19.08 -26.43 24.71
N ALA C 111 -18.73 -25.62 23.72
CA ALA C 111 -18.57 -26.05 22.35
C ALA C 111 -17.10 -26.14 21.85
N ASN C 112 -16.14 -25.95 22.73
CA ASN C 112 -14.78 -26.02 22.33
C ASN C 112 -13.97 -26.94 23.26
N LYS C 113 -12.87 -27.43 22.73
CA LYS C 113 -11.91 -28.14 23.52
C LYS C 113 -10.54 -27.72 23.02
N VAL C 114 -10.02 -26.64 23.55
CA VAL C 114 -8.73 -26.16 23.16
C VAL C 114 -8.26 -25.17 24.19
N VAL C 115 -6.97 -25.23 24.55
CA VAL C 115 -6.34 -24.34 25.51
C VAL C 115 -5.12 -23.74 24.88
N ALA C 116 -4.89 -22.46 25.10
CA ALA C 116 -3.84 -21.78 24.40
C ALA C 116 -3.24 -20.68 25.20
N VAL C 117 -2.00 -20.33 24.82
CA VAL C 117 -1.38 -19.08 25.29
C VAL C 117 -1.24 -18.20 24.04
N GLU C 118 -1.99 -17.11 24.04
CA GLU C 118 -2.06 -16.21 22.90
C GLU C 118 -1.20 -14.99 23.04
N PHE C 119 -0.65 -14.60 21.92
CA PHE C 119 0.07 -13.36 21.73
C PHE C 119 -0.77 -12.58 20.70
N ASP C 120 -1.53 -11.58 21.17
CA ASP C 120 -2.64 -11.04 20.41
C ASP C 120 -2.31 -9.62 20.00
N THR C 121 -2.16 -9.37 18.72
CA THR C 121 -1.73 -8.06 18.21
C THR C 121 -2.84 -7.11 17.81
N TRP C 122 -4.06 -7.63 17.82
CA TRP C 122 -5.25 -6.90 17.34
C TRP C 122 -6.38 -6.92 18.36
N VAL C 123 -6.74 -5.74 18.79
CA VAL C 123 -7.89 -5.53 19.67
C VAL C 123 -9.16 -5.75 18.87
N ASN C 124 -9.88 -6.80 19.23
CA ASN C 124 -11.15 -7.10 18.63
C ASN C 124 -12.33 -6.44 19.31
N THR C 125 -13.01 -5.64 18.53
CA THR C 125 -14.24 -5.04 18.97
C THR C 125 -15.42 -6.05 19.07
N GLU C 126 -15.30 -7.14 18.35
CA GLU C 126 -16.36 -8.09 18.31
C GLU C 126 -16.67 -8.85 19.60
N TRP C 127 -15.72 -9.07 20.49
CA TRP C 127 -15.97 -9.67 21.82
C TRP C 127 -15.27 -8.81 22.91
N LYS C 128 -15.24 -7.51 22.59
CA LYS C 128 -14.88 -6.45 23.56
C LYS C 128 -13.64 -6.73 24.35
N GLU C 129 -12.53 -7.06 23.65
CA GLU C 129 -11.26 -7.41 24.28
C GLU C 129 -10.76 -6.16 24.99
N PRO C 130 -9.85 -6.30 25.95
CA PRO C 130 -9.26 -5.10 26.57
C PRO C 130 -8.51 -4.21 25.55
N ARG C 131 -8.40 -2.93 25.87
CA ARG C 131 -8.01 -1.91 24.88
C ARG C 131 -6.52 -1.71 24.69
N TYR C 132 -5.87 -2.84 24.40
CA TYR C 132 -4.41 -2.92 24.25
C TYR C 132 -4.13 -4.29 23.74
N ARG C 133 -3.02 -4.43 23.05
CA ARG C 133 -2.50 -5.69 22.66
C ARG C 133 -2.10 -6.45 23.90
N HIS C 134 -2.21 -7.75 23.87
CA HIS C 134 -2.16 -8.50 25.10
C HIS C 134 -1.68 -9.92 24.88
N ILE C 135 -1.13 -10.50 25.96
CA ILE C 135 -0.86 -11.93 26.08
C ILE C 135 -1.93 -12.45 27.02
N GLY C 136 -2.45 -13.65 26.71
CA GLY C 136 -3.55 -14.20 27.42
C GLY C 136 -3.51 -15.72 27.44
N ILE C 137 -4.25 -16.25 28.41
CA ILE C 137 -4.54 -17.69 28.53
C ILE C 137 -5.98 -17.97 28.16
N ASP C 138 -6.16 -18.83 27.17
CA ASP C 138 -7.48 -19.18 26.62
C ASP C 138 -7.87 -20.62 27.05
N VAL C 139 -9.12 -20.76 27.50
CA VAL C 139 -9.68 -22.04 27.89
C VAL C 139 -11.08 -22.13 27.30
N ASN C 140 -11.09 -22.76 26.15
CA ASN C 140 -12.28 -23.03 25.40
C ASN C 140 -13.07 -21.84 24.91
N SER C 141 -12.43 -20.70 24.75
CA SER C 141 -13.11 -19.48 24.31
C SER C 141 -12.00 -18.58 23.78
N ILE C 142 -12.30 -17.81 22.76
CA ILE C 142 -11.40 -16.75 22.32
C ILE C 142 -11.33 -15.56 23.31
N VAL C 143 -12.30 -15.47 24.24
CA VAL C 143 -12.22 -14.55 25.39
C VAL C 143 -11.31 -15.18 26.48
N SER C 144 -10.10 -14.65 26.54
CA SER C 144 -9.09 -15.09 27.54
C SER C 144 -9.62 -15.04 28.98
N VAL C 145 -9.44 -16.10 29.72
CA VAL C 145 -9.82 -16.13 31.11
C VAL C 145 -8.77 -15.43 32.04
N ARG C 146 -7.57 -15.21 31.51
CA ARG C 146 -6.61 -14.36 32.14
C ARG C 146 -5.79 -13.64 31.04
N VAL C 147 -5.57 -12.35 31.22
CA VAL C 147 -5.01 -11.54 30.17
C VAL C 147 -4.22 -10.36 30.79
N THR C 148 -3.09 -10.04 30.16
CA THR C 148 -2.26 -8.98 30.59
C THR C 148 -1.77 -8.18 29.39
N ARG C 149 -1.49 -6.91 29.64
CA ARG C 149 -1.04 -5.97 28.66
C ARG C 149 0.31 -6.37 28.15
N TRP C 150 0.45 -6.33 26.84
CA TRP C 150 1.64 -6.64 26.12
C TRP C 150 2.11 -5.30 25.59
N GLN C 151 3.25 -4.79 26.06
CA GLN C 151 3.67 -3.47 25.70
C GLN C 151 3.88 -3.38 24.20
N ASP C 152 3.49 -2.26 23.58
CA ASP C 152 3.76 -2.04 22.17
C ASP C 152 5.26 -1.93 21.81
N LYS C 153 6.07 -1.36 22.73
CA LYS C 153 7.50 -1.32 22.57
C LYS C 153 8.00 -2.71 22.13
N ASP C 154 7.45 -3.74 22.77
CA ASP C 154 7.89 -5.11 22.60
C ASP C 154 7.28 -5.82 21.42
N VAL C 155 6.03 -5.59 21.16
CA VAL C 155 5.34 -6.12 19.99
C VAL C 155 6.13 -5.70 18.77
N PHE C 156 6.43 -4.42 18.67
CA PHE C 156 7.06 -3.92 17.46
C PHE C 156 8.61 -3.96 17.44
N SER C 157 9.22 -4.47 18.51
CA SER C 157 10.68 -4.44 18.65
C SER C 157 11.42 -5.29 17.60
N ARG C 158 10.76 -6.29 17.05
CA ARG C 158 11.38 -7.26 16.13
C ARG C 158 12.57 -7.96 16.74
N SER C 159 12.50 -8.18 18.06
CA SER C 159 13.48 -8.96 18.80
C SER C 159 13.08 -10.41 18.73
N ILE C 160 14.04 -11.28 18.96
CA ILE C 160 13.78 -12.69 19.23
C ILE C 160 13.40 -12.76 20.72
N ALA C 161 12.13 -13.06 20.96
CA ALA C 161 11.55 -13.13 22.26
C ALA C 161 11.38 -14.58 22.66
N THR C 162 11.36 -14.80 23.98
CA THR C 162 11.28 -16.13 24.63
C THR C 162 10.02 -16.25 25.47
N ALA C 163 9.39 -17.41 25.26
CA ALA C 163 8.23 -17.85 26.01
C ALA C 163 8.55 -19.14 26.73
N HIS C 164 8.10 -19.19 27.97
CA HIS C 164 8.18 -20.38 28.78
C HIS C 164 6.71 -20.69 29.09
N VAL C 165 6.29 -21.90 28.85
CA VAL C 165 4.98 -22.28 29.28
C VAL C 165 5.15 -23.54 30.04
N GLY C 166 4.42 -23.60 31.14
CA GLY C 166 4.46 -24.78 31.99
C GLY C 166 3.12 -25.12 32.62
N TYR C 167 2.92 -26.41 32.89
CA TYR C 167 1.72 -26.92 33.52
C TYR C 167 2.09 -27.83 34.65
N ASP C 168 1.65 -27.49 35.83
CA ASP C 168 1.87 -28.27 37.03
C ASP C 168 0.66 -29.15 37.21
N GLY C 169 0.83 -30.45 37.05
CA GLY C 169 -0.28 -31.39 37.07
C GLY C 169 -0.86 -31.69 38.42
N ILE C 170 -0.13 -31.35 39.51
CA ILE C 170 -0.63 -31.56 40.86
C ILE C 170 -1.55 -30.40 41.27
N SER C 171 -1.10 -29.18 41.10
CA SER C 171 -1.88 -28.03 41.53
C SER C 171 -2.83 -27.56 40.43
N LYS C 172 -2.63 -28.04 39.21
CA LYS C 172 -3.54 -27.76 38.08
C LYS C 172 -3.40 -26.32 37.64
N ILE C 173 -2.17 -25.91 37.38
CA ILE C 173 -1.87 -24.54 37.03
C ILE C 173 -1.08 -24.48 35.71
N LEU C 174 -1.62 -23.72 34.78
CA LEU C 174 -0.89 -23.32 33.59
C LEU C 174 -0.28 -21.91 33.80
N THR C 175 0.98 -21.79 33.41
CA THR C 175 1.71 -20.57 33.57
C THR C 175 2.45 -20.25 32.27
N ALA C 176 2.54 -18.97 31.99
CA ALA C 176 3.43 -18.48 30.96
C ALA C 176 4.31 -17.36 31.43
N PHE C 177 5.59 -17.47 31.20
CA PHE C 177 6.53 -16.36 31.38
C PHE C 177 6.95 -15.90 29.96
N VAL C 178 6.89 -14.60 29.69
CA VAL C 178 7.44 -14.13 28.43
C VAL C 178 8.48 -13.08 28.65
N THR C 179 9.58 -13.17 27.92
CA THR C 179 10.68 -12.19 28.10
C THR C 179 11.25 -11.67 26.82
N TYR C 180 11.71 -10.45 26.85
CA TYR C 180 12.23 -9.74 25.70
C TYR C 180 13.57 -9.20 26.09
N PRO C 181 14.61 -9.44 25.27
CA PRO C 181 15.99 -8.87 25.57
C PRO C 181 15.96 -7.37 25.68
N ASP C 182 16.36 -6.81 26.83
CA ASP C 182 16.19 -5.35 27.18
C ASP C 182 14.73 -4.87 26.91
N GLY C 183 13.78 -5.69 27.27
CA GLY C 183 12.43 -5.27 27.17
C GLY C 183 11.69 -5.79 28.35
N GLY C 184 10.41 -5.98 28.16
CA GLY C 184 9.50 -6.38 29.21
C GLY C 184 9.44 -7.87 29.48
N ASN C 185 8.92 -8.14 30.68
CA ASN C 185 8.70 -9.48 31.18
C ASN C 185 7.20 -9.68 31.59
N TYR C 186 6.64 -10.79 31.21
CA TYR C 186 5.23 -11.00 31.42
C TYR C 186 4.98 -12.31 32.13
N VAL C 187 4.04 -12.28 33.09
CA VAL C 187 3.73 -13.44 33.87
C VAL C 187 2.26 -13.60 33.98
N LEU C 188 1.77 -14.77 33.59
CA LEU C 188 0.39 -15.18 33.70
C LEU C 188 0.25 -16.60 34.25
N SER C 189 -0.74 -16.78 35.12
CA SER C 189 -1.04 -18.12 35.65
C SER C 189 -2.52 -18.31 35.76
N HIS C 190 -2.97 -19.53 35.54
CA HIS C 190 -4.40 -19.83 35.69
C HIS C 190 -4.63 -21.26 36.17
N VAL C 191 -5.56 -21.41 37.10
CA VAL C 191 -5.98 -22.71 37.60
C VAL C 191 -6.93 -23.26 36.54
N VAL C 192 -6.54 -24.41 35.95
CA VAL C 192 -7.31 -25.16 34.98
C VAL C 192 -6.91 -26.66 34.94
N ASP C 193 -7.89 -27.57 35.01
CA ASP C 193 -7.63 -29.02 35.00
C ASP C 193 -7.55 -29.56 33.57
N LEU C 194 -6.37 -29.60 32.96
CA LEU C 194 -6.22 -30.01 31.58
C LEU C 194 -6.59 -31.51 31.36
N ALA C 195 -6.35 -32.33 32.39
CA ALA C 195 -6.74 -33.74 32.26
C ALA C 195 -8.27 -33.94 32.08
N GLU C 196 -9.02 -33.05 32.70
CA GLU C 196 -10.45 -33.11 32.67
C GLU C 196 -11.03 -32.58 31.34
N ILE C 197 -10.44 -31.51 30.79
CA ILE C 197 -10.75 -31.04 29.48
C ILE C 197 -10.40 -32.02 28.34
N PHE C 198 -9.18 -32.55 28.39
CA PHE C 198 -8.65 -33.51 27.42
C PHE C 198 -8.44 -34.91 28.02
N PRO C 199 -9.51 -35.69 28.20
CA PRO C 199 -9.34 -37.04 28.73
C PRO C 199 -8.60 -37.97 27.81
N GLY C 200 -8.38 -37.62 26.56
CA GLY C 200 -7.71 -38.53 25.63
C GLY C 200 -6.40 -37.97 25.19
N ASP C 201 -6.09 -38.13 23.91
CA ASP C 201 -4.85 -37.64 23.28
C ASP C 201 -4.96 -36.17 23.04
N VAL C 202 -3.81 -35.53 22.91
CA VAL C 202 -3.65 -34.15 22.46
C VAL C 202 -2.37 -33.95 21.64
N ARG C 203 -2.28 -32.81 20.94
CA ARG C 203 -1.06 -32.36 20.31
C ARG C 203 -0.81 -30.99 20.71
N ILE C 204 0.45 -30.62 20.70
CA ILE C 204 0.85 -29.27 21.04
C ILE C 204 1.51 -28.65 19.78
N GLY C 205 1.37 -27.32 19.67
CA GLY C 205 1.76 -26.64 18.45
C GLY C 205 1.35 -25.18 18.39
N PHE C 206 1.57 -24.60 17.22
CA PHE C 206 1.35 -23.16 17.05
C PHE C 206 0.27 -22.89 15.98
N SER C 207 -0.58 -21.89 16.24
CA SER C 207 -1.53 -21.40 15.33
C SER C 207 -1.34 -19.92 15.17
N GLY C 208 -1.24 -19.46 13.92
CA GLY C 208 -1.13 -18.07 13.59
C GLY C 208 -2.25 -17.67 12.63
N ALA C 209 -2.58 -16.36 12.63
CA ALA C 209 -3.61 -15.88 11.76
C ALA C 209 -3.45 -14.43 11.40
N THR C 210 -3.90 -14.09 10.21
CA THR C 210 -4.09 -12.76 9.74
C THR C 210 -5.55 -12.62 9.41
N GLY C 211 -6.07 -11.42 9.28
CA GLY C 211 -5.39 -10.17 9.64
C GLY C 211 -4.66 -9.51 8.46
N GLN C 212 -3.58 -8.85 8.81
CA GLN C 212 -2.90 -7.92 7.92
C GLN C 212 -1.56 -7.50 8.52
N TYR C 213 -0.63 -7.23 7.60
CA TYR C 213 0.69 -6.66 7.88
C TYR C 213 1.61 -7.42 8.86
N GLU C 214 1.37 -8.71 9.05
CA GLU C 214 1.99 -9.47 10.10
C GLU C 214 2.37 -10.85 9.64
N THR C 215 3.58 -11.26 10.04
CA THR C 215 4.01 -12.62 9.90
C THR C 215 4.65 -13.07 11.21
N GLN C 216 4.30 -14.27 11.65
CA GLN C 216 4.77 -14.78 12.94
C GLN C 216 5.73 -15.92 12.69
N TYR C 217 6.94 -15.87 13.26
CA TYR C 217 7.96 -16.86 13.02
C TYR C 217 8.38 -17.49 14.34
N ILE C 218 8.49 -18.84 14.40
CA ILE C 218 9.04 -19.53 15.58
C ILE C 218 10.45 -19.95 15.20
N HIS C 219 11.43 -19.57 16.02
CA HIS C 219 12.91 -19.74 15.76
C HIS C 219 13.51 -20.98 16.42
N SER C 220 12.97 -21.38 17.55
CA SER C 220 13.41 -22.54 18.34
C SER C 220 12.25 -23.10 19.23
N TRP C 221 12.34 -24.36 19.66
CA TRP C 221 11.27 -24.94 20.45
C TRP C 221 11.76 -26.19 21.17
N SER C 222 11.49 -26.27 22.46
CA SER C 222 11.66 -27.55 23.17
C SER C 222 10.50 -27.79 24.14
N PHE C 223 10.36 -29.07 24.47
CA PHE C 223 9.22 -29.55 25.22
C PHE C 223 9.67 -30.75 26.02
N SER C 224 9.20 -30.87 27.28
CA SER C 224 9.39 -32.06 28.12
C SER C 224 8.18 -32.19 28.96
N SER C 225 7.61 -33.38 28.98
CA SER C 225 6.52 -33.77 29.88
C SER C 225 7.00 -34.90 30.70
N THR C 226 6.48 -34.98 31.91
CA THR C 226 6.79 -36.10 32.81
C THR C 226 5.54 -36.43 33.63
N SER C 227 5.53 -37.65 34.13
CA SER C 227 4.46 -38.12 34.98
C SER C 227 4.58 -37.50 36.39
N THR C 228 3.44 -37.26 37.06
CA THR C 228 3.45 -36.74 38.41
C THR C 228 3.26 -37.92 39.33
N ASN C 229 4.27 -38.82 39.38
CA ASN C 229 4.28 -40.09 40.19
C ASN C 229 5.71 -40.46 40.52
C ACE D 1 -11.58 -0.34 14.47
O ACE D 1 -12.14 0.48 13.75
CH3 ACE D 1 -10.09 -0.36 14.53
N GLY D 2 -12.25 -1.24 15.18
CA GLY D 2 -13.77 -1.43 15.07
C GLY D 2 -14.07 -2.83 14.60
N VAL D 3 -15.35 -3.20 14.51
CA VAL D 3 -15.78 -4.50 13.94
C VAL D 3 -15.15 -4.68 12.57
N THR D 4 -14.49 -5.81 12.33
CA THR D 4 -14.00 -6.09 10.97
C THR D 4 -14.65 -7.30 10.20
N SER D 5 -15.29 -8.21 10.97
CA SER D 5 -15.87 -9.50 10.56
C SER D 5 -17.17 -9.90 11.28
N ALA D 6 -18.18 -10.11 10.40
CA ALA D 6 -19.58 -10.60 10.76
C ALA D 6 -20.30 -9.62 11.83
N SER E 1 1.82 68.84 -21.44
CA SER E 1 1.20 69.90 -22.27
C SER E 1 -0.26 69.57 -22.58
N GLU E 2 -0.94 70.51 -23.24
CA GLU E 2 -2.36 70.37 -23.59
C GLU E 2 -2.59 70.00 -25.06
N LEU E 3 -3.34 68.93 -25.27
CA LEU E 3 -3.68 68.50 -26.61
C LEU E 3 -5.04 67.81 -26.58
N SER E 4 -5.84 68.03 -27.61
CA SER E 4 -7.03 67.22 -27.73
C SER E 4 -7.36 67.01 -29.17
N PHE E 5 -7.96 65.85 -29.48
CA PHE E 5 -8.42 65.49 -30.84
C PHE E 5 -9.62 64.56 -30.76
N ASN E 6 -10.33 64.47 -31.87
CA ASN E 6 -11.54 63.67 -31.92
C ASN E 6 -11.75 63.03 -33.30
N TYR E 7 -11.87 61.71 -33.33
CA TYR E 7 -12.25 60.98 -34.53
C TYR E 7 -13.50 60.16 -34.18
N PRO E 8 -14.72 60.68 -34.47
CA PRO E 8 -15.97 59.92 -34.24
C PRO E 8 -16.04 58.66 -35.07
N ASN E 9 -15.52 58.73 -36.30
CA ASN E 9 -15.06 57.58 -37.08
C ASN E 9 -13.73 58.00 -37.74
N PHE E 10 -13.16 57.18 -38.62
CA PHE E 10 -11.91 57.56 -39.34
C PHE E 10 -12.17 57.76 -40.82
N GLN E 11 -13.22 58.48 -41.16
CA GLN E 11 -13.53 58.80 -42.57
C GLN E 11 -12.42 59.66 -43.14
N SER E 12 -11.95 60.58 -42.31
CA SER E 12 -10.71 61.30 -42.52
C SER E 12 -9.68 60.62 -41.60
N VAL E 13 -8.43 60.56 -42.06
CA VAL E 13 -7.30 60.08 -41.22
C VAL E 13 -6.15 61.08 -41.17
N GLU E 14 -6.54 62.34 -40.94
CA GLU E 14 -5.70 63.44 -41.35
C GLU E 14 -4.41 63.45 -40.48
N ASP E 15 -4.52 63.40 -39.15
CA ASP E 15 -3.29 63.52 -38.38
C ASP E 15 -2.88 62.17 -37.82
N ILE E 16 -3.00 61.14 -38.65
CA ILE E 16 -2.60 59.80 -38.25
C ILE E 16 -1.40 59.43 -39.10
N THR E 17 -0.33 58.98 -38.45
CA THR E 17 0.84 58.41 -39.13
C THR E 17 0.71 56.88 -39.10
N PHE E 18 0.69 56.27 -40.29
CA PHE E 18 0.73 54.82 -40.46
C PHE E 18 2.15 54.32 -40.74
N GLN E 19 2.50 53.19 -40.13
CA GLN E 19 3.80 52.53 -40.35
C GLN E 19 3.63 51.04 -40.36
N GLY E 20 4.54 50.33 -41.00
CA GLY E 20 4.48 48.88 -41.05
C GLY E 20 3.23 48.47 -41.78
N GLY E 21 2.53 47.47 -41.26
CA GLY E 21 1.30 46.97 -41.89
C GLY E 21 -0.03 47.69 -41.63
N ALA E 22 -0.01 48.76 -40.86
CA ALA E 22 -1.24 49.47 -40.56
C ALA E 22 -1.67 50.32 -41.72
N SER E 23 -2.99 50.45 -41.89
CA SER E 23 -3.59 51.28 -42.93
C SER E 23 -5.06 51.62 -42.62
N PRO E 24 -5.62 52.63 -43.30
CA PRO E 24 -7.05 52.91 -43.10
C PRO E 24 -7.88 51.99 -43.96
N ARG E 25 -9.10 51.75 -43.51
CA ARG E 25 -9.98 50.80 -44.19
C ARG E 25 -11.41 50.93 -43.67
N ASN E 26 -12.35 51.12 -44.58
CA ASN E 26 -13.80 51.26 -44.23
C ASN E 26 -13.99 52.10 -42.97
N GLU E 27 -13.40 53.28 -43.02
CA GLU E 27 -13.56 54.28 -41.97
C GLU E 27 -13.13 53.74 -40.60
N THR E 28 -12.05 52.95 -40.61
CA THR E 28 -11.38 52.49 -39.39
C THR E 28 -9.85 52.45 -39.55
N LEU E 29 -9.13 52.24 -38.46
CA LEU E 29 -7.71 51.92 -38.50
C LEU E 29 -7.51 50.40 -38.46
N GLN E 30 -7.01 49.82 -39.55
CA GLN E 30 -6.62 48.42 -39.59
C GLN E 30 -5.17 48.36 -39.20
N LEU E 31 -4.88 47.74 -38.07
CA LEU E 31 -3.53 47.76 -37.50
C LEU E 31 -2.56 46.73 -38.07
N THR E 32 -3.08 45.61 -38.59
CA THR E 32 -2.29 44.56 -39.26
C THR E 32 -2.88 44.24 -40.63
N PRO E 33 -2.02 43.96 -41.60
CA PRO E 33 -2.50 43.86 -42.98
C PRO E 33 -3.26 42.55 -43.29
N THR E 34 -4.03 42.59 -44.38
CA THR E 34 -4.72 41.45 -44.95
C THR E 34 -4.32 41.27 -46.44
N ASP E 35 -4.26 40.03 -46.92
CA ASP E 35 -3.91 39.76 -48.32
C ASP E 35 -5.10 40.05 -49.24
N SER E 36 -4.88 39.77 -50.53
CA SER E 36 -5.91 39.96 -51.53
C SER E 36 -7.32 39.34 -51.20
N ASN E 37 -7.37 38.21 -50.51
CA ASN E 37 -8.65 37.61 -50.12
C ASN E 37 -9.20 38.09 -48.78
N GLY E 38 -8.62 39.13 -48.17
CA GLY E 38 -9.01 39.51 -46.78
C GLY E 38 -8.48 38.65 -45.60
N ILE E 39 -7.61 37.69 -45.92
CA ILE E 39 -6.99 36.82 -44.92
C ILE E 39 -5.81 37.52 -44.18
N PRO E 40 -5.86 37.55 -42.84
CA PRO E 40 -4.77 38.21 -42.07
C PRO E 40 -3.42 37.65 -42.43
N ILE E 41 -2.38 38.47 -42.48
CA ILE E 41 -1.04 37.99 -42.86
C ILE E 41 -0.24 37.72 -41.60
N ARG E 42 0.42 36.55 -41.58
CA ARG E 42 1.21 36.08 -40.43
C ARG E 42 2.45 36.97 -40.22
N GLN E 43 2.88 37.11 -38.97
CA GLN E 43 4.13 37.81 -38.59
C GLN E 43 4.32 39.24 -39.10
N ARG E 44 3.33 40.07 -38.80
CA ARG E 44 3.35 41.50 -39.17
C ARG E 44 2.97 42.34 -37.98
N ALA E 45 3.46 43.57 -37.98
CA ALA E 45 3.11 44.56 -37.00
C ALA E 45 2.82 45.89 -37.71
N GLY E 46 1.88 46.65 -37.15
CA GLY E 46 1.55 47.97 -37.67
C GLY E 46 1.28 48.96 -36.55
N HIS E 47 1.57 50.24 -36.84
CA HIS E 47 1.36 51.34 -35.91
C HIS E 47 0.47 52.36 -36.59
N ALA E 48 -0.56 52.83 -35.88
CA ALA E 48 -1.31 54.02 -36.29
C ALA E 48 -1.23 54.94 -35.09
N VAL E 49 -0.43 56.00 -35.20
CA VAL E 49 -0.20 57.00 -34.11
C VAL E 49 -0.69 58.39 -34.47
N TYR E 50 -1.14 59.13 -33.46
CA TYR E 50 -1.46 60.55 -33.64
C TYR E 50 -0.15 61.32 -33.84
N SER E 51 -0.02 62.04 -34.94
CA SER E 51 1.31 62.55 -35.37
C SER E 51 1.90 63.67 -34.50
N GLN E 52 1.04 64.42 -33.81
CA GLN E 52 1.48 65.55 -32.95
C GLN E 52 2.06 65.09 -31.63
N PRO E 53 3.35 65.41 -31.33
CA PRO E 53 3.88 65.06 -30.02
C PRO E 53 3.27 65.86 -28.92
N PHE E 54 3.40 65.39 -27.70
CA PHE E 54 3.03 66.18 -26.52
C PHE E 54 3.90 65.78 -25.31
N GLN E 55 3.84 66.51 -24.18
CA GLN E 55 4.68 66.21 -23.00
C GLN E 55 3.78 65.79 -21.88
N LEU E 56 4.36 65.09 -20.93
CA LEU E 56 3.66 64.55 -19.80
C LEU E 56 3.98 65.23 -18.49
N ARG E 57 4.97 66.13 -18.42
CA ARG E 57 5.23 66.74 -17.12
C ARG E 57 4.01 67.55 -16.66
N ASP E 58 3.60 67.38 -15.41
CA ASP E 58 2.42 68.04 -14.86
C ASP E 58 1.20 67.96 -15.79
N THR E 59 0.85 66.75 -16.17
CA THR E 59 -0.24 66.47 -17.08
C THR E 59 -1.12 65.27 -16.61
N SER E 60 -2.42 65.41 -16.80
CA SER E 60 -3.40 64.33 -16.77
C SER E 60 -3.94 64.13 -18.19
N PHE E 61 -4.39 62.91 -18.50
CA PHE E 61 -5.10 62.71 -19.72
C PHE E 61 -6.20 61.70 -19.61
N TYR E 62 -7.17 61.82 -20.53
CA TYR E 62 -8.24 60.85 -20.74
C TYR E 62 -8.32 60.56 -22.25
N THR E 63 -8.40 59.31 -22.61
CA THR E 63 -8.63 58.92 -24.00
C THR E 63 -9.63 57.74 -24.05
N THR E 64 -10.51 57.75 -25.02
CA THR E 64 -11.44 56.64 -25.24
C THR E 64 -11.40 56.29 -26.68
N PHE E 65 -11.52 54.98 -26.93
CA PHE E 65 -11.64 54.43 -28.27
C PHE E 65 -12.60 53.24 -28.34
N THR E 66 -13.15 53.01 -29.53
CA THR E 66 -13.90 51.80 -29.82
C THR E 66 -13.09 50.91 -30.70
N PHE E 67 -13.26 49.60 -30.53
CA PHE E 67 -12.47 48.62 -31.30
C PHE E 67 -13.25 47.34 -31.57
N VAL E 68 -12.81 46.66 -32.61
CA VAL E 68 -13.28 45.31 -32.94
C VAL E 68 -12.07 44.43 -33.17
N ILE E 69 -12.11 43.23 -32.62
CA ILE E 69 -11.17 42.17 -32.97
C ILE E 69 -11.97 41.21 -33.90
N ARG E 70 -11.41 40.99 -35.08
CA ARG E 70 -11.97 40.05 -36.03
C ARG E 70 -11.01 38.86 -36.07
N THR E 71 -11.58 37.69 -35.79
CA THR E 71 -10.83 36.45 -35.78
C THR E 71 -11.33 35.51 -36.86
N THR E 72 -10.41 34.84 -37.55
CA THR E 72 -10.76 33.83 -38.54
C THR E 72 -10.64 32.40 -38.03
N SER E 73 -10.18 32.13 -36.80
CA SER E 73 -10.32 30.79 -36.20
C SER E 73 -9.97 30.75 -34.71
N ASN E 74 -9.85 29.54 -34.17
CA ASN E 74 -9.54 29.20 -32.78
C ASN E 74 -8.54 29.99 -31.98
N SER E 75 -7.36 30.22 -32.60
CA SER E 75 -6.09 30.55 -31.87
C SER E 75 -5.44 31.79 -32.42
N PRO E 76 -6.19 32.89 -32.34
CA PRO E 76 -5.71 34.09 -32.91
C PRO E 76 -4.55 34.67 -32.11
N ALA E 77 -3.74 35.43 -32.80
CA ALA E 77 -2.61 36.10 -32.19
C ALA E 77 -2.28 37.34 -32.99
N ASP E 78 -1.73 38.38 -32.37
CA ASP E 78 -1.31 38.43 -30.97
C ASP E 78 -2.04 39.42 -30.10
N GLY E 79 -2.77 40.31 -30.75
CA GLY E 79 -3.45 41.42 -30.08
C GLY E 79 -3.01 42.82 -30.51
N PHE E 80 -3.38 43.81 -29.70
CA PHE E 80 -2.95 45.19 -29.93
C PHE E 80 -2.89 45.91 -28.61
N ALA E 81 -2.33 47.11 -28.68
CA ALA E 81 -2.13 47.94 -27.49
C ALA E 81 -2.28 49.38 -27.87
N ILE E 82 -2.74 50.20 -26.93
CA ILE E 82 -2.63 51.64 -27.03
C ILE E 82 -1.39 51.98 -26.20
N PHE E 83 -0.49 52.76 -26.80
CA PHE E 83 0.83 52.96 -26.22
C PHE E 83 1.37 54.37 -26.31
N ILE E 84 2.28 54.69 -25.40
CA ILE E 84 2.91 55.97 -25.35
C ILE E 84 4.40 55.70 -25.44
N ALA E 85 5.10 56.43 -26.31
CA ALA E 85 6.52 56.25 -26.52
C ALA E 85 7.08 57.50 -27.12
N PRO E 86 8.42 57.66 -27.13
CA PRO E 86 8.97 58.86 -27.82
C PRO E 86 8.51 58.97 -29.32
N PRO E 87 8.71 60.14 -29.94
CA PRO E 87 8.23 60.36 -31.32
C PRO E 87 8.91 59.54 -32.40
N ASP E 88 10.19 59.18 -32.21
CA ASP E 88 10.96 58.44 -33.20
C ASP E 88 10.87 56.92 -33.02
N PHE E 89 9.83 56.42 -32.34
CA PHE E 89 9.70 55.02 -31.96
C PHE E 89 9.32 54.18 -33.17
N PRO E 90 10.21 53.23 -33.57
CA PRO E 90 9.92 52.40 -34.76
C PRO E 90 8.86 51.33 -34.49
N VAL E 91 8.38 50.72 -35.56
CA VAL E 91 7.61 49.49 -35.45
C VAL E 91 8.62 48.43 -35.08
N LYS E 92 8.40 47.74 -33.96
CA LYS E 92 9.32 46.73 -33.47
C LYS E 92 8.81 45.33 -33.80
N ARG E 93 9.24 44.31 -33.07
CA ARG E 93 8.97 42.95 -33.50
C ARG E 93 7.50 42.56 -33.46
N TYR E 94 7.08 41.89 -34.55
CA TYR E 94 5.80 41.18 -34.66
C TYR E 94 5.66 40.06 -33.63
N GLY E 95 4.55 39.35 -33.71
CA GLY E 95 4.22 38.30 -32.73
C GLY E 95 3.77 38.82 -31.36
N GLY E 96 4.16 38.11 -30.31
CA GLY E 96 3.78 38.43 -28.93
C GLY E 96 4.44 39.69 -28.37
N TYR E 97 5.45 40.19 -29.11
CA TYR E 97 6.07 41.48 -28.81
C TYR E 97 5.17 42.65 -29.16
N LEU E 98 4.06 42.41 -29.85
CA LEU E 98 3.02 43.43 -30.14
C LEU E 98 3.53 44.68 -30.91
N GLY E 99 4.62 44.54 -31.64
CA GLY E 99 5.19 45.65 -32.31
C GLY E 99 5.84 46.64 -31.37
N LEU E 100 6.03 46.30 -30.10
CA LEU E 100 6.53 47.26 -29.10
C LEU E 100 7.90 46.96 -28.48
N PHE E 101 8.42 45.76 -28.74
CA PHE E 101 9.69 45.34 -28.16
C PHE E 101 10.48 44.48 -29.12
N GLU E 102 11.76 44.35 -28.80
CA GLU E 102 12.68 43.51 -29.56
C GLU E 102 13.00 42.35 -28.64
N PRO E 103 13.24 41.14 -29.23
CA PRO E 103 13.44 39.90 -28.44
C PRO E 103 14.53 39.93 -27.38
N ASN E 104 15.70 40.43 -27.75
CA ASN E 104 16.83 40.66 -26.82
C ASN E 104 16.52 41.28 -25.49
N THR E 105 15.68 42.31 -25.53
CA THR E 105 15.51 43.24 -24.45
C THR E 105 14.06 43.31 -23.93
N ALA E 106 13.18 42.47 -24.44
CA ALA E 106 11.75 42.68 -24.21
C ALA E 106 11.31 42.62 -22.75
N THR E 107 12.07 41.99 -21.86
CA THR E 107 11.71 41.93 -20.45
C THR E 107 12.63 42.76 -19.58
N ASN E 108 13.55 43.49 -20.21
CA ASN E 108 14.48 44.37 -19.47
C ASN E 108 13.97 45.84 -19.33
N THR E 109 13.49 46.22 -18.12
CA THR E 109 12.82 47.53 -17.94
C THR E 109 13.77 48.69 -18.10
N SER E 110 15.07 48.46 -17.91
CA SER E 110 16.05 49.53 -18.18
C SER E 110 16.54 49.65 -19.68
N ALA E 111 15.99 48.88 -20.62
CA ALA E 111 16.36 49.00 -22.07
C ALA E 111 15.18 49.44 -22.91
N ASN E 112 14.09 49.80 -22.25
CA ASN E 112 12.88 50.24 -22.94
C ASN E 112 12.32 51.53 -22.34
N LYS E 113 11.62 52.26 -23.21
CA LYS E 113 10.83 53.42 -22.82
C LYS E 113 9.52 53.38 -23.61
N VAL E 114 8.56 52.66 -23.00
CA VAL E 114 7.25 52.52 -23.57
C VAL E 114 6.25 52.08 -22.52
N VAL E 115 5.07 52.64 -22.57
CA VAL E 115 4.00 52.28 -21.68
C VAL E 115 2.76 51.99 -22.53
N ALA E 116 2.01 50.96 -22.13
CA ALA E 116 0.90 50.49 -22.93
C ALA E 116 -0.24 49.85 -22.11
N VAL E 117 -1.41 49.86 -22.71
CA VAL E 117 -2.50 49.05 -22.27
C VAL E 117 -2.75 48.08 -23.41
N GLU E 118 -2.45 46.80 -23.12
CA GLU E 118 -2.45 45.75 -24.13
C GLU E 118 -3.70 44.92 -24.02
N PHE E 119 -4.18 44.53 -25.20
CA PHE E 119 -5.29 43.59 -25.40
C PHE E 119 -4.73 42.32 -26.09
N ASP E 120 -4.44 41.31 -25.27
CA ASP E 120 -3.53 40.24 -25.61
C ASP E 120 -4.33 38.98 -25.87
N THR E 121 -4.33 38.52 -27.11
CA THR E 121 -5.17 37.35 -27.50
C THR E 121 -4.42 36.01 -27.50
N TRP E 122 -3.09 36.08 -27.27
CA TRP E 122 -2.26 34.89 -27.36
C TRP E 122 -1.40 34.72 -26.11
N VAL E 123 -1.58 33.59 -25.43
CA VAL E 123 -0.79 33.29 -24.25
C VAL E 123 0.59 32.88 -24.72
N ASN E 124 1.61 33.65 -24.37
CA ASN E 124 2.97 33.37 -24.74
C ASN E 124 3.66 32.55 -23.69
N THR E 125 4.16 31.39 -24.12
CA THR E 125 4.91 30.51 -23.27
C THR E 125 6.32 31.06 -23.00
N GLU E 126 6.78 31.94 -23.89
CA GLU E 126 8.17 32.40 -23.87
C GLU E 126 8.51 33.24 -22.64
N TRP E 127 7.54 34.01 -22.11
CA TRP E 127 7.73 34.75 -20.85
C TRP E 127 6.59 34.45 -19.83
N LYS E 128 6.11 33.21 -19.94
CA LYS E 128 5.21 32.57 -18.98
C LYS E 128 4.06 33.50 -18.56
N GLU E 129 3.31 33.96 -19.55
CA GLU E 129 2.14 34.80 -19.30
C GLU E 129 1.11 33.99 -18.60
N PRO E 130 0.23 34.63 -17.81
CA PRO E 130 -0.89 33.89 -17.23
C PRO E 130 -1.75 33.15 -18.27
N ARG E 131 -2.39 32.08 -17.81
CA ARG E 131 -2.99 31.07 -18.71
C ARG E 131 -4.41 31.39 -19.17
N TYR E 132 -4.51 32.57 -19.77
CA TYR E 132 -5.77 33.08 -20.29
C TYR E 132 -5.45 34.31 -21.10
N ARG E 133 -6.39 34.67 -21.96
CA ARG E 133 -6.27 35.91 -22.70
C ARG E 133 -6.49 37.05 -21.76
N HIS E 134 -5.79 38.15 -21.94
CA HIS E 134 -5.80 39.13 -20.91
C HIS E 134 -5.68 40.51 -21.43
N ILE E 135 -6.06 41.48 -20.60
CA ILE E 135 -5.78 42.90 -20.79
C ILE E 135 -4.77 43.26 -19.72
N GLY E 136 -3.83 44.12 -20.06
CA GLY E 136 -2.72 44.37 -19.14
C GLY E 136 -2.13 45.74 -19.33
N ILE E 137 -1.44 46.19 -18.29
CA ILE E 137 -0.68 47.44 -18.31
C ILE E 137 0.80 47.09 -18.35
N ASP E 138 1.45 47.55 -19.40
CA ASP E 138 2.89 47.31 -19.62
C ASP E 138 3.73 48.56 -19.34
N VAL E 139 4.82 48.39 -18.59
CA VAL E 139 5.72 49.46 -18.23
C VAL E 139 7.08 48.97 -18.48
N ASN E 140 7.54 49.28 -19.69
CA ASN E 140 8.91 48.97 -20.21
C ASN E 140 9.31 47.50 -20.34
N SER E 141 8.32 46.64 -20.45
CA SER E 141 8.53 45.21 -20.54
C SER E 141 7.23 44.66 -21.10
N ILE E 142 7.40 43.63 -21.91
CA ILE E 142 6.28 42.84 -22.41
C ILE E 142 5.57 42.01 -21.29
N VAL E 143 6.25 41.83 -20.16
CA VAL E 143 5.64 41.30 -18.97
C VAL E 143 4.91 42.43 -18.23
N SER E 144 3.60 42.43 -18.45
CA SER E 144 2.65 43.35 -17.82
C SER E 144 2.89 43.39 -16.29
N VAL E 145 2.96 44.59 -15.75
CA VAL E 145 3.04 44.79 -14.32
C VAL E 145 1.67 44.66 -13.64
N ARG E 146 0.60 44.70 -14.40
CA ARG E 146 -0.69 44.44 -13.84
C ARG E 146 -1.53 43.87 -14.97
N VAL E 147 -2.26 42.81 -14.67
CA VAL E 147 -2.89 42.01 -15.72
C VAL E 147 -4.17 41.38 -15.21
N THR E 148 -5.20 41.34 -16.04
CA THR E 148 -6.47 40.74 -15.64
C THR E 148 -7.03 39.92 -16.77
N ARG E 149 -7.83 38.94 -16.41
CA ARG E 149 -8.42 38.01 -17.35
C ARG E 149 -9.40 38.72 -18.26
N TRP E 150 -9.29 38.42 -19.54
CA TRP E 150 -10.15 38.96 -20.59
C TRP E 150 -10.96 37.80 -21.07
N GLN E 151 -12.26 37.80 -20.79
CA GLN E 151 -13.11 36.64 -21.01
C GLN E 151 -13.12 36.29 -22.51
N ASP E 152 -13.06 35.00 -22.83
CA ASP E 152 -13.05 34.59 -24.26
C ASP E 152 -14.41 34.98 -24.94
N LYS E 153 -15.53 34.86 -24.22
CA LYS E 153 -16.84 35.32 -24.68
C LYS E 153 -16.75 36.70 -25.34
N ASP E 154 -15.95 37.57 -24.73
CA ASP E 154 -15.77 38.95 -25.18
C ASP E 154 -14.72 39.10 -26.29
N VAL E 155 -13.66 38.31 -26.23
CA VAL E 155 -12.64 38.37 -27.25
C VAL E 155 -13.26 38.06 -28.59
N PHE E 156 -13.99 36.95 -28.63
CA PHE E 156 -14.58 36.40 -29.86
C PHE E 156 -15.99 36.94 -30.18
N SER E 157 -16.50 37.87 -29.38
CA SER E 157 -17.88 38.37 -29.60
C SER E 157 -18.05 39.14 -30.92
N ARG E 158 -16.94 39.69 -31.44
CA ARG E 158 -16.99 40.61 -32.58
C ARG E 158 -17.93 41.82 -32.35
N SER E 159 -18.05 42.25 -31.09
CA SER E 159 -18.73 43.47 -30.72
C SER E 159 -17.77 44.62 -30.90
N ILE E 160 -18.38 45.80 -30.97
CA ILE E 160 -17.69 47.06 -30.90
C ILE E 160 -17.56 47.33 -29.39
N ALA E 161 -16.32 47.27 -28.93
CA ALA E 161 -15.98 47.42 -27.53
C ALA E 161 -15.38 48.76 -27.33
N THR E 162 -15.55 49.26 -26.10
CA THR E 162 -15.03 50.53 -25.66
C THR E 162 -13.90 50.40 -24.60
N ALA E 163 -12.82 51.16 -24.83
CA ALA E 163 -11.76 51.35 -23.82
C ALA E 163 -11.78 52.79 -23.32
N HIS E 164 -11.55 52.98 -22.05
CA HIS E 164 -11.32 54.31 -21.49
C HIS E 164 -9.96 54.24 -20.79
N VAL E 165 -9.00 55.05 -21.17
CA VAL E 165 -7.70 55.02 -20.52
C VAL E 165 -7.47 56.39 -20.01
N GLY E 166 -7.09 56.48 -18.71
CA GLY E 166 -6.84 57.77 -18.04
C GLY E 166 -5.59 57.80 -17.15
N TYR E 167 -4.93 58.94 -17.10
CA TYR E 167 -3.77 59.14 -16.27
C TYR E 167 -3.98 60.36 -15.35
N ASP E 168 -3.86 60.12 -14.05
CA ASP E 168 -3.98 61.16 -13.07
C ASP E 168 -2.58 61.59 -12.73
N GLY E 169 -2.21 62.79 -13.17
CA GLY E 169 -0.82 63.30 -13.01
C GLY E 169 -0.36 63.67 -11.59
N ILE E 170 -1.34 63.84 -10.69
CA ILE E 170 -1.11 64.16 -9.29
C ILE E 170 -0.81 62.90 -8.55
N SER E 171 -1.70 61.91 -8.61
CA SER E 171 -1.50 60.63 -7.86
C SER E 171 -0.67 59.62 -8.59
N LYS E 172 -0.37 59.88 -9.86
CA LYS E 172 0.57 59.08 -10.71
C LYS E 172 -0.04 57.70 -10.94
N ILE E 173 -1.22 57.67 -11.52
CA ILE E 173 -1.98 56.46 -11.70
C ILE E 173 -2.58 56.41 -13.09
N LEU E 174 -2.16 55.36 -13.84
CA LEU E 174 -2.73 54.96 -15.13
C LEU E 174 -3.83 53.94 -14.88
N THR E 175 -4.97 54.16 -15.52
CA THR E 175 -6.16 53.34 -15.33
C THR E 175 -6.82 53.01 -16.71
N ALA E 176 -7.30 51.78 -16.85
CA ALA E 176 -8.06 51.39 -18.00
C ALA E 176 -9.41 50.87 -17.54
N PHE E 177 -10.47 51.39 -18.14
CA PHE E 177 -11.78 50.72 -18.09
C PHE E 177 -12.08 50.15 -19.50
N VAL E 178 -12.50 48.88 -19.59
CA VAL E 178 -12.90 48.32 -20.85
C VAL E 178 -14.28 47.77 -20.68
N THR E 179 -15.17 48.08 -21.63
CA THR E 179 -16.56 47.61 -21.64
C THR E 179 -17.05 46.99 -22.98
N TYR E 180 -17.97 46.05 -22.86
CA TYR E 180 -18.49 45.29 -23.97
C TYR E 180 -20.00 45.42 -23.87
N PRO E 181 -20.69 45.71 -24.97
CA PRO E 181 -22.17 45.71 -24.90
C PRO E 181 -22.79 44.33 -24.55
N ASP E 182 -23.53 44.26 -23.43
CA ASP E 182 -24.02 42.98 -22.84
C ASP E 182 -22.95 41.98 -22.57
N GLY E 183 -21.77 42.46 -22.24
CA GLY E 183 -20.62 41.59 -21.98
C GLY E 183 -19.93 42.09 -20.73
N GLY E 184 -18.64 41.80 -20.67
CA GLY E 184 -17.87 42.02 -19.48
C GLY E 184 -17.44 43.46 -19.39
N ASN E 185 -16.96 43.79 -18.17
CA ASN E 185 -16.34 45.06 -17.82
C ASN E 185 -15.05 44.82 -17.08
N TYR E 186 -13.99 45.50 -17.51
CA TYR E 186 -12.67 45.28 -16.98
C TYR E 186 -12.15 46.57 -16.37
N VAL E 187 -11.40 46.44 -15.25
CA VAL E 187 -10.79 47.58 -14.53
C VAL E 187 -9.33 47.29 -14.15
N LEU E 188 -8.38 48.08 -14.58
CA LEU E 188 -6.99 47.94 -14.18
C LEU E 188 -6.40 49.26 -13.79
N SER E 189 -5.65 49.31 -12.69
CA SER E 189 -5.00 50.54 -12.29
C SER E 189 -3.59 50.24 -11.78
N HIS E 190 -2.65 51.15 -12.08
CA HIS E 190 -1.27 50.95 -11.67
C HIS E 190 -0.60 52.29 -11.35
N VAL E 191 0.12 52.33 -10.24
CA VAL E 191 0.92 53.50 -9.89
C VAL E 191 2.19 53.57 -10.75
N VAL E 192 2.33 54.62 -11.55
CA VAL E 192 3.48 54.78 -12.44
C VAL E 192 3.66 56.26 -12.76
N ASP E 193 4.90 56.75 -12.63
CA ASP E 193 5.24 58.14 -12.90
C ASP E 193 5.66 58.31 -14.38
N LEU E 194 4.71 58.65 -15.23
CA LEU E 194 4.99 58.80 -16.66
C LEU E 194 5.93 59.99 -16.98
N ALA E 195 5.88 61.04 -16.18
CA ALA E 195 6.75 62.17 -16.43
C ALA E 195 8.18 61.78 -16.20
N GLU E 196 8.39 60.83 -15.30
CA GLU E 196 9.73 60.38 -14.97
C GLU E 196 10.32 59.42 -16.04
N ILE E 197 9.47 58.57 -16.60
CA ILE E 197 9.88 57.73 -17.72
C ILE E 197 10.15 58.51 -19.02
N PHE E 198 9.21 59.43 -19.30
CA PHE E 198 9.22 60.29 -20.47
C PHE E 198 9.42 61.76 -20.07
N PRO E 199 10.67 62.16 -19.81
CA PRO E 199 10.93 63.58 -19.53
C PRO E 199 10.71 64.46 -20.79
N GLY E 200 10.76 63.92 -22.00
CA GLY E 200 10.62 64.72 -23.22
C GLY E 200 9.27 64.52 -23.90
N ASP E 201 9.32 64.50 -25.23
CA ASP E 201 8.13 64.34 -26.07
C ASP E 201 7.69 62.92 -26.16
N VAL E 202 6.43 62.75 -26.45
CA VAL E 202 5.83 61.44 -26.66
C VAL E 202 4.69 61.55 -27.70
N ARG E 203 4.34 60.39 -28.24
CA ARG E 203 3.15 60.22 -29.09
C ARG E 203 2.30 59.11 -28.58
N ILE E 204 1.02 59.24 -28.78
CA ILE E 204 0.12 58.19 -28.39
C ILE E 204 -0.46 57.58 -29.68
N GLY E 205 -0.64 56.27 -29.62
CA GLY E 205 -1.16 55.50 -30.71
C GLY E 205 -1.38 54.04 -30.41
N PHE E 206 -1.66 53.31 -31.48
CA PHE E 206 -1.98 51.92 -31.45
C PHE E 206 -0.90 51.13 -32.18
N SER E 207 -0.57 49.98 -31.60
CA SER E 207 0.31 48.97 -32.19
C SER E 207 -0.43 47.65 -32.15
N GLY E 208 -0.52 47.03 -33.34
CA GLY E 208 -1.07 45.70 -33.54
C GLY E 208 -0.02 44.75 -34.11
N ALA E 209 -0.23 43.45 -33.90
CA ALA E 209 0.66 42.44 -34.40
C ALA E 209 0.02 41.09 -34.57
N THR E 210 0.54 40.38 -35.55
CA THR E 210 0.28 38.97 -35.80
C THR E 210 1.65 38.22 -35.78
N GLY E 211 1.73 36.90 -35.59
CA GLY E 211 0.58 36.11 -35.20
C GLY E 211 -0.15 35.50 -36.37
N GLN E 212 -1.47 35.41 -36.25
CA GLN E 212 -2.32 34.60 -37.16
C GLN E 212 -3.82 34.83 -36.91
N TYR E 213 -4.62 34.65 -37.95
CA TYR E 213 -6.08 34.63 -37.90
C TYR E 213 -6.78 35.85 -37.27
N GLU E 214 -6.10 36.98 -37.18
CA GLU E 214 -6.58 38.10 -36.40
C GLU E 214 -6.35 39.43 -37.15
N THR E 215 -7.37 40.27 -37.14
CA THR E 215 -7.19 41.63 -37.54
C THR E 215 -7.80 42.48 -36.48
N GLN E 216 -7.13 43.59 -36.15
CA GLN E 216 -7.57 44.56 -35.10
C GLN E 216 -7.94 45.92 -35.74
N TYR E 217 -9.17 46.35 -35.47
CA TYR E 217 -9.76 47.56 -36.06
C TYR E 217 -10.07 48.57 -34.94
N ILE E 218 -9.70 49.85 -35.15
CA ILE E 218 -10.08 50.94 -34.28
C ILE E 218 -11.10 51.75 -35.01
N HIS E 219 -12.29 51.87 -34.43
CA HIS E 219 -13.47 52.47 -35.06
C HIS E 219 -13.69 53.96 -34.72
N SER E 220 -13.30 54.37 -33.51
CA SER E 220 -13.41 55.76 -33.04
C SER E 220 -12.27 56.05 -32.03
N TRP E 221 -11.90 57.29 -31.83
CA TRP E 221 -10.85 57.64 -30.87
C TRP E 221 -10.90 59.13 -30.49
N SER E 222 -10.96 59.42 -29.19
CA SER E 222 -10.79 60.80 -28.70
C SER E 222 -9.77 60.86 -27.54
N PHE E 223 -9.18 62.04 -27.38
CA PHE E 223 -8.08 62.25 -26.46
C PHE E 223 -8.20 63.69 -25.96
N SER E 224 -7.96 63.89 -24.65
CA SER E 224 -7.83 65.24 -24.05
C SER E 224 -6.77 65.14 -22.95
N SER E 225 -5.77 66.00 -22.99
CA SER E 225 -4.83 66.18 -21.91
C SER E 225 -4.95 67.58 -21.39
N THR E 226 -4.67 67.74 -20.11
CA THR E 226 -4.71 69.05 -19.46
C THR E 226 -3.63 69.10 -18.42
N SER E 227 -3.24 70.33 -18.09
CA SER E 227 -2.23 70.60 -17.09
C SER E 227 -2.83 70.39 -15.69
N THR E 228 -2.00 69.97 -14.73
CA THR E 228 -2.41 69.78 -13.33
C THR E 228 -2.06 71.02 -12.48
N ASN E 229 -2.59 72.17 -12.89
CA ASN E 229 -2.25 73.49 -12.31
C ASN E 229 -3.47 74.43 -12.34
C ACE F 1 1.60 26.05 -27.75
O ACE F 1 0.42 26.40 -27.71
CH3 ACE F 1 2.07 24.98 -28.72
N GLY F 2 2.46 26.66 -26.94
CA GLY F 2 3.90 26.44 -26.79
C GLY F 2 4.68 27.64 -27.18
N VAL F 3 5.96 27.55 -26.90
CA VAL F 3 6.95 28.40 -27.55
C VAL F 3 6.75 28.29 -29.07
N THR F 4 6.80 29.44 -29.74
CA THR F 4 6.65 29.59 -31.19
C THR F 4 7.78 30.43 -31.90
N SER F 5 8.48 31.32 -31.18
CA SER F 5 9.78 31.91 -31.67
C SER F 5 10.75 32.15 -30.50
N ALA F 6 11.96 32.67 -30.82
CA ALA F 6 12.73 33.69 -29.95
C ALA F 6 13.16 33.23 -28.50
N SER G 1 -18.20 40.50 -3.52
CA SER G 1 -19.21 39.63 -4.22
C SER G 1 -19.55 40.13 -5.67
N GLU G 2 -20.37 39.35 -6.37
CA GLU G 2 -20.70 39.66 -7.77
C GLU G 2 -22.12 40.17 -7.91
N LEU G 3 -22.27 41.34 -8.51
CA LEU G 3 -23.58 41.96 -8.65
C LEU G 3 -23.54 42.83 -9.86
N SER G 4 -24.61 42.81 -10.63
CA SER G 4 -24.75 43.73 -11.74
C SER G 4 -26.19 44.18 -11.95
N PHE G 5 -26.34 45.42 -12.42
CA PHE G 5 -27.64 45.99 -12.74
C PHE G 5 -27.48 47.04 -13.81
N ASN G 6 -28.60 47.36 -14.43
CA ASN G 6 -28.63 48.27 -15.56
C ASN G 6 -29.91 49.05 -15.66
N TYR G 7 -29.83 50.38 -15.59
CA TYR G 7 -30.97 51.27 -15.80
C TYR G 7 -30.55 52.15 -17.00
N PRO G 8 -31.01 51.85 -18.22
CA PRO G 8 -30.76 52.72 -19.39
C PRO G 8 -31.47 54.03 -19.28
N ASN G 9 -32.64 54.02 -18.67
CA ASN G 9 -33.26 55.18 -18.01
C ASN G 9 -33.90 54.70 -16.72
N PHE G 10 -34.69 55.54 -16.04
CA PHE G 10 -35.40 55.11 -14.81
C PHE G 10 -36.89 55.10 -14.97
N GLN G 11 -37.36 54.53 -16.08
CA GLN G 11 -38.78 54.41 -16.33
C GLN G 11 -39.38 53.46 -15.31
N SER G 12 -38.60 52.44 -14.96
CA SER G 12 -38.82 51.58 -13.81
C SER G 12 -37.83 52.00 -12.76
N VAL G 13 -38.23 51.96 -11.50
CA VAL G 13 -37.25 52.24 -10.40
C VAL G 13 -37.19 51.10 -9.41
N GLU G 14 -37.17 49.89 -9.93
CA GLU G 14 -37.67 48.74 -9.21
C GLU G 14 -36.79 48.45 -8.01
N ASP G 15 -35.46 48.38 -8.16
CA ASP G 15 -34.65 48.06 -6.95
C ASP G 15 -33.93 49.30 -6.39
N ILE G 16 -34.64 50.43 -6.38
CA ILE G 16 -34.12 51.66 -5.86
C ILE G 16 -34.87 51.95 -4.57
N THR G 17 -34.15 52.24 -3.50
CA THR G 17 -34.69 52.75 -2.25
C THR G 17 -34.42 54.27 -2.18
N PHE G 18 -35.51 55.03 -2.01
CA PHE G 18 -35.53 56.47 -1.83
C PHE G 18 -35.78 56.84 -0.41
N GLN G 19 -35.00 57.81 0.06
CA GLN G 19 -35.03 58.32 1.43
C GLN G 19 -34.78 59.82 1.43
N GLY G 20 -35.39 60.50 2.43
CA GLY G 20 -35.35 61.95 2.55
C GLY G 20 -36.09 62.58 1.38
N GLY G 21 -35.49 63.57 0.78
CA GLY G 21 -36.15 64.26 -0.30
C GLY G 21 -36.00 63.69 -1.71
N ALA G 22 -35.33 62.56 -1.89
CA ALA G 22 -35.17 61.98 -3.22
C ALA G 22 -36.45 61.29 -3.69
N SER G 23 -36.70 61.33 -4.99
CA SER G 23 -37.83 60.70 -5.61
C SER G 23 -37.62 60.45 -7.13
N PRO G 24 -38.35 59.51 -7.74
CA PRO G 24 -38.33 59.43 -9.20
C PRO G 24 -39.12 60.54 -9.89
N ARG G 25 -38.63 61.00 -11.04
CA ARG G 25 -39.30 62.07 -11.74
C ARG G 25 -38.92 62.06 -13.18
N ASN G 26 -39.91 62.03 -14.11
CA ASN G 26 -39.68 62.01 -15.58
C ASN G 26 -38.53 61.11 -15.95
N GLU G 27 -38.66 59.88 -15.48
CA GLU G 27 -37.74 58.81 -15.83
C GLU G 27 -36.27 59.08 -15.40
N THR G 28 -36.13 59.78 -14.29
CA THR G 28 -34.84 60.06 -13.68
C THR G 28 -34.94 59.99 -12.15
N LEU G 29 -33.80 59.90 -11.49
CA LEU G 29 -33.73 60.06 -10.06
C LEU G 29 -33.53 61.53 -9.70
N GLN G 30 -34.59 62.13 -9.12
CA GLN G 30 -34.44 63.46 -8.51
C GLN G 30 -33.91 63.33 -7.05
N LEU G 31 -32.71 63.80 -6.80
CA LEU G 31 -32.03 63.58 -5.46
C LEU G 31 -32.49 64.53 -4.38
N THR G 32 -32.82 65.77 -4.72
CA THR G 32 -33.38 66.75 -3.77
C THR G 32 -34.75 67.22 -4.25
N PRO G 33 -35.64 67.51 -3.29
CA PRO G 33 -37.00 67.84 -3.66
C PRO G 33 -37.24 69.24 -4.22
N THR G 34 -38.38 69.38 -4.93
CA THR G 34 -38.85 70.65 -5.41
C THR G 34 -40.25 70.90 -4.79
N ASP G 35 -40.66 72.16 -4.71
CA ASP G 35 -42.00 72.57 -4.23
C ASP G 35 -43.02 72.51 -5.39
N SER G 36 -44.25 72.93 -5.11
CA SER G 36 -45.28 72.92 -6.09
C SER G 36 -44.95 73.71 -7.40
N ASN G 37 -44.11 74.75 -7.35
CA ASN G 37 -43.70 75.47 -8.58
C ASN G 37 -42.39 74.94 -9.23
N GLY G 38 -41.88 73.79 -8.82
CA GLY G 38 -40.64 73.28 -9.35
C GLY G 38 -39.42 73.97 -8.83
N ILE G 39 -39.57 74.86 -7.83
CA ILE G 39 -38.41 75.54 -7.18
C ILE G 39 -37.70 74.61 -6.18
N PRO G 40 -36.34 74.50 -6.26
CA PRO G 40 -35.59 73.67 -5.28
C PRO G 40 -35.76 74.12 -3.83
N ILE G 41 -35.91 73.19 -2.91
CA ILE G 41 -36.13 73.53 -1.54
C ILE G 41 -34.75 73.52 -0.82
N ARG G 42 -34.54 74.61 -0.09
CA ARG G 42 -33.39 74.86 0.69
C ARG G 42 -33.28 73.83 1.84
N GLN G 43 -32.04 73.45 2.18
CA GLN G 43 -31.71 72.60 3.32
C GLN G 43 -32.38 71.22 3.38
N ARG G 44 -32.17 70.48 2.31
CA ARG G 44 -32.69 69.11 2.17
C ARG G 44 -31.60 68.17 1.58
N ALA G 45 -31.68 66.89 1.93
CA ALA G 45 -30.82 65.88 1.41
C ALA G 45 -31.73 64.72 1.05
N GLY G 46 -31.33 63.98 0.02
CA GLY G 46 -32.00 62.78 -0.42
C GLY G 46 -30.99 61.76 -0.93
N HIS G 47 -31.37 60.50 -0.73
CA HIS G 47 -30.57 59.33 -1.13
C HIS G 47 -31.41 58.47 -2.06
N ALA G 48 -30.83 58.06 -3.18
CA ALA G 48 -31.43 57.01 -4.03
C ALA G 48 -30.37 55.96 -4.15
N VAL G 49 -30.56 54.82 -3.48
CA VAL G 49 -29.56 53.73 -3.41
C VAL G 49 -30.15 52.45 -4.05
N TYR G 50 -29.26 51.64 -4.64
CA TYR G 50 -29.62 50.32 -5.11
C TYR G 50 -29.81 49.44 -3.91
N SER G 51 -30.96 48.82 -3.74
CA SER G 51 -31.35 48.23 -2.44
C SER G 51 -30.62 46.97 -2.00
N GLN G 52 -30.04 46.22 -2.96
CA GLN G 52 -29.32 44.95 -2.71
C GLN G 52 -27.92 45.22 -2.20
N PRO G 53 -27.58 44.70 -1.00
CA PRO G 53 -26.22 44.89 -0.50
C PRO G 53 -25.27 44.03 -1.26
N PHE G 54 -23.98 44.31 -1.17
CA PHE G 54 -22.93 43.45 -1.70
C PHE G 54 -21.68 43.59 -0.84
N GLN G 55 -20.64 42.76 -1.09
CA GLN G 55 -19.35 42.81 -0.34
C GLN G 55 -18.23 43.24 -1.24
N LEU G 56 -17.20 43.78 -0.62
CA LEU G 56 -16.05 44.31 -1.30
C LEU G 56 -14.83 43.46 -1.15
N ARG G 57 -14.81 42.42 -0.31
CA ARG G 57 -13.57 41.67 -0.18
C ARG G 57 -13.30 41.00 -1.51
N ASP G 58 -12.05 41.11 -2.00
CA ASP G 58 -11.60 40.51 -3.25
C ASP G 58 -12.50 40.85 -4.43
N THR G 59 -12.75 42.14 -4.59
CA THR G 59 -13.72 42.62 -5.53
C THR G 59 -13.20 43.85 -6.25
N SER G 60 -13.42 43.86 -7.58
CA SER G 60 -13.31 45.04 -8.43
C SER G 60 -14.72 45.45 -8.87
N PHE G 61 -14.96 46.73 -9.14
CA PHE G 61 -16.20 47.15 -9.76
C PHE G 61 -16.03 48.29 -10.72
N TYR G 62 -17.02 48.40 -11.64
CA TYR G 62 -17.17 49.49 -12.63
C TYR G 62 -18.62 49.90 -12.63
N THR G 63 -18.85 51.20 -12.59
CA THR G 63 -20.19 51.76 -12.66
C THR G 63 -20.13 52.99 -13.50
N THR G 64 -21.14 53.22 -14.26
CA THR G 64 -21.24 54.45 -15.01
C THR G 64 -22.66 55.01 -14.87
N PHE G 65 -22.79 56.32 -14.86
CA PHE G 65 -24.08 56.97 -14.81
C PHE G 65 -24.09 58.26 -15.59
N THR G 66 -25.28 58.67 -16.02
CA THR G 66 -25.43 59.99 -16.61
C THR G 66 -26.15 60.93 -15.64
N PHE G 67 -25.84 62.20 -15.71
CA PHE G 67 -26.45 63.16 -14.81
C PHE G 67 -26.56 64.56 -15.36
N VAL G 68 -27.53 65.25 -14.80
CA VAL G 68 -27.75 66.65 -15.09
C VAL G 68 -27.83 67.39 -13.77
N ILE G 69 -27.17 68.55 -13.70
CA ILE G 69 -27.34 69.48 -12.62
C ILE G 69 -28.15 70.63 -13.20
N ARG G 70 -29.28 70.93 -12.56
CA ARG G 70 -30.15 72.06 -12.94
C ARG G 70 -30.07 73.17 -11.89
N THR G 71 -29.61 74.34 -12.33
CA THR G 71 -29.45 75.47 -11.47
C THR G 71 -30.44 76.54 -11.79
N THR G 72 -30.99 77.18 -10.79
CA THR G 72 -31.89 78.32 -11.02
C THR G 72 -31.27 79.67 -10.67
N SER G 73 -30.00 79.71 -10.20
CA SER G 73 -29.19 80.98 -10.20
C SER G 73 -27.70 80.84 -9.93
N ASN G 74 -27.02 81.97 -9.73
CA ASN G 74 -25.57 82.10 -9.54
C ASN G 74 -24.82 81.13 -8.69
N SER G 75 -25.38 80.83 -7.53
CA SER G 75 -24.62 80.30 -6.39
C SER G 75 -25.27 79.05 -5.84
N PRO G 76 -25.40 78.06 -6.73
CA PRO G 76 -26.07 76.87 -6.34
C PRO G 76 -25.30 76.08 -5.30
N ALA G 77 -26.04 75.27 -4.58
CA ALA G 77 -25.46 74.42 -3.59
C ALA G 77 -26.33 73.24 -3.34
N ASP G 78 -25.82 72.08 -2.92
CA ASP G 78 -24.43 71.84 -2.61
C ASP G 78 -23.71 70.84 -3.51
N GLY G 79 -24.49 70.12 -4.27
CA GLY G 79 -23.98 69.04 -5.08
C GLY G 79 -24.56 67.70 -4.71
N PHE G 80 -23.93 66.66 -5.24
CA PHE G 80 -24.28 65.28 -4.99
C PHE G 80 -23.03 64.43 -5.09
N ALA G 81 -23.23 63.16 -4.74
CA ALA G 81 -22.13 62.19 -4.74
C ALA G 81 -22.68 60.81 -5.05
N ILE G 82 -21.84 59.96 -5.64
CA ILE G 82 -22.03 58.54 -5.63
C ILE G 82 -21.23 58.02 -4.48
N PHE G 83 -21.84 57.18 -3.67
CA PHE G 83 -21.21 56.74 -2.41
C PHE G 83 -21.44 55.31 -2.07
N ILE G 84 -20.56 54.77 -1.25
CA ILE G 84 -20.61 53.41 -0.76
C ILE G 84 -20.65 53.52 0.74
N ALA G 85 -21.54 52.77 1.40
CA ALA G 85 -21.66 52.82 2.85
C ALA G 85 -22.35 51.62 3.36
N PRO G 86 -22.40 51.41 4.71
CA PRO G 86 -23.14 50.23 5.15
C PRO G 86 -24.63 50.28 4.87
N PRO G 87 -25.29 49.15 4.96
CA PRO G 87 -26.70 49.14 4.46
C PRO G 87 -27.69 50.00 5.26
N ASP G 88 -27.42 50.14 6.54
CA ASP G 88 -28.31 50.89 7.45
C ASP G 88 -27.95 52.39 7.55
N PHE G 89 -27.22 52.92 6.55
CA PHE G 89 -26.70 54.27 6.54
C PHE G 89 -27.86 55.25 6.32
N PRO G 90 -28.07 56.17 7.28
CA PRO G 90 -29.18 57.10 7.16
C PRO G 90 -28.83 58.27 6.23
N VAL G 91 -29.86 59.00 5.82
CA VAL G 91 -29.67 60.30 5.25
C VAL G 91 -29.12 61.21 6.38
N LYS G 92 -27.96 61.84 6.12
CA LYS G 92 -27.30 62.71 7.12
C LYS G 92 -27.48 64.13 6.74
N ARG G 93 -26.67 65.02 7.28
CA ARG G 93 -27.03 66.40 7.25
C ARG G 93 -26.98 66.94 5.83
N TYR G 94 -28.01 67.75 5.53
CA TYR G 94 -28.05 68.65 4.39
C TYR G 94 -26.87 69.66 4.30
N GLY G 95 -26.91 70.53 3.30
CA GLY G 95 -25.87 71.50 3.05
C GLY G 95 -24.60 70.88 2.45
N GLY G 96 -23.45 71.43 2.87
CA GLY G 96 -22.16 71.00 2.40
C GLY G 96 -21.69 69.67 2.89
N TYR G 97 -22.38 69.14 3.87
CA TYR G 97 -22.21 67.74 4.26
C TYR G 97 -22.75 66.71 3.22
N LEU G 98 -23.54 67.14 2.24
CA LEU G 98 -23.93 66.35 1.11
C LEU G 98 -24.73 65.11 1.48
N GLY G 99 -25.45 65.20 2.58
CA GLY G 99 -26.25 64.07 3.05
C GLY G 99 -25.42 62.91 3.56
N LEU G 100 -24.13 63.10 3.80
CA LEU G 100 -23.23 61.97 4.12
C LEU G 100 -22.49 62.08 5.38
N PHE G 101 -22.53 63.22 6.06
CA PHE G 101 -21.87 63.42 7.31
C PHE G 101 -22.71 64.26 8.25
N GLU G 102 -22.36 64.23 9.53
CA GLU G 102 -22.94 65.06 10.56
C GLU G 102 -21.85 66.09 10.94
N PRO G 103 -22.26 67.32 11.32
CA PRO G 103 -21.34 68.43 11.67
C PRO G 103 -20.27 68.10 12.72
N ASN G 104 -20.67 67.51 13.82
CA ASN G 104 -19.70 67.10 14.82
C ASN G 104 -18.45 66.44 14.33
N THR G 105 -18.62 65.46 13.44
CA THR G 105 -17.66 64.43 13.16
C THR G 105 -17.27 64.42 11.72
N ALA G 106 -17.65 65.41 10.95
CA ALA G 106 -17.54 65.34 9.49
C ALA G 106 -16.15 65.32 8.92
N THR G 107 -15.14 65.78 9.64
CA THR G 107 -13.76 65.72 9.20
C THR G 107 -12.93 64.71 9.97
N ASN G 108 -13.52 63.97 10.92
CA ASN G 108 -12.89 62.93 11.69
C ASN G 108 -12.94 61.53 11.05
N THR G 109 -11.82 61.09 10.47
CA THR G 109 -11.79 59.87 9.68
C THR G 109 -12.07 58.64 10.49
N SER G 110 -11.89 58.71 11.77
CA SER G 110 -12.20 57.52 12.55
C SER G 110 -13.67 57.44 13.01
N ALA G 111 -14.47 58.46 12.77
CA ALA G 111 -15.88 58.44 13.16
C ALA G 111 -16.88 58.22 11.96
N ASN G 112 -16.34 57.90 10.78
CA ASN G 112 -17.08 57.68 9.60
C ASN G 112 -16.66 56.39 8.85
N LYS G 113 -17.62 55.88 8.08
CA LYS G 113 -17.42 54.77 7.20
C LYS G 113 -18.26 55.04 5.96
N VAL G 114 -17.62 55.75 5.04
CA VAL G 114 -18.24 56.13 3.83
C VAL G 114 -17.18 56.58 2.80
N VAL G 115 -17.40 56.16 1.55
CA VAL G 115 -16.54 56.56 0.48
C VAL G 115 -17.38 57.07 -0.68
N ALA G 116 -16.94 58.15 -1.30
CA ALA G 116 -17.74 58.82 -2.29
C ALA G 116 -16.91 59.47 -3.39
N VAL G 117 -17.57 59.70 -4.52
CA VAL G 117 -17.04 60.57 -5.52
C VAL G 117 -18.03 61.70 -5.58
N GLU G 118 -17.54 62.91 -5.27
CA GLU G 118 -18.42 64.08 -5.07
C GLU G 118 -18.30 65.05 -6.23
N PHE G 119 -19.49 65.57 -6.60
CA PHE G 119 -19.66 66.66 -7.52
C PHE G 119 -20.15 67.87 -6.71
N ASP G 120 -19.19 68.73 -6.37
CA ASP G 120 -19.36 69.77 -5.37
C ASP G 120 -19.48 71.15 -5.98
N THR G 121 -20.68 71.72 -5.88
CA THR G 121 -21.02 72.99 -6.53
C THR G 121 -20.83 74.21 -5.63
N TRP G 122 -20.57 73.97 -4.35
CA TRP G 122 -20.48 75.07 -3.35
C TRP G 122 -19.16 74.99 -2.52
N VAL G 123 -18.35 76.04 -2.65
CA VAL G 123 -17.10 76.13 -1.96
C VAL G 123 -17.41 76.44 -0.50
N ASN G 124 -17.10 75.54 0.41
CA ASN G 124 -17.43 75.71 1.83
C ASN G 124 -16.25 76.34 2.51
N THR G 125 -16.54 77.43 3.17
CA THR G 125 -15.55 78.10 3.97
C THR G 125 -15.28 77.33 5.30
N GLU G 126 -16.24 76.55 5.76
CA GLU G 126 -16.19 75.92 7.10
C GLU G 126 -15.10 74.86 7.24
N TRP G 127 -14.66 74.21 6.16
CA TRP G 127 -13.53 73.31 6.18
C TRP G 127 -12.59 73.67 5.01
N LYS G 128 -12.56 74.98 4.69
CA LYS G 128 -11.56 75.61 3.81
C LYS G 128 -11.29 74.79 2.55
N GLU G 129 -12.32 74.42 1.82
CA GLU G 129 -12.21 73.69 0.55
C GLU G 129 -11.49 74.56 -0.45
N PRO G 130 -10.86 73.95 -1.47
CA PRO G 130 -10.24 74.79 -2.54
C PRO G 130 -11.22 75.77 -3.26
N ARG G 131 -10.69 76.86 -3.82
CA ARG G 131 -11.51 78.01 -4.21
C ARG G 131 -12.04 77.92 -5.62
N TYR G 132 -12.76 76.83 -5.83
CA TYR G 132 -13.40 76.53 -7.07
C TYR G 132 -14.30 75.32 -6.87
N ARG G 133 -15.31 75.19 -7.75
CA ARG G 133 -16.16 74.05 -7.73
C ARG G 133 -15.30 72.87 -8.18
N HIS G 134 -15.63 71.69 -7.69
CA HIS G 134 -14.68 70.65 -7.79
C HIS G 134 -15.32 69.33 -7.72
N ILE G 135 -14.62 68.33 -8.28
CA ILE G 135 -14.95 66.92 -8.19
C ILE G 135 -13.89 66.28 -7.34
N GLY G 136 -14.26 65.34 -6.50
CA GLY G 136 -13.36 64.89 -5.46
C GLY G 136 -13.65 63.49 -4.99
N ILE G 137 -12.65 62.85 -4.40
CA ILE G 137 -12.83 61.56 -3.81
C ILE G 137 -12.78 61.74 -2.30
N ASP G 138 -13.83 61.28 -1.61
CA ASP G 138 -13.94 61.36 -0.16
C ASP G 138 -13.72 59.99 0.49
N VAL G 139 -12.90 59.94 1.56
CA VAL G 139 -12.66 58.76 2.33
C VAL G 139 -12.79 59.11 3.80
N ASN G 140 -13.96 58.81 4.30
CA ASN G 140 -14.36 59.05 5.67
C ASN G 140 -14.30 60.47 6.19
N SER G 141 -14.39 61.44 5.30
CA SER G 141 -14.35 62.84 5.68
C SER G 141 -14.93 63.63 4.59
N ILE G 142 -15.60 64.71 4.94
CA ILE G 142 -16.09 65.66 3.94
C ILE G 142 -14.94 66.44 3.24
N VAL G 143 -13.75 66.47 3.85
CA VAL G 143 -12.52 66.97 3.19
C VAL G 143 -11.90 65.96 2.26
N SER G 144 -12.08 66.18 0.98
CA SER G 144 -11.64 65.24 -0.06
C SER G 144 -10.14 64.99 0.02
N VAL G 145 -9.77 63.72 -0.01
CA VAL G 145 -8.39 63.34 -0.03
C VAL G 145 -7.78 63.53 -1.41
N ARG G 146 -8.60 63.62 -2.44
CA ARG G 146 -8.08 64.00 -3.72
C ARG G 146 -9.15 64.77 -4.44
N VAL G 147 -8.77 65.90 -5.01
CA VAL G 147 -9.76 66.87 -5.50
C VAL G 147 -9.25 67.58 -6.74
N THR G 148 -10.15 67.86 -7.69
CA THR G 148 -9.78 68.57 -8.91
C THR G 148 -10.84 69.60 -9.30
N ARG G 149 -10.37 70.60 -10.03
CA ARG G 149 -11.19 71.70 -10.44
C ARG G 149 -12.19 71.20 -11.44
N TRP G 150 -13.44 71.59 -11.23
CA TRP G 150 -14.59 71.28 -12.07
C TRP G 150 -14.95 72.59 -12.72
N GLN G 151 -14.79 72.71 -14.03
CA GLN G 151 -14.96 73.98 -14.72
C GLN G 151 -16.40 74.44 -14.59
N ASP G 152 -16.58 75.72 -14.39
CA ASP G 152 -17.92 76.29 -14.28
C ASP G 152 -18.68 76.18 -15.64
N LYS G 153 -17.95 76.29 -16.74
CA LYS G 153 -18.55 76.08 -18.07
C LYS G 153 -19.39 74.76 -18.08
N ASP G 154 -18.83 73.73 -17.44
CA ASP G 154 -19.41 72.43 -17.36
C ASP G 154 -20.48 72.33 -16.28
N VAL G 155 -20.26 72.94 -15.15
CA VAL G 155 -21.25 72.87 -14.06
C VAL G 155 -22.55 73.40 -14.54
N PHE G 156 -22.51 74.60 -15.10
CA PHE G 156 -23.70 75.32 -15.54
C PHE G 156 -24.19 74.96 -16.96
N SER G 157 -23.54 74.00 -17.65
CA SER G 157 -23.86 73.68 -19.05
C SER G 157 -25.26 73.08 -19.27
N ARG G 158 -25.76 72.45 -18.22
CA ARG G 158 -27.00 71.70 -18.29
C ARG G 158 -26.93 70.61 -19.34
N SER G 159 -25.73 70.07 -19.61
CA SER G 159 -25.55 68.92 -20.46
C SER G 159 -25.81 67.69 -19.57
N ILE G 160 -26.05 66.60 -20.29
CA ILE G 160 -26.09 65.25 -19.76
C ILE G 160 -24.63 64.81 -19.75
N ALA G 161 -24.12 64.69 -18.54
CA ALA G 161 -22.74 64.32 -18.34
C ALA G 161 -22.61 62.91 -17.90
N THR G 162 -21.43 62.35 -18.13
CA THR G 162 -21.18 60.95 -17.87
C THR G 162 -20.03 60.83 -16.88
N ALA G 163 -20.23 59.99 -15.85
CA ALA G 163 -19.25 59.58 -14.86
C ALA G 163 -18.97 58.08 -15.04
N HIS G 164 -17.71 57.72 -14.92
CA HIS G 164 -17.29 56.32 -14.90
C HIS G 164 -16.52 56.19 -13.58
N VAL G 165 -16.92 55.33 -12.66
CA VAL G 165 -16.19 55.12 -11.42
C VAL G 165 -15.80 53.68 -11.36
N GLY G 166 -14.55 53.40 -11.08
CA GLY G 166 -14.04 52.05 -11.05
C GLY G 166 -13.12 51.74 -9.88
N TYR G 167 -13.17 50.54 -9.34
CA TYR G 167 -12.28 50.14 -8.24
C TYR G 167 -11.51 48.88 -8.55
N ASP G 168 -10.19 48.96 -8.54
CA ASP G 168 -9.34 47.83 -8.89
C ASP G 168 -8.95 47.22 -7.55
N GLY G 169 -9.48 46.02 -7.27
CA GLY G 169 -9.34 45.38 -6.01
C GLY G 169 -7.99 44.77 -5.71
N ILE G 170 -7.16 44.61 -6.75
CA ILE G 170 -5.78 44.14 -6.61
C ILE G 170 -4.90 45.32 -6.22
N SER G 171 -4.86 46.37 -7.03
CA SER G 171 -3.99 47.51 -6.72
C SER G 171 -4.60 48.47 -5.67
N LYS G 172 -5.89 48.30 -5.35
CA LYS G 172 -6.58 49.05 -4.29
C LYS G 172 -6.71 50.51 -4.69
N ILE G 173 -7.29 50.78 -5.88
CA ILE G 173 -7.35 52.09 -6.49
C ILE G 173 -8.76 52.40 -7.00
N LEU G 174 -9.35 53.45 -6.44
CA LEU G 174 -10.60 54.02 -6.88
C LEU G 174 -10.27 55.14 -7.88
N THR G 175 -11.03 55.16 -8.97
CA THR G 175 -10.77 56.09 -10.06
C THR G 175 -12.09 56.61 -10.64
N ALA G 176 -12.12 57.89 -10.96
CA ALA G 176 -13.30 58.47 -11.60
C ALA G 176 -12.84 59.17 -12.87
N PHE G 177 -13.52 58.88 -13.98
CA PHE G 177 -13.46 59.65 -15.20
C PHE G 177 -14.79 60.34 -15.36
N VAL G 178 -14.79 61.62 -15.65
CA VAL G 178 -16.03 62.36 -15.87
C VAL G 178 -15.89 63.08 -17.21
N THR G 179 -16.93 63.02 -18.02
CA THR G 179 -16.91 63.62 -19.33
C THR G 179 -18.15 64.46 -19.61
N TYR G 180 -17.95 65.51 -20.40
CA TYR G 180 -19.02 66.41 -20.81
C TYR G 180 -19.07 66.46 -22.40
N PRO G 181 -20.23 66.33 -23.01
CA PRO G 181 -20.21 66.42 -24.52
C PRO G 181 -19.72 67.77 -25.03
N ASP G 182 -18.65 67.85 -25.84
CA ASP G 182 -17.97 69.15 -26.17
C ASP G 182 -17.55 69.97 -24.95
N GLY G 183 -17.20 69.31 -23.86
CA GLY G 183 -16.77 70.03 -22.66
C GLY G 183 -15.58 69.35 -22.09
N GLY G 184 -15.45 69.51 -20.81
CA GLY G 184 -14.28 69.00 -20.13
C GLY G 184 -14.30 67.52 -19.85
N ASN G 185 -13.09 67.00 -19.56
CA ASN G 185 -12.82 65.64 -19.08
C ASN G 185 -12.00 65.70 -17.80
N TYR G 186 -12.39 64.90 -16.83
CA TYR G 186 -11.80 64.95 -15.52
C TYR G 186 -11.34 63.57 -15.15
N VAL G 187 -10.23 63.46 -14.40
CA VAL G 187 -9.64 62.20 -13.99
C VAL G 187 -9.11 62.32 -12.57
N LEU G 188 -9.55 61.44 -11.69
CA LEU G 188 -9.06 61.37 -10.32
C LEU G 188 -8.79 59.96 -9.99
N SER G 189 -7.72 59.69 -9.26
CA SER G 189 -7.45 58.39 -8.73
C SER G 189 -6.90 58.47 -7.27
N HIS G 190 -7.20 57.46 -6.47
CA HIS G 190 -6.70 57.40 -5.15
C HIS G 190 -6.51 55.98 -4.68
N VAL G 191 -5.38 55.73 -4.01
CA VAL G 191 -5.09 54.43 -3.39
C VAL G 191 -5.91 54.38 -2.10
N VAL G 192 -6.82 53.41 -1.99
CA VAL G 192 -7.64 53.21 -0.81
C VAL G 192 -8.14 51.77 -0.74
N ASP G 193 -7.97 51.14 0.42
CA ASP G 193 -8.39 49.71 0.61
C ASP G 193 -9.84 49.67 1.13
N LEU G 194 -10.80 49.55 0.18
CA LEU G 194 -12.22 49.56 0.50
C LEU G 194 -12.59 48.32 1.34
N ALA G 195 -11.98 47.14 1.08
CA ALA G 195 -12.26 45.91 1.86
C ALA G 195 -11.93 46.08 3.36
N GLU G 196 -10.92 46.89 3.62
CA GLU G 196 -10.49 47.18 4.97
C GLU G 196 -11.37 48.22 5.69
N ILE G 197 -11.89 49.18 4.98
CA ILE G 197 -12.89 50.10 5.56
C ILE G 197 -14.27 49.45 5.75
N PHE G 198 -14.66 48.65 4.78
CA PHE G 198 -15.95 47.93 4.77
C PHE G 198 -15.76 46.40 4.81
N PRO G 199 -15.47 45.84 6.01
CA PRO G 199 -15.34 44.40 6.08
C PRO G 199 -16.65 43.65 5.83
N GLY G 200 -17.82 44.28 5.99
CA GLY G 200 -19.11 43.61 5.85
C GLY G 200 -19.85 44.01 4.58
N ASP G 201 -21.15 44.18 4.72
CA ASP G 201 -22.01 44.59 3.59
C ASP G 201 -21.88 46.06 3.31
N VAL G 202 -22.18 46.45 2.06
CA VAL G 202 -22.35 47.84 1.63
C VAL G 202 -23.50 47.99 0.60
N ARG G 203 -23.96 49.24 0.44
CA ARG G 203 -24.78 49.66 -0.69
C ARG G 203 -24.18 50.79 -1.46
N ILE G 204 -24.42 50.83 -2.74
CA ILE G 204 -23.98 51.94 -3.54
C ILE G 204 -25.21 52.75 -3.91
N GLY G 205 -25.03 54.02 -4.03
CA GLY G 205 -26.09 54.94 -4.40
C GLY G 205 -25.70 56.41 -4.48
N PHE G 206 -26.71 57.25 -4.62
CA PHE G 206 -26.48 58.67 -4.79
C PHE G 206 -27.03 59.43 -3.60
N SER G 207 -26.30 60.45 -3.20
CA SER G 207 -26.77 61.39 -2.17
C SER G 207 -26.68 62.78 -2.72
N GLY G 208 -27.77 63.52 -2.59
CA GLY G 208 -27.82 64.90 -3.01
C GLY G 208 -28.19 65.80 -1.85
N ALA G 209 -27.88 67.08 -1.96
CA ALA G 209 -28.19 68.00 -0.93
C ALA G 209 -28.24 69.41 -1.44
N THR G 210 -29.15 70.18 -0.81
CA THR G 210 -29.19 71.62 -0.83
C THR G 210 -29.02 72.11 0.59
N GLY G 211 -28.68 73.38 0.77
CA GLY G 211 -28.27 74.28 -0.31
C GLY G 211 -29.38 75.17 -0.83
N GLN G 212 -29.31 75.45 -2.13
CA GLN G 212 -30.15 76.43 -2.78
C GLN G 212 -29.98 76.40 -4.28
N TYR G 213 -31.08 76.70 -4.99
CA TYR G 213 -31.10 76.86 -6.44
C TYR G 213 -30.58 75.67 -7.29
N GLU G 214 -30.67 74.46 -6.78
CA GLU G 214 -30.06 73.33 -7.46
C GLU G 214 -30.87 72.08 -7.24
N THR G 215 -31.04 71.37 -8.36
CA THR G 215 -31.57 70.01 -8.37
C THR G 215 -30.64 69.14 -9.20
N GLN G 216 -30.42 67.92 -8.68
CA GLN G 216 -29.52 66.93 -9.27
C GLN G 216 -30.33 65.71 -9.74
N TYR G 217 -30.16 65.36 -10.99
CA TYR G 217 -30.93 64.31 -11.65
C TYR G 217 -29.94 63.27 -12.17
N ILE G 218 -30.28 62.00 -11.97
CA ILE G 218 -29.52 60.90 -12.52
C ILE G 218 -30.42 60.26 -13.59
N HIS G 219 -29.90 60.19 -14.82
CA HIS G 219 -30.65 59.85 -15.99
C HIS G 219 -30.48 58.39 -16.35
N SER G 220 -29.32 57.81 -16.03
CA SER G 220 -29.05 56.41 -16.37
C SER G 220 -28.05 55.87 -15.39
N TRP G 221 -27.93 54.56 -15.21
CA TRP G 221 -26.96 54.00 -14.25
C TRP G 221 -26.78 52.54 -14.46
N SER G 222 -25.53 52.09 -14.59
CA SER G 222 -25.21 50.65 -14.64
C SER G 222 -24.04 50.35 -13.71
N PHE G 223 -23.98 49.09 -13.26
CA PHE G 223 -22.98 48.64 -12.29
C PHE G 223 -22.65 47.19 -12.62
N SER G 224 -21.35 46.83 -12.52
CA SER G 224 -20.89 45.45 -12.52
C SER G 224 -19.70 45.34 -11.50
N SER G 225 -19.84 44.39 -10.58
CA SER G 225 -18.76 43.93 -9.74
C SER G 225 -18.42 42.46 -10.08
N THR G 226 -17.13 42.15 -9.99
CA THR G 226 -16.60 40.79 -10.14
C THR G 226 -15.49 40.52 -9.14
N SER G 227 -15.26 39.24 -8.91
CA SER G 227 -14.23 38.79 -7.98
C SER G 227 -12.87 38.96 -8.67
N THR G 228 -11.81 39.16 -7.89
CA THR G 228 -10.45 39.23 -8.40
C THR G 228 -9.71 37.86 -8.27
N ASN G 229 -10.31 36.81 -8.86
CA ASN G 229 -9.84 35.43 -8.64
C ASN G 229 -9.99 34.61 -9.93
C ACE H 1 -19.30 83.61 1.40
O ACE H 1 -19.65 84.71 1.82
CH3 ACE H 1 -19.27 83.26 -0.09
N GLY H 2 -18.94 82.60 2.14
CA GLY H 2 -18.76 82.74 3.56
C GLY H 2 -19.12 81.43 4.15
N VAL H 3 -19.02 81.41 5.45
CA VAL H 3 -19.51 80.41 6.33
C VAL H 3 -21.00 80.58 6.27
N THR H 4 -21.66 79.48 6.15
CA THR H 4 -23.11 79.47 6.13
C THR H 4 -23.79 78.61 7.19
N SER H 5 -23.10 77.65 7.80
CA SER H 5 -23.60 76.86 8.97
C SER H 5 -22.53 76.39 9.97
N ALA H 6 -22.97 76.24 11.23
CA ALA H 6 -22.72 74.91 11.98
C ALA H 6 -21.41 75.01 12.70
N SER I 1 -40.18 4.21 20.92
CA SER I 1 -40.23 2.89 20.20
C SER I 1 -39.69 3.06 18.78
N GLU I 2 -39.58 1.93 18.08
CA GLU I 2 -39.04 1.86 16.70
C GLU I 2 -40.15 1.65 15.68
N LEU I 3 -40.22 2.57 14.72
CA LEU I 3 -41.24 2.52 13.69
C LEU I 3 -40.66 3.14 12.47
N SER I 4 -40.97 2.60 11.30
CA SER I 4 -40.60 3.25 10.07
C SER I 4 -41.62 2.98 9.01
N PHE I 5 -41.81 3.96 8.12
CA PHE I 5 -42.67 3.82 6.94
C PHE I 5 -42.16 4.70 5.80
N ASN I 6 -42.67 4.38 4.61
CA ASN I 6 -42.24 5.03 3.41
C ASN I 6 -43.39 5.09 2.38
N TYR I 7 -43.70 6.32 1.93
CA TYR I 7 -44.63 6.59 0.84
C TYR I 7 -43.89 7.44 -0.21
N PRO I 8 -43.29 6.81 -1.27
CA PRO I 8 -42.56 7.57 -2.35
C PRO I 8 -43.48 8.50 -3.10
N ASN I 9 -44.73 8.04 -3.25
CA ASN I 9 -45.92 8.83 -3.52
C ASN I 9 -47.08 8.30 -2.64
N PHE I 10 -48.33 8.73 -2.86
CA PHE I 10 -49.52 8.19 -2.14
C PHE I 10 -50.50 7.48 -3.05
N GLN I 11 -49.97 6.68 -3.96
CA GLN I 11 -50.80 5.87 -4.85
C GLN I 11 -51.65 4.88 -4.04
N SER I 12 -51.01 4.32 -3.00
CA SER I 12 -51.65 3.59 -1.93
C SER I 12 -51.64 4.56 -0.72
N VAL I 13 -52.72 4.52 0.06
CA VAL I 13 -52.85 5.33 1.28
C VAL I 13 -53.20 4.43 2.42
N GLU I 14 -52.45 3.33 2.52
CA GLU I 14 -52.91 2.18 3.31
C GLU I 14 -52.98 2.48 4.80
N ASP I 15 -51.93 2.99 5.40
CA ASP I 15 -52.04 3.17 6.84
C ASP I 15 -52.22 4.63 7.15
N ILE I 16 -53.03 5.35 6.37
CA ILE I 16 -53.30 6.77 6.61
C ILE I 16 -54.73 6.93 7.04
N THR I 17 -54.93 7.60 8.19
CA THR I 17 -56.27 7.95 8.70
C THR I 17 -56.61 9.41 8.33
N PHE I 18 -57.67 9.57 7.53
CA PHE I 18 -58.22 10.88 7.13
C PHE I 18 -59.37 11.29 8.01
N GLN I 19 -59.36 12.55 8.41
CA GLN I 19 -60.41 13.13 9.23
C GLN I 19 -60.70 14.55 8.74
N GLY I 20 -61.92 15.03 8.98
CA GLY I 20 -62.34 16.37 8.58
C GLY I 20 -62.36 16.50 7.08
N GLY I 21 -61.78 17.55 6.55
CA GLY I 21 -61.72 17.75 5.08
C GLY I 21 -60.53 17.14 4.31
N ALA I 22 -59.67 16.40 4.97
CA ALA I 22 -58.58 15.76 4.25
C ALA I 22 -59.08 14.55 3.44
N SER I 23 -58.42 14.31 2.31
CA SER I 23 -58.72 13.13 1.48
C SER I 23 -57.56 12.88 0.49
N PRO I 24 -57.48 11.67 -0.08
CA PRO I 24 -56.41 11.42 -1.06
C PRO I 24 -56.81 12.02 -2.41
N ARG I 25 -55.85 12.42 -3.21
CA ARG I 25 -56.14 13.01 -4.50
C ARG I 25 -54.91 12.98 -5.42
N ASN I 26 -55.05 12.43 -6.61
CA ASN I 26 -53.96 12.35 -7.60
C ASN I 26 -52.68 11.93 -7.03
N GLU I 27 -52.73 10.85 -6.25
CA GLU I 27 -51.54 10.30 -5.59
C GLU I 27 -50.84 11.26 -4.58
N THR I 28 -51.66 12.04 -3.87
CA THR I 28 -51.19 12.91 -2.81
C THR I 28 -52.18 12.98 -1.67
N LEU I 29 -51.74 13.54 -0.53
CA LEU I 29 -52.64 13.91 0.55
C LEU I 29 -53.14 15.35 0.39
N GLN I 30 -54.43 15.52 0.16
CA GLN I 30 -55.07 16.84 0.13
C GLN I 30 -55.60 17.11 1.52
N LEU I 31 -55.03 18.09 2.19
CA LEU I 31 -55.32 18.30 3.59
C LEU I 31 -56.56 19.07 3.83
N THR I 32 -56.94 19.97 2.91
CA THR I 32 -58.19 20.77 2.98
C THR I 32 -59.05 20.61 1.72
N PRO I 33 -60.39 20.64 1.87
CA PRO I 33 -61.23 20.20 0.74
C PRO I 33 -61.40 21.28 -0.32
N THR I 34 -61.81 20.83 -1.51
CA THR I 34 -62.18 21.70 -2.62
C THR I 34 -63.57 21.33 -3.08
N ASP I 35 -64.31 22.30 -3.60
CA ASP I 35 -65.72 22.09 -4.10
C ASP I 35 -65.72 21.45 -5.50
N SER I 36 -66.88 21.30 -6.11
CA SER I 36 -67.02 20.65 -7.46
C SER I 36 -66.20 21.31 -8.61
N ASN I 37 -65.88 22.60 -8.49
CA ASN I 37 -64.99 23.31 -9.45
C ASN I 37 -63.52 23.37 -9.05
N GLY I 38 -63.09 22.65 -8.03
CA GLY I 38 -61.71 22.71 -7.56
C GLY I 38 -61.33 23.93 -6.71
N ILE I 39 -62.32 24.74 -6.34
CA ILE I 39 -62.09 25.94 -5.53
C ILE I 39 -62.00 25.57 -4.05
N PRO I 40 -60.93 26.02 -3.36
CA PRO I 40 -60.77 25.75 -1.92
C PRO I 40 -61.88 26.25 -1.05
N ILE I 41 -62.34 25.45 -0.12
CA ILE I 41 -63.49 25.82 0.69
C ILE I 41 -62.98 26.54 1.94
N ARG I 42 -63.63 27.65 2.25
CA ARG I 42 -63.32 28.50 3.41
C ARG I 42 -63.60 27.74 4.72
N GLN I 43 -62.82 28.07 5.75
CA GLN I 43 -63.07 27.60 7.11
C GLN I 43 -63.23 26.07 7.28
N ARG I 44 -62.22 25.35 6.82
CA ARG I 44 -62.15 23.89 7.00
C ARG I 44 -60.78 23.46 7.47
N ALA I 45 -60.73 22.33 8.17
CA ALA I 45 -59.49 21.73 8.64
C ALA I 45 -59.51 20.27 8.29
N GLY I 46 -58.36 19.71 8.02
CA GLY I 46 -58.28 18.28 7.78
C GLY I 46 -57.01 17.70 8.33
N HIS I 47 -57.08 16.43 8.75
CA HIS I 47 -55.92 15.68 9.29
C HIS I 47 -55.64 14.46 8.44
N ALA I 48 -54.39 14.24 8.04
CA ALA I 48 -53.99 12.98 7.46
C ALA I 48 -52.91 12.47 8.39
N VAL I 49 -53.19 11.47 9.21
CA VAL I 49 -52.20 10.91 10.17
C VAL I 49 -51.84 9.44 9.84
N TYR I 50 -50.58 9.06 10.13
CA TYR I 50 -50.14 7.68 10.12
C TYR I 50 -50.85 6.98 11.30
N SER I 51 -51.63 5.94 11.02
CA SER I 51 -52.57 5.38 12.01
C SER I 51 -51.95 4.63 13.16
N GLN I 52 -50.70 4.13 13.00
CA GLN I 52 -49.98 3.37 14.05
C GLN I 52 -49.36 4.27 15.10
N PRO I 53 -49.77 4.13 16.36
CA PRO I 53 -49.11 4.91 17.40
C PRO I 53 -47.66 4.50 17.61
N PHE I 54 -46.91 5.34 18.32
CA PHE I 54 -45.58 4.97 18.80
C PHE I 54 -45.24 5.78 20.06
N GLN I 55 -44.13 5.45 20.73
CA GLN I 55 -43.72 6.16 21.98
C GLN I 55 -42.45 6.95 21.72
N LEU I 56 -42.24 7.95 22.55
CA LEU I 56 -41.09 8.83 22.43
C LEU I 56 -40.06 8.65 23.53
N ARG I 57 -40.30 7.84 24.55
CA ARG I 57 -39.27 7.72 25.55
C ARG I 57 -38.03 7.08 24.97
N ASP I 58 -36.86 7.66 25.21
CA ASP I 58 -35.57 7.20 24.67
C ASP I 58 -35.56 6.95 23.19
N THR I 59 -35.98 7.95 22.45
CA THR I 59 -36.23 7.86 21.02
C THR I 59 -35.70 9.06 20.26
N SER I 60 -35.02 8.78 19.14
CA SER I 60 -34.74 9.76 18.10
C SER I 60 -35.57 9.43 16.87
N PHE I 61 -35.92 10.43 16.07
CA PHE I 61 -36.57 10.21 14.78
C PHE I 61 -36.08 11.17 13.72
N TYR I 62 -36.28 10.78 12.46
CA TYR I 62 -36.10 11.61 11.25
C TYR I 62 -37.28 11.34 10.33
N THR I 63 -37.84 12.38 9.77
CA THR I 63 -38.94 12.23 8.83
C THR I 63 -38.77 13.29 7.75
N THR I 64 -39.02 12.94 6.51
CA THR I 64 -38.92 13.87 5.38
C THR I 64 -40.20 13.73 4.56
N PHE I 65 -40.61 14.84 3.97
CA PHE I 65 -41.76 14.86 3.11
C PHE I 65 -41.63 15.93 2.08
N THR I 66 -42.26 15.71 0.94
CA THR I 66 -42.42 16.73 -0.09
C THR I 66 -43.87 17.28 -0.10
N PHE I 67 -43.99 18.57 -0.43
CA PHE I 67 -45.22 19.28 -0.37
C PHE I 67 -45.34 20.40 -1.40
N VAL I 68 -46.60 20.67 -1.75
CA VAL I 68 -46.97 21.77 -2.61
C VAL I 68 -48.07 22.56 -1.96
N ILE I 69 -47.92 23.88 -1.96
CA ILE I 69 -48.99 24.81 -1.58
C ILE I 69 -49.50 25.37 -2.90
N ARG I 70 -50.79 25.16 -3.15
CA ARG I 70 -51.46 25.72 -4.30
C ARG I 70 -52.33 26.88 -3.81
N THR I 71 -52.07 28.07 -4.39
CA THR I 71 -52.82 29.28 -4.05
C THR I 71 -53.59 29.82 -5.22
N THR I 72 -54.83 30.21 -4.98
CA THR I 72 -55.67 30.79 -6.06
C THR I 72 -55.76 32.30 -6.00
N SER I 73 -55.16 33.00 -5.02
CA SER I 73 -54.93 34.46 -5.10
C SER I 73 -53.91 35.01 -4.05
N ASN I 74 -53.86 36.34 -3.91
CA ASN I 74 -53.00 37.10 -3.00
C ASN I 74 -52.76 36.70 -1.60
N SER I 75 -53.84 36.32 -0.90
CA SER I 75 -53.87 36.36 0.54
C SER I 75 -54.29 35.02 1.10
N PRO I 76 -53.52 33.96 0.79
CA PRO I 76 -53.93 32.64 1.17
C PRO I 76 -53.83 32.39 2.67
N ALA I 77 -54.66 31.46 3.13
CA ALA I 77 -54.68 31.09 4.52
C ALA I 77 -55.17 29.63 4.64
N ASP I 78 -54.74 28.89 5.68
CA ASP I 78 -53.88 29.37 6.76
C ASP I 78 -52.52 28.71 6.81
N GLY I 79 -52.35 27.63 6.05
CA GLY I 79 -51.15 26.82 6.10
C GLY I 79 -51.39 25.38 6.57
N PHE I 80 -50.31 24.69 6.89
CA PHE I 80 -50.39 23.34 7.40
C PHE I 80 -49.21 23.08 8.29
N ALA I 81 -49.28 21.94 8.98
CA ALA I 81 -48.25 21.55 9.95
C ALA I 81 -48.05 20.05 9.99
N ILE I 82 -46.81 19.63 10.22
CA ILE I 82 -46.57 18.26 10.63
C ILE I 82 -46.55 18.26 12.15
N PHE I 83 -47.29 17.35 12.75
CA PHE I 83 -47.55 17.40 14.20
C PHE I 83 -47.56 16.07 14.88
N ILE I 84 -47.29 16.09 16.16
CA ILE I 84 -47.27 14.95 17.02
C ILE I 84 -48.24 15.22 18.17
N ALA I 85 -49.10 14.26 18.44
CA ALA I 85 -50.12 14.41 19.48
C ALA I 85 -50.60 13.06 19.93
N PRO I 86 -51.39 12.99 21.04
CA PRO I 86 -51.93 11.69 21.40
C PRO I 86 -52.83 11.06 20.33
N PRO I 87 -53.08 9.75 20.45
CA PRO I 87 -53.80 9.03 19.36
C PRO I 87 -55.26 9.45 19.15
N ASP I 88 -55.90 9.90 20.21
CA ASP I 88 -57.31 10.32 20.19
C ASP I 88 -57.50 11.81 19.86
N PHE I 89 -56.52 12.44 19.23
CA PHE I 89 -56.53 13.89 19.01
C PHE I 89 -57.51 14.24 17.89
N PRO I 90 -58.57 15.02 18.21
CA PRO I 90 -59.55 15.38 17.18
C PRO I 90 -59.02 16.46 16.22
N VAL I 91 -59.74 16.66 15.12
CA VAL I 91 -59.55 17.81 14.26
C VAL I 91 -60.12 18.98 15.07
N LYS I 92 -59.29 20.01 15.30
CA LYS I 92 -59.65 21.19 16.11
C LYS I 92 -59.93 22.34 15.18
N ARG I 93 -59.93 23.57 15.69
CA ARG I 93 -60.50 24.65 14.91
C ARG I 93 -59.72 24.94 13.60
N TYR I 94 -60.51 25.18 12.56
CA TYR I 94 -60.06 25.80 11.29
C TYR I 94 -59.43 27.21 11.45
N GLY I 95 -59.02 27.81 10.33
CA GLY I 95 -58.40 29.10 10.35
C GLY I 95 -56.97 29.06 10.85
N GLY I 96 -56.57 30.10 11.58
CA GLY I 96 -55.18 30.25 12.02
C GLY I 96 -54.80 29.31 13.15
N TYR I 97 -55.78 28.64 13.71
CA TYR I 97 -55.52 27.56 14.66
C TYR I 97 -54.93 26.28 13.98
N LEU I 98 -54.96 26.22 12.63
CA LEU I 98 -54.35 25.16 11.82
C LEU I 98 -54.89 23.75 12.04
N GLY I 99 -56.12 23.66 12.59
CA GLY I 99 -56.68 22.38 13.01
C GLY I 99 -56.03 21.75 14.24
N LEU I 100 -55.27 22.53 15.03
CA LEU I 100 -54.53 22.00 16.17
C LEU I 100 -54.90 22.56 17.53
N PHE I 101 -55.67 23.62 17.57
CA PHE I 101 -56.04 24.25 18.82
C PHE I 101 -57.48 24.71 18.80
N GLU I 102 -57.98 25.01 19.98
CA GLU I 102 -59.32 25.62 20.17
C GLU I 102 -59.11 27.08 20.64
N PRO I 103 -60.01 28.01 20.26
CA PRO I 103 -59.82 29.46 20.57
C PRO I 103 -59.58 29.79 22.03
N ASN I 104 -60.42 29.24 22.90
CA ASN I 104 -60.25 29.39 24.34
C ASN I 104 -58.86 29.26 24.93
N THR I 105 -58.14 28.27 24.45
CA THR I 105 -56.97 27.73 25.10
C THR I 105 -55.70 27.78 24.22
N ALA I 106 -55.79 28.38 23.05
CA ALA I 106 -54.78 28.20 22.01
C ALA I 106 -53.36 28.69 22.33
N THR I 107 -53.23 29.61 23.31
CA THR I 107 -51.92 30.13 23.75
C THR I 107 -51.55 29.68 25.15
N ASN I 108 -52.40 28.88 25.76
CA ASN I 108 -52.15 28.34 27.09
C ASN I 108 -51.38 26.99 27.02
N THR I 109 -50.07 27.03 27.32
CA THR I 109 -49.21 25.84 27.21
C THR I 109 -49.54 24.72 28.16
N SER I 110 -50.24 25.02 29.26
CA SER I 110 -50.73 23.95 30.17
C SER I 110 -52.16 23.35 29.87
N ALA I 111 -52.80 23.77 28.78
CA ALA I 111 -54.06 23.17 28.32
C ALA I 111 -53.93 22.40 27.00
N ASN I 112 -52.71 22.22 26.50
CA ASN I 112 -52.47 21.56 25.25
C ASN I 112 -51.37 20.53 25.39
N LYS I 113 -51.45 19.54 24.52
CA LYS I 113 -50.38 18.55 24.34
C LYS I 113 -50.26 18.29 22.83
N VAL I 114 -49.41 19.09 22.18
CA VAL I 114 -49.14 18.98 20.78
C VAL I 114 -47.90 19.75 20.42
N VAL I 115 -47.13 19.15 19.53
CA VAL I 115 -45.94 19.74 19.01
C VAL I 115 -45.97 19.66 17.50
N ALA I 116 -45.52 20.72 16.83
CA ALA I 116 -45.65 20.82 15.39
C ALA I 116 -44.57 21.64 14.74
N VAL I 117 -44.35 21.38 13.46
CA VAL I 117 -43.61 22.28 12.62
C VAL I 117 -44.63 22.85 11.63
N GLU I 118 -44.87 24.17 11.71
CA GLU I 118 -45.90 24.82 10.94
C GLU I 118 -45.31 25.56 9.77
N PHE I 119 -46.08 25.56 8.68
CA PHE I 119 -45.85 26.30 7.44
C PHE I 119 -47.03 27.27 7.30
N ASP I 120 -46.82 28.52 7.69
CA ASP I 120 -47.91 29.43 8.06
C ASP I 120 -48.00 30.52 7.02
N THR I 121 -49.08 30.50 6.26
CA THR I 121 -49.26 31.40 5.14
C THR I 121 -49.99 32.69 5.47
N TRP I 122 -50.54 32.78 6.68
CA TRP I 122 -51.40 33.90 7.06
C TRP I 122 -50.92 34.50 8.39
N VAL I 123 -50.59 35.78 8.33
CA VAL I 123 -50.21 36.53 9.52
C VAL I 123 -51.45 36.90 10.34
N ASN I 124 -51.58 36.26 11.49
CA ASN I 124 -52.74 36.45 12.35
C ASN I 124 -52.52 37.59 13.29
N THR I 125 -53.40 38.56 13.19
CA THR I 125 -53.36 39.69 14.11
C THR I 125 -53.80 39.33 15.58
N GLU I 126 -54.57 38.25 15.69
CA GLU I 126 -55.21 37.84 16.93
C GLU I 126 -54.24 37.45 18.02
N TRP I 127 -53.07 36.90 17.67
CA TRP I 127 -51.98 36.63 18.64
C TRP I 127 -50.65 37.21 18.15
N LYS I 128 -50.76 38.32 17.42
CA LYS I 128 -49.66 39.20 17.07
C LYS I 128 -48.44 38.46 16.54
N GLU I 129 -48.66 37.63 15.53
CA GLU I 129 -47.57 36.87 14.91
C GLU I 129 -46.62 37.83 14.20
N PRO I 130 -45.42 37.42 13.89
CA PRO I 130 -44.51 38.30 13.18
C PRO I 130 -44.98 38.59 11.79
N ARG I 131 -44.56 39.74 11.28
CA ARG I 131 -45.19 40.37 10.14
C ARG I 131 -44.63 39.84 8.78
N TYR I 132 -44.71 38.54 8.65
CA TYR I 132 -44.32 37.86 7.44
C TYR I 132 -44.77 36.43 7.57
N ARG I 133 -44.87 35.78 6.42
CA ARG I 133 -45.21 34.39 6.42
C ARG I 133 -44.00 33.68 6.98
N HIS I 134 -44.25 32.60 7.69
CA HIS I 134 -43.23 31.99 8.44
C HIS I 134 -43.38 30.46 8.60
N ILE I 135 -42.23 29.83 8.85
CA ILE I 135 -42.13 28.46 9.32
C ILE I 135 -41.78 28.56 10.76
N GLY I 136 -42.37 27.68 11.56
CA GLY I 136 -42.20 27.78 13.03
C GLY I 136 -42.38 26.47 13.77
N ILE I 137 -41.81 26.39 14.96
CA ILE I 137 -41.94 25.21 15.79
C ILE I 137 -42.90 25.59 16.89
N ASP I 138 -43.94 24.80 17.05
CA ASP I 138 -44.98 25.03 18.07
C ASP I 138 -44.93 23.98 19.16
N VAL I 139 -45.01 24.46 20.40
CA VAL I 139 -44.96 23.60 21.58
C VAL I 139 -46.11 24.00 22.46
N ASN I 140 -47.22 23.30 22.26
CA ASN I 140 -48.43 23.48 23.06
C ASN I 140 -49.13 24.82 22.95
N SER I 141 -48.82 25.58 21.94
CA SER I 141 -49.38 26.93 21.77
C SER I 141 -49.34 27.21 20.28
N ILE I 142 -50.36 27.91 19.79
CA ILE I 142 -50.32 28.44 18.44
C ILE I 142 -49.26 29.55 18.25
N VAL I 143 -48.82 30.18 19.34
CA VAL I 143 -47.64 31.04 19.33
C VAL I 143 -46.33 30.25 19.33
N SER I 144 -45.71 30.17 18.15
CA SER I 144 -44.48 29.44 17.93
C SER I 144 -43.37 29.88 18.88
N VAL I 145 -42.69 28.93 19.49
CA VAL I 145 -41.60 29.26 20.36
C VAL I 145 -40.34 29.56 19.56
N ARG I 146 -40.32 29.21 18.30
CA ARG I 146 -39.22 29.60 17.47
C ARG I 146 -39.79 29.73 16.06
N VAL I 147 -39.43 30.81 15.38
CA VAL I 147 -40.08 31.16 14.13
C VAL I 147 -39.10 31.85 13.16
N THR I 148 -39.17 31.56 11.88
CA THR I 148 -38.28 32.21 10.94
C THR I 148 -39.09 32.58 9.68
N ARG I 149 -38.60 33.61 8.99
CA ARG I 149 -39.23 34.13 7.82
C ARG I 149 -39.22 33.13 6.69
N TRP I 150 -40.38 33.00 6.04
CA TRP I 150 -40.62 32.09 4.94
C TRP I 150 -40.85 32.96 3.72
N GLN I 151 -39.88 33.01 2.81
CA GLN I 151 -39.88 33.99 1.73
C GLN I 151 -41.13 33.79 0.84
N ASP I 152 -41.77 34.91 0.45
CA ASP I 152 -42.98 34.84 -0.36
C ASP I 152 -42.65 34.24 -1.74
N LYS I 153 -41.47 34.54 -2.28
CA LYS I 153 -40.99 33.88 -3.51
C LYS I 153 -41.29 32.34 -3.45
N ASP I 154 -40.97 31.73 -2.32
CA ASP I 154 -41.05 30.31 -2.12
C ASP I 154 -42.49 29.85 -1.78
N VAL I 155 -43.21 30.63 -0.97
CA VAL I 155 -44.62 30.26 -0.64
C VAL I 155 -45.43 30.05 -1.95
N PHE I 156 -45.36 31.08 -2.81
CA PHE I 156 -46.13 31.16 -4.06
C PHE I 156 -45.41 30.51 -5.26
N SER I 157 -44.22 29.89 -5.08
CA SER I 157 -43.49 29.27 -6.24
C SER I 157 -44.28 28.11 -6.90
N ARG I 158 -45.14 27.45 -6.10
CA ARG I 158 -45.78 26.22 -6.51
C ARG I 158 -44.72 25.13 -6.88
N SER I 159 -43.55 25.13 -6.19
CA SER I 159 -42.60 24.06 -6.38
C SER I 159 -42.98 22.93 -5.47
N ILE I 160 -42.41 21.79 -5.78
CA ILE I 160 -42.40 20.68 -4.85
C ILE I 160 -41.21 20.94 -3.86
N ALA I 161 -41.58 21.17 -2.62
CA ALA I 161 -40.65 21.51 -1.60
C ALA I 161 -40.40 20.37 -0.71
N THR I 162 -39.23 20.37 -0.04
CA THR I 162 -38.85 19.31 0.83
C THR I 162 -38.63 19.78 2.25
N ALA I 163 -39.19 19.03 3.20
CA ALA I 163 -38.98 19.27 4.64
C ALA I 163 -38.26 18.06 5.24
N HIS I 164 -37.33 18.35 6.16
CA HIS I 164 -36.64 17.36 6.92
C HIS I 164 -36.94 17.74 8.35
N VAL I 165 -37.57 16.87 9.12
CA VAL I 165 -37.76 17.11 10.57
C VAL I 165 -37.06 16.00 11.37
N GLY I 166 -36.27 16.40 12.35
CA GLY I 166 -35.50 15.43 13.13
C GLY I 166 -35.43 15.76 14.61
N TYR I 167 -35.50 14.71 15.44
CA TYR I 167 -35.50 14.86 16.91
C TYR I 167 -34.33 14.04 17.43
N ASP I 168 -33.43 14.69 18.14
CA ASP I 168 -32.31 14.01 18.81
C ASP I 168 -32.74 13.78 20.25
N GLY I 169 -33.02 12.52 20.60
CA GLY I 169 -33.52 12.15 21.93
C GLY I 169 -32.55 12.32 23.08
N ILE I 170 -31.26 12.39 22.78
CA ILE I 170 -30.23 12.59 23.78
C ILE I 170 -30.16 14.06 24.14
N SER I 171 -29.93 14.93 23.16
CA SER I 171 -29.82 16.37 23.43
C SER I 171 -31.16 17.10 23.54
N LYS I 172 -32.26 16.42 23.19
CA LYS I 172 -33.63 16.90 23.38
C LYS I 172 -33.90 18.08 22.46
N ILE I 173 -33.58 17.89 21.17
CA ILE I 173 -33.62 18.96 20.16
C ILE I 173 -34.44 18.55 18.95
N LEU I 174 -35.51 19.31 18.69
CA LEU I 174 -36.29 19.17 17.45
C LEU I 174 -35.74 20.15 16.45
N THR I 175 -35.59 19.71 15.20
CA THR I 175 -34.98 20.53 14.13
C THR I 175 -35.78 20.39 12.87
N ALA I 176 -35.89 21.47 12.12
CA ALA I 176 -36.49 21.39 10.77
C ALA I 176 -35.52 22.04 9.77
N PHE I 177 -35.20 21.35 8.70
CA PHE I 177 -34.59 21.95 7.51
C PHE I 177 -35.64 21.92 6.41
N VAL I 178 -35.90 23.05 5.73
CA VAL I 178 -36.85 23.12 4.61
C VAL I 178 -36.13 23.67 3.38
N THR I 179 -36.31 23.02 2.23
CA THR I 179 -35.61 23.40 1.00
C THR I 179 -36.52 23.52 -0.24
N TYR I 180 -36.18 24.42 -1.12
CA TYR I 180 -36.93 24.74 -2.32
C TYR I 180 -35.98 24.64 -3.50
N PRO I 181 -36.31 23.87 -4.54
CA PRO I 181 -35.42 23.81 -5.73
C PRO I 181 -35.17 25.19 -6.38
N ASP I 182 -33.90 25.62 -6.43
CA ASP I 182 -33.50 27.03 -6.83
C ASP I 182 -34.18 28.14 -6.05
N GLY I 183 -34.52 27.85 -4.80
CA GLY I 183 -35.20 28.77 -3.89
C GLY I 183 -34.43 28.76 -2.57
N GLY I 184 -35.18 29.12 -1.52
CA GLY I 184 -34.67 29.30 -0.15
C GLY I 184 -34.51 28.04 0.63
N ASN I 185 -33.66 28.16 1.67
CA ASN I 185 -33.34 27.10 2.61
C ASN I 185 -33.59 27.67 4.00
N TYR I 186 -34.24 26.88 4.84
CA TYR I 186 -34.68 27.34 6.14
C TYR I 186 -34.23 26.37 7.21
N VAL I 187 -33.82 26.90 8.39
CA VAL I 187 -33.29 26.11 9.50
C VAL I 187 -33.83 26.57 10.85
N LEU I 188 -34.45 25.65 11.57
CA LEU I 188 -35.00 25.93 12.88
C LEU I 188 -34.66 24.80 13.78
N SER I 189 -34.22 25.15 15.01
CA SER I 189 -33.97 24.18 16.06
C SER I 189 -34.44 24.71 17.44
N HIS I 190 -34.99 23.80 18.23
CA HIS I 190 -35.47 24.13 19.52
C HIS I 190 -35.19 22.99 20.52
N VAL I 191 -34.76 23.36 21.71
CA VAL I 191 -34.65 22.42 22.80
C VAL I 191 -36.03 22.18 23.36
N VAL I 192 -36.48 20.92 23.29
CA VAL I 192 -37.77 20.49 23.87
C VAL I 192 -37.78 18.98 24.22
N ASP I 193 -38.23 18.65 25.43
CA ASP I 193 -38.23 17.27 25.88
C ASP I 193 -39.57 16.62 25.50
N LEU I 194 -39.60 15.96 24.34
CA LEU I 194 -40.81 15.32 23.85
C LEU I 194 -41.28 14.16 24.72
N ALA I 195 -40.36 13.43 25.32
CA ALA I 195 -40.75 12.31 26.20
C ALA I 195 -41.53 12.76 27.45
N GLU I 196 -41.21 13.98 27.91
CA GLU I 196 -41.85 14.59 29.08
C GLU I 196 -43.27 15.15 28.77
N ILE I 197 -43.45 15.75 27.61
CA ILE I 197 -44.76 16.19 27.17
C ILE I 197 -45.70 15.01 26.85
N PHE I 198 -45.16 14.01 26.15
CA PHE I 198 -45.88 12.80 25.71
C PHE I 198 -45.38 11.52 26.41
N PRO I 199 -45.80 11.33 27.68
CA PRO I 199 -45.32 10.12 28.36
C PRO I 199 -45.94 8.83 27.78
N GLY I 200 -47.06 8.92 27.07
CA GLY I 200 -47.69 7.74 26.50
C GLY I 200 -47.45 7.61 25.00
N ASP I 201 -48.52 7.19 24.32
CA ASP I 201 -48.54 7.01 22.86
C ASP I 201 -48.71 8.34 22.15
N VAL I 202 -48.26 8.39 20.90
CA VAL I 202 -48.48 9.52 20.00
C VAL I 202 -48.70 9.05 18.58
N ARG I 203 -49.21 9.95 17.74
CA ARG I 203 -49.22 9.75 16.29
C ARG I 203 -48.64 10.95 15.62
N ILE I 204 -48.02 10.70 14.48
CA ILE I 204 -47.48 11.75 13.68
C ILE I 204 -48.36 11.87 12.43
N GLY I 205 -48.53 13.11 11.97
CA GLY I 205 -49.33 13.43 10.79
C GLY I 205 -49.37 14.90 10.39
N PHE I 206 -50.25 15.19 9.44
CA PHE I 206 -50.38 16.52 8.88
C PHE I 206 -51.72 17.09 9.22
N SER I 207 -51.75 18.36 9.59
CA SER I 207 -53.00 19.12 9.77
C SER I 207 -52.92 20.34 8.87
N GLY I 208 -53.95 20.53 8.06
CA GLY I 208 -54.12 21.71 7.21
C GLY I 208 -55.41 22.46 7.51
N ALA I 209 -55.45 23.74 7.17
CA ALA I 209 -56.59 24.55 7.47
C ALA I 209 -56.72 25.76 6.56
N THR I 210 -57.98 26.10 6.28
CA THR I 210 -58.37 27.32 5.63
C THR I 210 -59.28 28.04 6.61
N GLY I 211 -59.49 29.36 6.48
CA GLY I 211 -58.77 30.25 5.59
C GLY I 211 -59.44 30.43 4.26
N GLN I 212 -58.63 30.53 3.21
CA GLN I 212 -59.07 30.91 1.86
C GLN I 212 -57.96 30.74 0.80
N TYR I 213 -58.41 30.50 -0.43
CA TYR I 213 -57.56 30.44 -1.63
C TYR I 213 -56.35 29.52 -1.58
N GLU I 214 -56.40 28.51 -0.75
CA GLU I 214 -55.28 27.66 -0.50
C GLU I 214 -55.68 26.19 -0.36
N THR I 215 -54.91 25.32 -1.03
CA THR I 215 -54.97 23.90 -0.77
C THR I 215 -53.55 23.43 -0.53
N GLN I 216 -53.37 22.51 0.44
CA GLN I 216 -52.03 21.96 0.81
C GLN I 216 -51.99 20.47 0.43
N TYR I 217 -50.98 20.10 -0.35
CA TYR I 217 -50.78 18.74 -0.86
C TYR I 217 -49.47 18.13 -0.33
N ILE I 218 -49.49 16.90 0.21
CA ILE I 218 -48.28 16.18 0.57
C ILE I 218 -48.08 15.13 -0.51
N HIS I 219 -46.89 15.15 -1.14
CA HIS I 219 -46.58 14.34 -2.32
C HIS I 219 -45.83 13.09 -1.96
N SER I 220 -45.00 13.13 -0.93
CA SER I 220 -44.22 11.95 -0.48
C SER I 220 -44.01 12.08 1.04
N TRP I 221 -43.70 10.98 1.73
CA TRP I 221 -43.43 11.03 3.20
C TRP I 221 -42.70 9.79 3.70
N SER I 222 -41.56 9.95 4.36
CA SER I 222 -40.91 8.80 5.05
C SER I 222 -40.56 9.15 6.45
N PHE I 223 -40.47 8.12 7.29
CA PHE I 223 -40.29 8.29 8.74
C PHE I 223 -39.43 7.16 9.25
N SER I 224 -38.52 7.44 10.17
CA SER I 224 -37.77 6.38 10.87
C SER I 224 -37.47 6.87 12.29
N SER I 225 -37.92 6.08 13.29
CA SER I 225 -37.57 6.26 14.71
C SER I 225 -36.67 5.10 15.12
N THR I 226 -35.75 5.39 16.04
CA THR I 226 -34.87 4.38 16.64
C THR I 226 -34.63 4.72 18.09
N SER I 227 -34.31 3.70 18.86
CA SER I 227 -34.05 3.84 20.28
C SER I 227 -32.67 4.53 20.46
N THR I 228 -32.49 5.27 21.55
CA THR I 228 -31.19 5.93 21.86
C THR I 228 -30.41 5.10 22.88
N ASN I 229 -30.16 3.82 22.52
CA ASN I 229 -29.56 2.78 23.41
C ASN I 229 -28.65 1.85 22.61
C ACE J 1 -55.82 42.53 7.90
O ACE J 1 -56.64 43.41 7.66
CH3 ACE J 1 -54.95 42.07 6.74
N GLY J 2 -55.63 41.94 9.07
CA GLY J 2 -56.36 42.30 10.31
C GLY J 2 -56.89 41.07 11.03
N VAL J 3 -57.71 41.30 12.06
CA VAL J 3 -58.51 40.28 12.78
C VAL J 3 -59.63 39.72 11.89
N THR J 4 -59.87 38.41 12.01
CA THR J 4 -60.97 37.70 11.28
C THR J 4 -61.78 36.61 12.06
N SER J 5 -61.31 36.21 13.26
CA SER J 5 -62.18 35.69 14.35
C SER J 5 -62.52 36.74 15.49
N ALA J 6 -63.43 37.72 15.15
CA ALA J 6 -63.98 38.94 15.98
C ALA J 6 -65.25 38.63 16.80
N SER K 1 -22.18 36.49 7.83
CA SER K 1 -22.40 37.09 6.46
C SER K 1 -23.18 36.12 5.56
N GLU K 2 -23.60 36.62 4.38
CA GLU K 2 -24.45 35.84 3.41
C GLU K 2 -23.63 35.29 2.26
N LEU K 3 -23.65 33.97 2.10
CA LEU K 3 -22.90 33.33 1.05
C LEU K 3 -23.63 32.12 0.62
N SER K 4 -23.72 31.90 -0.69
CA SER K 4 -24.30 30.66 -1.19
C SER K 4 -23.60 30.11 -2.40
N PHE K 5 -23.50 28.78 -2.49
CA PHE K 5 -22.88 28.15 -3.64
C PHE K 5 -23.54 26.80 -3.88
N ASN K 6 -23.31 26.30 -5.10
CA ASN K 6 -23.92 25.07 -5.57
C ASN K 6 -23.04 24.32 -6.54
N TYR K 7 -22.67 23.11 -6.15
CA TYR K 7 -22.02 22.14 -7.04
C TYR K 7 -22.95 20.87 -7.22
N PRO K 8 -23.82 20.82 -8.21
CA PRO K 8 -24.61 19.61 -8.43
C PRO K 8 -23.77 18.37 -8.68
N ASN K 9 -22.65 18.56 -9.38
CA ASN K 9 -21.50 17.66 -9.37
C ASN K 9 -20.28 18.56 -9.40
N PHE K 10 -19.07 17.99 -9.48
CA PHE K 10 -17.81 18.77 -9.52
C PHE K 10 -17.09 18.74 -10.85
N GLN K 11 -17.87 18.85 -11.91
CA GLN K 11 -17.34 18.91 -13.26
C GLN K 11 -16.43 20.13 -13.41
N SER K 12 -16.88 21.22 -12.80
CA SER K 12 -16.08 22.40 -12.55
C SER K 12 -15.69 22.41 -11.07
N VAL K 13 -14.48 22.83 -10.76
CA VAL K 13 -14.04 22.91 -9.34
C VAL K 13 -13.55 24.32 -9.04
N GLU K 14 -14.38 25.29 -9.45
CA GLU K 14 -13.82 26.62 -9.73
C GLU K 14 -13.31 27.28 -8.44
N ASP K 15 -14.20 27.36 -7.42
CA ASP K 15 -13.81 28.05 -6.19
C ASP K 15 -13.43 27.09 -5.08
N ILE K 16 -12.72 26.01 -5.46
CA ILE K 16 -12.30 24.99 -4.51
C ILE K 16 -10.79 25.06 -4.40
N THR K 17 -10.31 25.20 -3.18
CA THR K 17 -8.88 25.12 -2.84
C THR K 17 -8.53 23.72 -2.34
N PHE K 18 -7.61 23.08 -3.06
CA PHE K 18 -7.09 21.76 -2.73
C PHE K 18 -5.75 21.86 -2.04
N GLN K 19 -5.58 21.10 -0.97
CA GLN K 19 -4.32 21.05 -0.24
C GLN K 19 -4.02 19.63 0.16
N GLY K 20 -2.73 19.33 0.31
CA GLY K 20 -2.28 18.02 0.77
C GLY K 20 -2.60 17.03 -0.30
N GLY K 21 -3.12 15.88 0.07
CA GLY K 21 -3.47 14.87 -0.95
C GLY K 21 -4.80 14.99 -1.70
N ALA K 22 -5.58 16.03 -1.44
CA ALA K 22 -6.88 16.14 -2.10
C ALA K 22 -6.71 16.60 -3.57
N SER K 23 -7.60 16.12 -4.40
CA SER K 23 -7.65 16.50 -5.80
C SER K 23 -9.04 16.24 -6.40
N PRO K 24 -9.34 16.86 -7.56
CA PRO K 24 -10.57 16.49 -8.29
C PRO K 24 -10.40 15.20 -9.08
N ARG K 25 -11.47 14.42 -9.19
CA ARG K 25 -11.39 13.15 -9.90
C ARG K 25 -12.73 12.72 -10.38
N ASN K 26 -12.90 12.42 -11.68
CA ASN K 26 -14.21 11.97 -12.23
C ASN K 26 -15.38 12.71 -11.66
N GLU K 27 -15.26 14.02 -11.69
CA GLU K 27 -16.32 14.92 -11.29
C GLU K 27 -16.70 14.82 -9.83
N THR K 28 -15.71 14.53 -8.99
CA THR K 28 -15.86 14.47 -7.53
C THR K 28 -14.63 15.04 -6.78
N LEU K 29 -14.80 15.29 -5.51
CA LEU K 29 -13.64 15.64 -4.68
C LEU K 29 -13.08 14.40 -4.03
N GLN K 30 -11.85 14.02 -4.42
CA GLN K 30 -11.11 12.92 -3.81
C GLN K 30 -10.27 13.52 -2.67
N LEU K 31 -10.57 13.20 -1.43
CA LEU K 31 -9.94 13.88 -0.31
C LEU K 31 -8.56 13.33 0.07
N THR K 32 -8.32 12.06 -0.21
CA THR K 32 -7.02 11.44 0.05
C THR K 32 -6.50 10.77 -1.20
N PRO K 33 -5.22 10.77 -1.42
CA PRO K 33 -4.71 10.32 -2.72
C PRO K 33 -4.63 8.80 -2.90
N THR K 34 -4.51 8.40 -4.15
CA THR K 34 -4.28 7.00 -4.54
C THR K 34 -3.08 6.89 -5.44
N ASP K 35 -2.44 5.74 -5.40
CA ASP K 35 -1.24 5.50 -6.25
C ASP K 35 -1.63 5.19 -7.70
N SER K 36 -0.60 4.90 -8.51
CA SER K 36 -0.77 4.58 -9.95
C SER K 36 -1.78 3.41 -10.25
N ASN K 37 -1.92 2.46 -9.30
CA ASN K 37 -2.93 1.35 -9.39
C ASN K 37 -4.31 1.67 -8.73
N GLY K 38 -4.58 2.93 -8.33
CA GLY K 38 -5.82 3.26 -7.63
C GLY K 38 -5.92 2.80 -6.15
N ILE K 39 -4.79 2.32 -5.56
CA ILE K 39 -4.73 1.87 -4.14
C ILE K 39 -4.49 3.04 -3.22
N PRO K 40 -5.29 3.16 -2.11
CA PRO K 40 -5.22 4.32 -1.19
C PRO K 40 -3.89 4.36 -0.57
N ILE K 41 -3.30 5.54 -0.41
CA ILE K 41 -1.97 5.68 0.18
C ILE K 41 -2.11 5.93 1.67
N ARG K 42 -1.31 5.19 2.43
CA ARG K 42 -1.32 5.22 3.88
C ARG K 42 -0.79 6.57 4.38
N GLN K 43 -1.34 7.05 5.50
CA GLN K 43 -0.86 8.24 6.20
C GLN K 43 -0.77 9.51 5.40
N ARG K 44 -1.92 9.89 4.86
CA ARG K 44 -2.07 11.17 4.15
C ARG K 44 -3.33 11.82 4.59
N ALA K 45 -3.33 13.13 4.44
CA ALA K 45 -4.50 13.96 4.69
C ALA K 45 -4.71 14.95 3.52
N GLY K 46 -5.96 15.31 3.27
CA GLY K 46 -6.27 16.28 2.22
C GLY K 46 -7.44 17.14 2.62
N HIS K 47 -7.39 18.36 2.14
CA HIS K 47 -8.45 19.34 2.35
C HIS K 47 -8.96 19.81 1.01
N ALA K 48 -10.28 19.86 0.88
CA ALA K 48 -10.92 20.56 -0.26
C ALA K 48 -11.85 21.57 0.43
N VAL K 49 -11.54 22.86 0.31
CA VAL K 49 -12.35 23.93 0.93
C VAL K 49 -12.89 24.94 -0.11
N TYR K 50 -14.06 25.47 0.22
CA TYR K 50 -14.57 26.57 -0.54
C TYR K 50 -13.70 27.76 -0.22
N SER K 51 -13.10 28.37 -1.25
CA SER K 51 -12.02 29.40 -1.05
C SER K 51 -12.49 30.73 -0.50
N GLN K 52 -13.77 31.07 -0.63
CA GLN K 52 -14.29 32.36 -0.12
C GLN K 52 -14.56 32.30 1.36
N PRO K 53 -13.90 33.18 2.14
CA PRO K 53 -14.25 33.25 3.55
C PRO K 53 -15.63 33.80 3.81
N PHE K 54 -16.16 33.56 4.98
CA PHE K 54 -17.38 34.24 5.40
C PHE K 54 -17.37 34.42 6.93
N GLN K 55 -18.33 35.15 7.51
CA GLN K 55 -18.42 35.37 8.99
C GLN K 55 -19.62 34.66 9.54
N LEU K 56 -19.55 34.38 10.84
CA LEU K 56 -20.59 33.67 11.53
C LEU K 56 -21.36 34.51 12.49
N ARG K 57 -21.01 35.78 12.71
CA ARG K 57 -21.82 36.54 13.66
C ARG K 57 -23.21 36.73 13.08
N ASP K 58 -24.24 36.53 13.90
CA ASP K 58 -25.64 36.70 13.51
C ASP K 58 -25.97 35.99 12.19
N THR K 59 -25.63 34.71 12.14
CA THR K 59 -25.72 33.90 10.94
C THR K 59 -26.28 32.49 11.22
N SER K 60 -27.19 32.06 10.35
CA SER K 60 -27.61 30.65 10.23
C SER K 60 -27.06 30.12 8.91
N PHE K 61 -26.81 28.84 8.84
CA PHE K 61 -26.51 28.22 7.57
C PHE K 61 -27.10 26.83 7.43
N TYR K 62 -27.19 26.40 6.15
CA TYR K 62 -27.56 25.02 5.77
C TYR K 62 -26.65 24.61 4.65
N THR K 63 -26.09 23.43 4.77
CA THR K 63 -25.28 22.86 3.67
C THR K 63 -25.66 21.38 3.52
N THR K 64 -25.71 20.88 2.30
CA THR K 64 -25.94 19.45 2.08
C THR K 64 -24.90 18.96 1.09
N PHE K 65 -24.52 17.70 1.24
CA PHE K 65 -23.57 17.10 0.30
C PHE K 65 -23.85 15.62 0.12
N THR K 66 -23.41 15.08 -1.00
CA THR K 66 -23.45 13.66 -1.18
C THR K 66 -22.02 13.14 -1.18
N PHE K 67 -21.85 11.93 -0.66
CA PHE K 67 -20.52 11.34 -0.48
C PHE K 67 -20.53 9.83 -0.59
N VAL K 68 -19.37 9.30 -0.96
CA VAL K 68 -19.14 7.87 -1.06
C VAL K 68 -17.86 7.57 -0.31
N ILE K 69 -17.90 6.51 0.54
CA ILE K 69 -16.72 5.97 1.11
C ILE K 69 -16.41 4.72 0.35
N ARG K 70 -15.23 4.65 -0.26
CA ARG K 70 -14.78 3.44 -0.97
C ARG K 70 -13.75 2.74 -0.13
N THR K 71 -14.00 1.49 0.25
CA THR K 71 -13.06 0.68 1.02
C THR K 71 -12.45 -0.46 0.29
N THR K 72 -11.16 -0.71 0.41
CA THR K 72 -10.54 -1.87 -0.23
C THR K 72 -10.28 -3.03 0.74
N SER K 73 -10.58 -2.88 2.04
CA SER K 73 -10.67 -4.05 2.98
C SER K 73 -11.34 -3.79 4.35
N ASN K 74 -11.31 -4.80 5.23
CA ASN K 74 -11.95 -4.86 6.57
C ASN K 74 -11.86 -3.67 7.51
N SER K 75 -10.70 -3.03 7.55
CA SER K 75 -10.36 -2.15 8.66
C SER K 75 -9.95 -0.79 8.22
N PRO K 76 -10.84 -0.12 7.45
CA PRO K 76 -10.45 1.13 6.80
C PRO K 76 -10.25 2.20 7.84
N ALA K 77 -9.47 3.19 7.45
CA ALA K 77 -9.23 4.34 8.30
C ALA K 77 -8.81 5.51 7.46
N ASP K 78 -9.09 6.75 7.87
CA ASP K 78 -9.69 7.13 9.16
C ASP K 78 -11.05 7.81 9.09
N GLY K 79 -11.48 8.14 7.87
CA GLY K 79 -12.71 8.89 7.64
C GLY K 79 -12.50 10.29 7.08
N PHE K 80 -13.55 11.11 7.14
CA PHE K 80 -13.50 12.51 6.72
C PHE K 80 -14.49 13.34 7.54
N ALA K 81 -14.42 14.65 7.35
CA ALA K 81 -15.24 15.57 8.08
C ALA K 81 -15.49 16.78 7.27
N ILE K 82 -16.63 17.40 7.54
CA ILE K 82 -16.92 18.72 7.05
C ILE K 82 -16.62 19.59 8.23
N PHE K 83 -15.85 20.65 7.97
CA PHE K 83 -15.31 21.50 9.01
C PHE K 83 -15.30 22.98 8.76
N ILE K 84 -15.28 23.72 9.83
CA ILE K 84 -15.23 25.15 9.78
C ILE K 84 -13.99 25.52 10.53
N ALA K 85 -13.20 26.41 9.96
CA ALA K 85 -11.98 26.91 10.61
C ALA K 85 -11.50 28.24 10.03
N PRO K 86 -10.53 28.93 10.70
CA PRO K 86 -10.04 30.15 10.07
C PRO K 86 -9.40 29.94 8.70
N PRO K 87 -9.25 31.04 7.95
CA PRO K 87 -8.86 30.88 6.52
C PRO K 87 -7.45 30.31 6.25
N ASP K 88 -6.56 30.59 7.18
CA ASP K 88 -5.17 30.16 7.08
C ASP K 88 -4.93 28.76 7.69
N PHE K 89 -5.97 27.95 7.85
CA PHE K 89 -5.86 26.65 8.56
C PHE K 89 -5.14 25.63 7.68
N PRO K 90 -3.99 25.12 8.15
CA PRO K 90 -3.22 24.18 7.35
C PRO K 90 -3.84 22.77 7.40
N VAL K 91 -3.33 21.93 6.50
CA VAL K 91 -3.61 20.50 6.58
C VAL K 91 -2.78 20.02 7.73
N LYS K 92 -3.46 19.42 8.73
CA LYS K 92 -2.82 18.92 9.95
C LYS K 92 -2.63 17.41 9.86
N ARG K 93 -2.53 16.75 10.98
CA ARG K 93 -2.00 15.41 10.96
C ARG K 93 -2.96 14.42 10.35
N TYR K 94 -2.36 13.56 9.55
CA TYR K 94 -3.00 12.36 9.07
C TYR K 94 -3.48 11.40 10.18
N GLY K 95 -4.03 10.27 9.80
CA GLY K 95 -4.51 9.29 10.72
C GLY K 95 -5.80 9.72 11.37
N GLY K 96 -5.99 9.32 12.62
CA GLY K 96 -7.21 9.55 13.37
C GLY K 96 -7.44 10.97 13.78
N TYR K 97 -6.43 11.81 13.57
CA TYR K 97 -6.56 13.27 13.67
C TYR K 97 -7.32 13.91 12.53
N LEU K 98 -7.66 13.12 11.50
CA LEU K 98 -8.52 13.53 10.41
C LEU K 98 -8.06 14.76 9.62
N GLY K 99 -6.76 15.09 9.66
CA GLY K 99 -6.25 16.27 9.06
C GLY K 99 -6.63 17.55 9.75
N LEU K 100 -7.22 17.49 10.95
CA LEU K 100 -7.72 18.68 11.68
C LEU K 100 -6.99 18.94 12.99
N PHE K 101 -6.12 18.05 13.45
CA PHE K 101 -5.47 18.32 14.75
C PHE K 101 -4.04 17.87 14.71
N GLU K 102 -3.25 18.38 15.65
CA GLU K 102 -1.88 17.89 15.90
C GLU K 102 -1.91 17.02 17.16
N PRO K 103 -1.05 15.98 17.21
CA PRO K 103 -0.95 15.08 18.42
C PRO K 103 -0.77 15.73 19.79
N ASN K 104 0.13 16.68 19.86
CA ASN K 104 0.27 17.44 21.10
C ASN K 104 -0.97 17.98 21.80
N THR K 105 -1.89 18.50 20.97
CA THR K 105 -2.93 19.41 21.38
C THR K 105 -4.31 18.91 21.02
N ALA K 106 -4.40 17.71 20.48
CA ALA K 106 -5.61 17.28 19.90
C ALA K 106 -6.81 17.16 20.81
N THR K 107 -6.62 16.98 22.12
CA THR K 107 -7.74 16.94 23.04
C THR K 107 -7.87 18.18 23.90
N ASN K 108 -7.02 19.15 23.67
CA ASN K 108 -7.07 20.40 24.40
C ASN K 108 -7.95 21.48 23.75
N THR K 109 -9.15 21.70 24.29
CA THR K 109 -10.13 22.62 23.66
C THR K 109 -9.66 24.06 23.61
N SER K 110 -8.79 24.45 24.48
CA SER K 110 -8.25 25.82 24.41
C SER K 110 -7.01 25.99 23.47
N ALA K 111 -6.56 24.98 22.75
CA ALA K 111 -5.46 25.15 21.79
C ALA K 111 -5.89 24.96 20.35
N ASN K 112 -7.19 24.84 20.12
CA ASN K 112 -7.73 24.62 18.78
C ASN K 112 -8.91 25.54 18.48
N LYS K 113 -9.12 25.84 17.20
CA LYS K 113 -10.26 26.59 16.77
C LYS K 113 -10.73 25.87 15.53
N VAL K 114 -11.63 24.90 15.72
CA VAL K 114 -12.18 24.14 14.62
C VAL K 114 -13.41 23.37 15.09
N VAL K 115 -14.42 23.37 14.22
CA VAL K 115 -15.67 22.67 14.44
C VAL K 115 -15.97 21.81 13.18
N ALA K 116 -16.47 20.60 13.42
CA ALA K 116 -16.62 19.62 12.37
C ALA K 116 -17.75 18.66 12.65
N VAL K 117 -18.30 18.12 11.55
CA VAL K 117 -19.09 16.92 11.64
C VAL K 117 -18.23 15.86 11.00
N GLU K 118 -17.90 14.85 11.78
CA GLU K 118 -16.99 13.77 11.34
C GLU K 118 -17.72 12.47 11.06
N PHE K 119 -17.15 11.79 10.08
CA PHE K 119 -17.58 10.49 9.66
C PHE K 119 -16.34 9.65 9.92
N ASP K 120 -16.37 8.87 11.01
CA ASP K 120 -15.17 8.21 11.56
C ASP K 120 -15.27 6.71 11.41
N THR K 121 -14.43 6.21 10.52
CA THR K 121 -14.38 4.80 10.14
C THR K 121 -13.43 3.93 10.96
N TRP K 122 -12.60 4.60 11.85
CA TRP K 122 -11.54 3.90 12.66
C TRP K 122 -11.66 4.25 14.14
N VAL K 123 -11.95 3.24 14.95
CA VAL K 123 -12.03 3.39 16.40
C VAL K 123 -10.62 3.56 16.91
N ASN K 124 -10.28 4.73 17.43
CA ASN K 124 -8.93 5.03 17.96
C ASN K 124 -8.82 4.69 19.44
N THR K 125 -7.85 3.83 19.74
CA THR K 125 -7.59 3.45 21.09
C THR K 125 -6.90 4.65 21.86
N GLU K 126 -6.25 5.53 21.11
CA GLU K 126 -5.43 6.58 21.67
C GLU K 126 -6.19 7.63 22.47
N TRP K 127 -7.46 7.89 22.16
CA TRP K 127 -8.30 8.74 23.00
C TRP K 127 -9.61 8.05 23.33
N LYS K 128 -9.51 6.72 23.45
CA LYS K 128 -10.62 5.84 23.93
C LYS K 128 -12.00 6.19 23.32
N GLU K 129 -12.08 6.19 21.98
CA GLU K 129 -13.33 6.53 21.26
C GLU K 129 -14.28 5.41 21.51
N PRO K 130 -15.60 5.67 21.47
CA PRO K 130 -16.55 4.56 21.61
C PRO K 130 -16.29 3.40 20.61
N ARG K 131 -16.73 2.21 21.00
CA ARG K 131 -16.31 0.97 20.34
C ARG K 131 -17.17 0.58 19.14
N TYR K 132 -17.23 1.51 18.18
CA TYR K 132 -17.98 1.38 16.92
C TYR K 132 -17.63 2.57 16.04
N ARG K 133 -17.81 2.40 14.74
CA ARG K 133 -17.64 3.50 13.82
C ARG K 133 -18.79 4.48 14.05
N HIS K 134 -18.53 5.74 13.80
CA HIS K 134 -19.43 6.73 14.34
C HIS K 134 -19.37 7.99 13.56
N ILE K 135 -20.49 8.72 13.65
CA ILE K 135 -20.60 10.08 13.20
C ILE K 135 -20.64 10.92 14.46
N GLY K 136 -20.00 12.08 14.37
CA GLY K 136 -19.82 12.88 15.56
C GLY K 136 -19.66 14.35 15.26
N ILE K 137 -19.95 15.18 16.28
CA ILE K 137 -19.75 16.63 16.22
C ILE K 137 -18.53 16.96 17.10
N ASP K 138 -17.53 17.60 16.50
CA ASP K 138 -16.28 17.96 17.14
C ASP K 138 -16.19 19.47 17.37
N VAL K 139 -15.82 19.88 18.59
CA VAL K 139 -15.67 21.27 18.97
C VAL K 139 -14.32 21.41 19.70
N ASN K 140 -13.36 21.79 18.89
CA ASN K 140 -12.01 22.04 19.27
C ASN K 140 -11.29 20.87 19.81
N SER K 141 -11.74 19.65 19.54
CA SER K 141 -11.09 18.46 20.09
C SER K 141 -11.45 17.34 19.22
N ILE K 142 -10.50 16.44 19.01
CA ILE K 142 -10.73 15.24 18.28
C ILE K 142 -11.63 14.30 19.07
N VAL K 143 -11.83 14.50 20.37
CA VAL K 143 -12.88 13.81 21.12
C VAL K 143 -14.22 14.52 20.94
N SER K 144 -15.12 13.89 20.17
CA SER K 144 -16.41 14.41 19.81
C SER K 144 -17.20 14.66 21.06
N VAL K 145 -17.81 15.83 21.13
CA VAL K 145 -18.70 16.21 22.22
C VAL K 145 -20.07 15.56 22.10
N ARG K 146 -20.41 15.13 20.89
CA ARG K 146 -21.62 14.37 20.71
C ARG K 146 -21.42 13.40 19.53
N VAL K 147 -21.82 12.14 19.73
CA VAL K 147 -21.39 11.05 18.91
C VAL K 147 -22.47 9.99 18.83
N THR K 148 -22.66 9.39 17.67
CA THR K 148 -23.65 8.34 17.52
C THR K 148 -23.15 7.25 16.59
N ARG K 149 -23.67 6.05 16.83
CA ARG K 149 -23.23 4.88 16.13
C ARG K 149 -23.62 4.98 14.66
N TRP K 150 -22.66 4.66 13.82
CA TRP K 150 -22.75 4.67 12.38
C TRP K 150 -22.70 3.21 12.00
N GLN K 151 -23.80 2.68 11.50
CA GLN K 151 -23.90 1.24 11.26
C GLN K 151 -22.85 0.80 10.23
N ASP K 152 -22.24 -0.32 10.44
CA ASP K 152 -21.30 -0.81 9.44
C ASP K 152 -21.94 -1.18 8.11
N LYS K 153 -23.19 -1.64 8.13
CA LYS K 153 -24.00 -1.87 6.91
C LYS K 153 -23.87 -0.64 5.99
N ASP K 154 -23.96 0.55 6.59
CA ASP K 154 -23.95 1.78 5.85
C ASP K 154 -22.57 2.25 5.48
N VAL K 155 -21.58 2.04 6.39
CA VAL K 155 -20.18 2.41 6.14
C VAL K 155 -19.70 1.75 4.89
N PHE K 156 -19.88 0.44 4.83
CA PHE K 156 -19.42 -0.39 3.73
C PHE K 156 -20.40 -0.52 2.54
N SER K 157 -21.55 0.15 2.57
CA SER K 157 -22.56 0.00 1.49
C SER K 157 -22.09 0.46 0.07
N ARG K 158 -21.18 1.41 0.07
CA ARG K 158 -20.78 2.01 -1.19
C ARG K 158 -21.96 2.70 -1.93
N SER K 159 -22.92 3.18 -1.14
CA SER K 159 -23.98 4.02 -1.58
C SER K 159 -23.51 5.46 -1.64
N ILE K 160 -24.24 6.28 -2.37
CA ILE K 160 -24.11 7.71 -2.37
C ILE K 160 -25.05 8.13 -1.26
N ALA K 161 -24.42 8.59 -0.19
CA ALA K 161 -25.12 9.00 0.99
C ALA K 161 -25.23 10.48 1.04
N THR K 162 -26.21 10.93 1.81
CA THR K 162 -26.52 12.38 1.95
C THR K 162 -26.40 12.86 3.39
N ALA K 163 -25.70 13.98 3.56
CA ALA K 163 -25.57 14.71 4.78
C ALA K 163 -26.29 16.01 4.60
N HIS K 164 -27.02 16.39 5.63
CA HIS K 164 -27.55 17.75 5.80
C HIS K 164 -26.98 18.38 7.09
N VAL K 165 -26.25 19.50 7.00
CA VAL K 165 -25.70 20.16 8.20
C VAL K 165 -26.33 21.53 8.26
N GLY K 166 -26.82 21.86 9.44
CA GLY K 166 -27.43 23.15 9.65
C GLY K 166 -27.09 23.84 10.97
N TYR K 167 -26.95 25.17 10.95
CA TYR K 167 -26.68 25.94 12.14
C TYR K 167 -27.76 26.98 12.32
N ASP K 168 -28.42 26.91 13.47
CA ASP K 168 -29.40 27.90 13.86
C ASP K 168 -28.70 28.92 14.76
N GLY K 169 -28.46 30.13 14.21
CA GLY K 169 -27.73 31.21 14.88
C GLY K 169 -28.40 31.88 16.05
N ILE K 170 -29.71 31.70 16.20
CA ILE K 170 -30.52 32.19 17.32
C ILE K 170 -30.42 31.24 18.51
N SER K 171 -30.77 29.97 18.32
CA SER K 171 -30.68 29.02 19.42
C SER K 171 -29.28 28.40 19.60
N LYS K 172 -28.35 28.67 18.67
CA LYS K 172 -26.95 28.31 18.78
C LYS K 172 -26.81 26.81 18.75
N ILE K 173 -27.37 26.20 17.71
CA ILE K 173 -27.44 24.73 17.61
C ILE K 173 -26.98 24.21 16.26
N LEU K 174 -25.95 23.38 16.25
CA LEU K 174 -25.45 22.72 15.07
C LEU K 174 -26.10 21.37 15.03
N THR K 175 -26.57 20.97 13.86
CA THR K 175 -27.32 19.71 13.64
C THR K 175 -26.89 19.00 12.33
N ALA K 176 -26.75 17.69 12.41
CA ALA K 176 -26.45 16.90 11.24
C ALA K 176 -27.52 15.83 11.08
N PHE K 177 -28.11 15.77 9.89
CA PHE K 177 -28.96 14.62 9.45
C PHE K 177 -28.20 13.90 8.39
N VAL K 178 -27.99 12.58 8.54
CA VAL K 178 -27.29 11.77 7.54
C VAL K 178 -28.17 10.63 7.12
N THR K 179 -28.34 10.44 5.79
CA THR K 179 -29.27 9.47 5.23
C THR K 179 -28.60 8.64 4.18
N TYR K 180 -29.01 7.37 4.15
CA TYR K 180 -28.56 6.34 3.23
C TYR K 180 -29.80 5.75 2.43
N PRO K 181 -29.72 5.67 1.08
CA PRO K 181 -30.82 5.08 0.38
C PRO K 181 -31.09 3.61 0.82
N ASP K 182 -32.30 3.27 1.28
CA ASP K 182 -32.62 1.96 1.92
C ASP K 182 -31.73 1.54 3.08
N GLY K 183 -31.23 2.52 3.80
CA GLY K 183 -30.33 2.28 4.89
C GLY K 183 -30.68 3.15 6.06
N GLY K 184 -29.68 3.40 6.89
CA GLY K 184 -29.88 4.14 8.12
C GLY K 184 -29.97 5.67 7.98
N ASN K 185 -30.58 6.27 9.03
CA ASN K 185 -30.74 7.69 9.22
C ASN K 185 -30.24 8.15 10.55
N TYR K 186 -29.46 9.20 10.56
CA TYR K 186 -28.72 9.58 11.72
C TYR K 186 -29.08 11.00 12.02
N VAL K 187 -29.13 11.34 13.32
CA VAL K 187 -29.47 12.67 13.81
C VAL K 187 -28.57 13.09 14.98
N LEU K 188 -27.86 14.17 14.87
CA LEU K 188 -27.09 14.70 16.00
C LEU K 188 -27.37 16.16 16.12
N SER K 189 -27.49 16.64 17.35
CA SER K 189 -27.58 18.07 17.58
C SER K 189 -26.77 18.45 18.80
N HIS K 190 -26.05 19.58 18.72
CA HIS K 190 -25.28 20.11 19.83
C HIS K 190 -25.43 21.66 19.99
N VAL K 191 -25.63 22.12 21.22
CA VAL K 191 -25.62 23.54 21.52
C VAL K 191 -24.18 24.00 21.48
N VAL K 192 -23.85 24.93 20.59
CA VAL K 192 -22.51 25.52 20.44
C VAL K 192 -22.56 26.92 19.78
N ASP K 193 -21.91 27.92 20.40
CA ASP K 193 -21.94 29.30 19.93
C ASP K 193 -20.76 29.51 18.97
N LEU K 194 -21.01 29.30 17.69
CA LEU K 194 -19.96 29.42 16.68
C LEU K 194 -19.40 30.83 16.51
N ALA K 195 -20.21 31.85 16.71
CA ALA K 195 -19.76 33.25 16.62
C ALA K 195 -18.71 33.58 17.69
N GLU K 196 -18.86 32.92 18.84
CA GLU K 196 -17.94 33.09 19.95
C GLU K 196 -16.60 32.38 19.75
N ILE K 197 -16.61 31.20 19.16
CA ILE K 197 -15.38 30.52 18.80
C ILE K 197 -14.65 31.20 17.66
N PHE K 198 -15.44 31.59 16.64
CA PHE K 198 -14.93 32.23 15.41
C PHE K 198 -15.41 33.68 15.33
N PRO K 199 -14.75 34.60 16.07
CA PRO K 199 -15.14 36.01 15.95
C PRO K 199 -14.76 36.62 14.62
N GLY K 200 -13.85 36.04 13.84
CA GLY K 200 -13.44 36.60 12.53
C GLY K 200 -13.96 35.83 11.32
N ASP K 201 -13.08 35.67 10.33
CA ASP K 201 -13.40 34.93 9.13
C ASP K 201 -13.29 33.42 9.33
N VAL K 202 -14.04 32.65 8.52
CA VAL K 202 -13.90 31.20 8.44
C VAL K 202 -14.02 30.71 7.00
N ARG K 203 -13.62 29.46 6.78
CA ARG K 203 -13.90 28.73 5.58
C ARG K 203 -14.55 27.37 5.91
N ILE K 204 -15.38 26.90 4.99
CA ILE K 204 -16.01 25.62 5.15
C ILE K 204 -15.45 24.72 4.03
N GLY K 205 -15.25 23.46 4.40
CA GLY K 205 -14.66 22.47 3.53
C GLY K 205 -14.57 21.07 4.13
N PHE K 206 -13.88 20.22 3.40
CA PHE K 206 -13.77 18.84 3.73
C PHE K 206 -12.33 18.55 4.04
N SER K 207 -12.10 17.75 5.10
CA SER K 207 -10.84 17.16 5.36
C SER K 207 -11.01 15.67 5.45
N GLY K 208 -10.15 14.97 4.76
CA GLY K 208 -10.04 13.52 4.83
C GLY K 208 -8.65 13.05 5.24
N ALA K 209 -8.56 11.81 5.72
CA ALA K 209 -7.30 11.25 6.16
C ALA K 209 -7.26 9.72 6.13
N THR K 210 -6.09 9.19 5.77
CA THR K 210 -5.73 7.81 5.98
C THR K 210 -4.53 7.78 7.04
N GLY K 211 -4.26 6.64 7.65
CA GLY K 211 -5.08 5.47 7.63
C GLY K 211 -4.71 4.47 6.54
N GLN K 212 -5.73 3.80 6.03
CA GLN K 212 -5.57 2.68 5.13
C GLN K 212 -6.88 2.23 4.42
N TYR K 213 -6.68 1.68 3.22
CA TYR K 213 -7.77 1.01 2.49
C TYR K 213 -9.03 1.86 2.20
N GLU K 214 -8.89 3.17 2.16
CA GLU K 214 -10.08 4.02 2.16
C GLU K 214 -9.84 5.26 1.34
N THR K 215 -10.78 5.58 0.52
CA THR K 215 -10.81 6.82 -0.20
C THR K 215 -12.22 7.43 0.01
N GLN K 216 -12.26 8.75 0.22
CA GLN K 216 -13.51 9.46 0.52
C GLN K 216 -13.77 10.39 -0.68
N TYR K 217 -14.94 10.30 -1.27
CA TYR K 217 -15.33 11.09 -2.37
C TYR K 217 -16.57 11.96 -1.99
N ILE K 218 -16.52 13.25 -2.31
CA ILE K 218 -17.68 14.11 -2.27
C ILE K 218 -18.18 14.26 -3.71
N HIS K 219 -19.47 13.99 -3.91
CA HIS K 219 -20.13 13.95 -5.25
C HIS K 219 -20.94 15.20 -5.59
N SER K 220 -21.47 15.85 -4.56
CA SER K 220 -22.24 17.10 -4.75
C SER K 220 -22.20 17.93 -3.47
N TRP K 221 -22.40 19.23 -3.55
CA TRP K 221 -22.32 20.12 -2.38
C TRP K 221 -22.98 21.46 -2.63
N SER K 222 -23.88 21.85 -1.73
CA SER K 222 -24.48 23.20 -1.74
C SER K 222 -24.51 23.78 -0.30
N PHE K 223 -24.48 25.10 -0.24
CA PHE K 223 -24.36 25.85 1.01
C PHE K 223 -25.13 27.12 0.84
N SER K 224 -25.87 27.48 1.88
CA SER K 224 -26.54 28.79 1.92
C SER K 224 -26.51 29.26 3.38
N SER K 225 -25.96 30.48 3.59
CA SER K 225 -25.97 31.20 4.87
C SER K 225 -26.80 32.45 4.69
N THR K 226 -27.47 32.84 5.78
CA THR K 226 -28.26 34.06 5.83
C THR K 226 -28.19 34.67 7.23
N SER K 227 -28.42 35.97 7.27
CA SER K 227 -28.36 36.75 8.49
C SER K 227 -29.60 36.40 9.33
N THR K 228 -29.50 36.50 10.65
CA THR K 228 -30.64 36.25 11.56
C THR K 228 -31.27 37.58 11.99
N ASN K 229 -31.71 38.37 11.00
CA ASN K 229 -32.18 39.76 11.20
C ASN K 229 -33.29 40.06 10.15
C ACE L 1 -5.93 -2.53 17.50
O ACE L 1 -5.03 -3.40 17.64
CH3 ACE L 1 -7.16 -2.71 16.69
N GLY L 2 -5.90 -1.38 18.12
CA GLY L 2 -4.71 -1.02 18.89
C GLY L 2 -4.49 0.45 18.76
N VAL L 3 -3.56 0.90 19.59
CA VAL L 3 -2.82 2.09 19.38
C VAL L 3 -2.05 1.87 18.10
N THR L 4 -2.11 2.81 17.18
CA THR L 4 -1.36 2.61 15.96
C THR L 4 -0.33 3.69 15.60
N SER L 5 -0.45 4.87 16.20
CA SER L 5 0.72 5.78 16.16
C SER L 5 0.77 6.92 17.35
N ALA L 6 1.87 7.70 17.46
CA ALA L 6 1.79 9.20 17.94
C ALA L 6 1.83 9.31 19.51
N SER M 1 18.59 -67.24 -17.69
CA SER M 1 19.66 -68.27 -17.76
C SER M 1 20.78 -67.97 -16.72
N GLU M 2 21.72 -68.91 -16.63
CA GLU M 2 22.82 -68.85 -15.66
C GLU M 2 24.13 -68.47 -16.33
N LEU M 3 24.77 -67.44 -15.80
CA LEU M 3 26.03 -66.96 -16.33
C LEU M 3 26.77 -66.30 -15.18
N SER M 4 28.09 -66.54 -15.14
CA SER M 4 28.91 -65.78 -14.24
C SER M 4 30.30 -65.52 -14.82
N PHE M 5 30.85 -64.36 -14.48
CA PHE M 5 32.19 -63.91 -14.88
C PHE M 5 32.83 -63.02 -13.79
N ASN M 6 34.14 -62.86 -13.89
CA ASN M 6 34.87 -62.13 -12.89
C ASN M 6 36.11 -61.49 -13.50
N TYR M 7 36.21 -60.17 -13.34
CA TYR M 7 37.40 -59.36 -13.72
C TYR M 7 37.88 -58.65 -12.45
N PRO M 8 38.85 -59.24 -11.68
CA PRO M 8 39.39 -58.55 -10.51
C PRO M 8 40.03 -57.21 -10.87
N ASN M 9 40.72 -57.22 -12.00
CA ASN M 9 41.07 -56.03 -12.78
C ASN M 9 40.79 -56.33 -14.27
N PHE M 10 41.20 -55.45 -15.19
CA PHE M 10 41.04 -55.72 -16.62
C PHE M 10 42.36 -55.87 -17.32
N GLN M 11 43.27 -56.61 -16.73
CA GLN M 11 44.57 -56.89 -17.35
C GLN M 11 44.37 -57.71 -18.64
N SER M 12 43.43 -58.63 -18.56
CA SER M 12 42.84 -59.30 -19.71
C SER M 12 41.45 -58.67 -19.94
N VAL M 13 41.08 -58.48 -21.22
CA VAL M 13 39.73 -57.93 -21.59
C VAL M 13 39.03 -58.90 -22.53
N GLU M 14 39.06 -60.18 -22.14
CA GLU M 14 38.90 -61.24 -23.15
C GLU M 14 37.48 -61.24 -23.72
N ASP M 15 36.47 -61.27 -22.84
CA ASP M 15 35.12 -61.35 -23.37
C ASP M 15 34.45 -59.98 -23.25
N ILE M 16 35.18 -58.91 -23.56
CA ILE M 16 34.59 -57.57 -23.57
C ILE M 16 34.53 -57.07 -25.02
N THR M 17 33.36 -56.61 -25.44
CA THR M 17 33.19 -55.96 -26.73
C THR M 17 33.19 -54.45 -26.51
N PHE M 18 34.15 -53.77 -27.17
CA PHE M 18 34.28 -52.30 -27.23
C PHE M 18 33.66 -51.71 -28.51
N GLN M 19 32.94 -50.63 -28.35
CA GLN M 19 32.34 -49.92 -29.46
C GLN M 19 32.38 -48.40 -29.20
N GLY M 20 32.34 -47.61 -30.27
CA GLY M 20 32.43 -46.16 -30.17
C GLY M 20 33.76 -45.79 -29.57
N GLY M 21 33.77 -44.88 -28.64
CA GLY M 21 35.02 -44.40 -28.02
C GLY M 21 35.62 -45.19 -26.85
N ALA M 22 35.00 -46.31 -26.46
CA ALA M 22 35.51 -47.08 -25.35
C ALA M 22 36.70 -47.92 -25.76
N SER M 23 37.63 -48.11 -24.82
CA SER M 23 38.85 -48.92 -25.04
C SER M 23 39.46 -49.38 -23.71
N PRO M 24 40.38 -50.35 -23.74
CA PRO M 24 41.07 -50.70 -22.50
C PRO M 24 42.25 -49.79 -22.26
N ARG M 25 42.55 -49.57 -20.99
CA ARG M 25 43.62 -48.67 -20.62
C ARG M 25 44.10 -48.92 -19.20
N ASN M 26 45.43 -49.08 -19.01
CA ASN M 26 46.06 -49.32 -17.68
C ASN M 26 45.22 -50.25 -16.83
N GLU M 27 44.86 -51.39 -17.41
CA GLU M 27 44.09 -52.42 -16.71
C GLU M 27 42.68 -51.95 -16.21
N THR M 28 42.05 -51.06 -16.99
CA THR M 28 40.66 -50.59 -16.79
C THR M 28 39.89 -50.42 -18.09
N LEU M 29 38.57 -50.31 -17.97
CA LEU M 29 37.73 -49.94 -19.10
C LEU M 29 37.55 -48.45 -19.14
N GLN M 30 38.15 -47.79 -20.12
CA GLN M 30 37.96 -46.36 -20.35
C GLN M 30 36.75 -46.26 -21.26
N LEU M 31 35.68 -45.63 -20.79
CA LEU M 31 34.39 -45.61 -21.54
C LEU M 31 34.25 -44.53 -22.61
N THR M 32 34.92 -43.40 -22.40
CA THR M 32 35.00 -42.29 -23.37
C THR M 32 36.43 -41.94 -23.72
N PRO M 33 36.66 -41.61 -25.01
CA PRO M 33 38.05 -41.47 -25.43
C PRO M 33 38.77 -40.19 -24.94
N THR M 34 40.12 -40.22 -25.03
CA THR M 34 40.96 -39.09 -24.75
C THR M 34 41.89 -38.86 -25.95
N ASP M 35 42.28 -37.58 -26.15
CA ASP M 35 43.21 -37.19 -27.21
C ASP M 35 44.65 -37.52 -26.87
N SER M 36 45.58 -37.14 -27.75
CA SER M 36 47.01 -37.41 -27.56
C SER M 36 47.57 -36.83 -26.22
N ASN M 37 46.99 -35.74 -25.67
CA ASN M 37 47.42 -35.20 -24.35
C ASN M 37 46.65 -35.74 -23.12
N GLY M 38 45.82 -36.76 -23.27
CA GLY M 38 44.98 -37.26 -22.18
C GLY M 38 43.71 -36.46 -21.88
N ILE M 39 43.45 -35.41 -22.66
CA ILE M 39 42.27 -34.54 -22.46
C ILE M 39 41.02 -35.25 -23.00
N PRO M 40 39.97 -35.39 -22.20
CA PRO M 40 38.70 -35.95 -22.69
C PRO M 40 38.18 -35.27 -23.94
N ILE M 41 37.57 -36.01 -24.86
CA ILE M 41 37.08 -35.44 -26.11
C ILE M 41 35.59 -35.23 -25.98
N ARG M 42 35.16 -34.05 -26.44
CA ARG M 42 33.76 -33.62 -26.35
C ARG M 42 32.87 -34.47 -27.27
N GLN M 43 31.61 -34.66 -26.86
CA GLN M 43 30.55 -35.29 -27.67
C GLN M 43 30.90 -36.67 -28.24
N ARG M 44 31.26 -37.58 -27.33
CA ARG M 44 31.53 -39.00 -27.66
C ARG M 44 30.77 -39.91 -26.70
N ALA M 45 30.51 -41.11 -27.15
CA ALA M 45 29.90 -42.16 -26.33
C ALA M 45 30.68 -43.44 -26.58
N GLY M 46 30.80 -44.29 -25.57
CA GLY M 46 31.42 -45.60 -25.72
C GLY M 46 30.71 -46.66 -24.91
N HIS M 47 30.77 -47.90 -25.38
CA HIS M 47 30.18 -49.06 -24.73
C HIS M 47 31.24 -50.07 -24.51
N ALA M 48 31.32 -50.62 -23.31
CA ALA M 48 32.12 -51.82 -23.03
C ALA M 48 31.12 -52.82 -22.46
N VAL M 49 30.76 -53.85 -23.26
CA VAL M 49 29.76 -54.89 -22.85
C VAL M 49 30.37 -56.29 -22.75
N TYR M 50 29.82 -57.09 -21.85
CA TYR M 50 30.14 -58.50 -21.77
C TYR M 50 29.51 -59.15 -22.99
N SER M 51 30.34 -59.77 -23.84
CA SER M 51 29.92 -60.20 -25.17
C SER M 51 28.89 -61.32 -25.14
N GLN M 52 28.88 -62.19 -24.13
CA GLN M 52 27.94 -63.35 -24.07
C GLN M 52 26.52 -62.92 -23.70
N PRO M 53 25.52 -63.17 -24.59
CA PRO M 53 24.15 -62.87 -24.21
C PRO M 53 23.65 -63.81 -23.14
N PHE M 54 22.57 -63.42 -22.49
CA PHE M 54 21.87 -64.30 -21.56
C PHE M 54 20.38 -63.96 -21.58
N GLN M 55 19.57 -64.76 -20.87
CA GLN M 55 18.12 -64.51 -20.76
C GLN M 55 17.72 -64.11 -19.35
N LEU M 56 16.60 -63.42 -19.25
CA LEU M 56 16.12 -62.94 -17.98
C LEU M 56 14.89 -63.69 -17.50
N ARG M 57 14.27 -64.57 -18.29
CA ARG M 57 13.11 -65.24 -17.73
C ARG M 57 13.50 -66.10 -16.50
N ASP M 58 12.74 -65.98 -15.41
CA ASP M 58 12.97 -66.73 -14.16
C ASP M 58 14.42 -66.65 -13.70
N THR M 59 14.88 -65.42 -13.54
CA THR M 59 16.29 -65.14 -13.27
C THR M 59 16.46 -64.00 -12.27
N SER M 60 17.37 -64.23 -11.33
CA SER M 60 17.92 -63.24 -10.43
C SER M 60 19.40 -63.03 -10.82
N PHE M 61 19.90 -61.82 -10.64
CA PHE M 61 21.34 -61.54 -10.78
C PHE M 61 21.87 -60.54 -9.74
N TYR M 62 23.20 -60.60 -9.57
CA TYR M 62 23.97 -59.68 -8.77
C TYR M 62 25.20 -59.37 -9.55
N THR M 63 25.54 -58.12 -9.58
CA THR M 63 26.78 -57.67 -10.22
C THR M 63 27.38 -56.55 -9.39
N THR M 64 28.69 -56.56 -9.24
CA THR M 64 29.40 -55.49 -8.55
C THR M 64 30.53 -55.04 -9.47
N PHE M 65 30.86 -53.76 -9.36
CA PHE M 65 32.00 -53.16 -10.04
C PHE M 65 32.58 -52.02 -9.27
N THR M 66 33.85 -51.75 -9.52
CA THR M 66 34.51 -50.55 -8.99
C THR M 66 34.74 -49.60 -10.15
N PHE M 67 34.65 -48.29 -9.82
CA PHE M 67 34.77 -47.23 -10.82
C PHE M 67 35.37 -45.97 -10.26
N VAL M 68 35.96 -45.20 -11.17
CA VAL M 68 36.52 -43.91 -10.90
C VAL M 68 36.02 -42.96 -11.96
N ILE M 69 35.57 -41.77 -11.52
CA ILE M 69 35.24 -40.64 -12.39
C ILE M 69 36.40 -39.70 -12.26
N ARG M 70 37.04 -39.38 -13.39
CA ARG M 70 38.18 -38.41 -13.44
C ARG M 70 37.76 -37.13 -14.16
N THR M 71 37.73 -36.02 -13.41
CA THR M 71 37.23 -34.76 -13.93
C THR M 71 38.37 -33.79 -14.07
N THR M 72 38.38 -33.02 -15.16
CA THR M 72 39.41 -32.00 -15.39
C THR M 72 38.94 -30.59 -15.08
N SER M 73 37.65 -30.37 -14.78
CA SER M 73 37.21 -29.07 -14.22
C SER M 73 35.80 -29.12 -13.60
N ASN M 74 35.21 -27.95 -13.35
CA ASN M 74 33.91 -27.68 -12.69
C ASN M 74 32.70 -28.43 -13.08
N SER M 75 32.51 -28.56 -14.38
CA SER M 75 31.19 -28.84 -14.95
C SER M 75 31.20 -30.05 -15.87
N PRO M 76 31.59 -31.20 -15.32
CA PRO M 76 31.78 -32.36 -16.14
C PRO M 76 30.46 -32.91 -16.66
N ALA M 77 30.54 -33.63 -17.77
CA ALA M 77 29.40 -34.26 -18.33
C ALA M 77 29.87 -35.49 -19.14
N ASP M 78 29.06 -36.52 -19.30
CA ASP M 78 27.69 -36.63 -18.80
C ASP M 78 27.49 -37.68 -17.73
N GLY M 79 28.50 -38.53 -17.55
CA GLY M 79 28.38 -39.68 -16.69
C GLY M 79 28.46 -40.99 -17.48
N PHE M 80 28.05 -42.07 -16.81
CA PHE M 80 27.98 -43.41 -17.38
C PHE M 80 26.84 -44.19 -16.66
N ALA M 81 26.59 -45.38 -17.19
CA ALA M 81 25.54 -46.24 -16.69
C ALA M 81 25.90 -47.67 -16.96
N ILE M 82 25.46 -48.56 -16.06
CA ILE M 82 25.49 -50.00 -16.31
C ILE M 82 24.12 -50.30 -16.85
N PHE M 83 24.05 -50.99 -17.98
CA PHE M 83 22.81 -51.17 -18.69
C PHE M 83 22.59 -52.58 -19.24
N ILE M 84 21.32 -52.87 -19.48
CA ILE M 84 20.86 -54.13 -20.04
C ILE M 84 20.04 -53.83 -21.30
N ALA M 85 20.32 -54.49 -22.40
CA ALA M 85 19.61 -54.23 -23.63
C ALA M 85 19.80 -55.41 -24.55
N PRO M 86 19.03 -55.47 -25.67
CA PRO M 86 19.26 -56.58 -26.62
C PRO M 86 20.70 -56.64 -27.15
N PRO M 87 21.09 -57.78 -27.69
CA PRO M 87 22.49 -57.96 -28.13
C PRO M 87 22.96 -57.07 -29.28
N ASP M 88 22.05 -56.70 -30.20
CA ASP M 88 22.35 -55.85 -31.35
C ASP M 88 22.24 -54.31 -31.09
N PHE M 89 22.32 -53.90 -29.82
CA PHE M 89 22.08 -52.52 -29.38
C PHE M 89 23.26 -51.66 -29.75
N PRO M 90 23.02 -50.63 -30.57
CA PRO M 90 24.12 -49.75 -30.96
C PRO M 90 24.53 -48.73 -29.86
N VAL M 91 25.70 -48.13 -30.07
CA VAL M 91 26.09 -46.95 -29.33
C VAL M 91 25.17 -45.87 -29.86
N LYS M 92 24.38 -45.28 -28.95
CA LYS M 92 23.43 -44.24 -29.32
C LYS M 92 24.00 -42.89 -29.04
N ARG M 93 23.16 -41.86 -28.92
CA ARG M 93 23.68 -40.49 -28.88
C ARG M 93 24.56 -40.17 -27.63
N TYR M 94 25.66 -39.50 -27.88
CA TYR M 94 26.49 -38.82 -26.88
C TYR M 94 25.71 -37.71 -26.06
N GLY M 95 26.42 -37.10 -25.14
CA GLY M 95 25.84 -36.08 -24.29
C GLY M 95 25.04 -36.72 -23.19
N GLY M 96 23.93 -36.06 -22.81
CA GLY M 96 23.06 -36.50 -21.70
C GLY M 96 22.19 -37.73 -21.98
N TYR M 97 22.17 -38.14 -23.24
CA TYR M 97 21.56 -39.40 -23.62
C TYR M 97 22.40 -40.59 -23.17
N LEU M 98 23.63 -40.35 -22.73
CA LEU M 98 24.49 -41.36 -22.13
C LEU M 98 24.78 -42.58 -23.01
N GLY M 99 24.72 -42.36 -24.32
CA GLY M 99 24.95 -43.45 -25.28
C GLY M 99 23.86 -44.50 -25.33
N LEU M 100 22.71 -44.20 -24.72
CA LEU M 100 21.61 -45.17 -24.59
C LEU M 100 20.29 -44.78 -25.27
N PHE M 101 20.17 -43.54 -25.76
CA PHE M 101 18.93 -43.10 -26.39
C PHE M 101 19.21 -42.18 -27.54
N GLU M 102 18.19 -42.04 -28.41
CA GLU M 102 18.20 -41.09 -29.52
C GLU M 102 17.27 -39.92 -29.14
N PRO M 103 17.58 -38.67 -29.61
CA PRO M 103 16.82 -37.46 -29.20
C PRO M 103 15.32 -37.50 -29.44
N ASN M 104 14.95 -37.93 -30.64
CA ASN M 104 13.55 -38.15 -31.00
C ASN M 104 12.63 -38.84 -30.02
N THR M 105 13.17 -39.91 -29.41
CA THR M 105 12.40 -40.91 -28.70
C THR M 105 12.83 -41.07 -27.24
N ALA M 106 13.76 -40.27 -26.76
CA ALA M 106 14.47 -40.56 -25.52
C ALA M 106 13.61 -40.58 -24.29
N THR M 107 12.45 -39.94 -24.33
CA THR M 107 11.51 -39.98 -23.19
C THR M 107 10.29 -40.82 -23.43
N ASN M 108 10.19 -41.40 -24.63
CA ASN M 108 9.09 -42.29 -24.98
C ASN M 108 9.33 -43.78 -24.57
N THR M 109 8.65 -44.24 -23.50
CA THR M 109 8.89 -45.59 -22.96
C THR M 109 8.47 -46.70 -23.91
N SER M 110 7.55 -46.45 -24.82
CA SER M 110 7.19 -47.48 -25.81
C SER M 110 8.07 -47.50 -27.12
N ALA M 111 9.13 -46.69 -27.22
CA ALA M 111 10.07 -46.73 -28.36
C ALA M 111 11.47 -47.21 -27.96
N ASN M 112 11.61 -47.68 -26.74
CA ASN M 112 12.90 -48.13 -26.19
C ASN M 112 12.79 -49.48 -25.45
N LYS M 113 13.90 -50.20 -25.45
CA LYS M 113 14.05 -51.41 -24.67
C LYS M 113 15.44 -51.42 -24.07
N VAL M 114 15.54 -50.75 -22.92
CA VAL M 114 16.79 -50.59 -22.17
C VAL M 114 16.55 -50.20 -20.70
N VAL M 115 17.31 -50.83 -19.83
CA VAL M 115 17.25 -50.57 -18.42
C VAL M 115 18.65 -50.32 -17.89
N ALA M 116 18.81 -49.34 -17.02
CA ALA M 116 20.13 -48.92 -16.62
C ALA M 116 20.17 -48.35 -15.24
N VAL M 117 21.34 -48.39 -14.64
CA VAL M 117 21.62 -47.67 -13.41
C VAL M 117 22.64 -46.61 -13.79
N GLU M 118 22.20 -45.36 -13.72
CA GLU M 118 22.99 -44.24 -14.22
C GLU M 118 23.65 -43.43 -13.09
N PHE M 119 24.87 -43.01 -13.44
CA PHE M 119 25.70 -42.17 -12.62
C PHE M 119 25.86 -40.86 -13.37
N ASP M 120 25.04 -39.87 -13.02
CA ASP M 120 24.76 -38.76 -13.91
C ASP M 120 25.40 -37.50 -13.36
N THR M 121 26.39 -36.99 -14.09
CA THR M 121 27.22 -35.84 -13.61
C THR M 121 26.78 -34.47 -14.12
N TRP M 122 25.79 -34.48 -15.03
CA TRP M 122 25.32 -33.26 -15.68
C TRP M 122 23.79 -33.14 -15.64
N VAL M 123 23.33 -32.08 -14.96
CA VAL M 123 21.92 -31.75 -14.86
C VAL M 123 21.44 -31.19 -16.19
N ASN M 124 20.60 -31.97 -16.87
CA ASN M 124 20.06 -31.61 -18.18
C ASN M 124 18.79 -30.81 -18.06
N THR M 125 18.84 -29.62 -18.62
CA THR M 125 17.69 -28.77 -18.67
C THR M 125 16.66 -29.29 -19.69
N GLU M 126 17.10 -30.05 -20.65
CA GLU M 126 16.26 -30.46 -21.77
C GLU M 126 15.08 -31.38 -21.40
N TRP M 127 15.20 -32.18 -20.31
CA TRP M 127 14.10 -33.02 -19.76
C TRP M 127 13.98 -32.84 -18.23
N LYS M 128 14.37 -31.62 -17.82
CA LYS M 128 14.10 -31.06 -16.48
C LYS M 128 14.46 -32.05 -15.37
N GLU M 129 15.71 -32.47 -15.37
CA GLU M 129 16.20 -33.41 -14.37
C GLU M 129 16.31 -32.69 -13.05
N PRO M 130 16.23 -33.43 -11.94
CA PRO M 130 16.42 -32.78 -10.65
C PRO M 130 17.75 -32.01 -10.51
N ARG M 131 17.75 -30.99 -9.66
CA ARG M 131 18.79 -29.93 -9.67
C ARG M 131 20.06 -30.26 -8.86
N TYR M 132 20.59 -31.44 -9.18
CA TYR M 132 21.76 -31.97 -8.54
C TYR M 132 22.19 -33.17 -9.38
N ARG M 133 23.46 -33.52 -9.22
CA ARG M 133 24.01 -34.71 -9.82
C ARG M 133 23.40 -35.90 -9.10
N HIS M 134 23.15 -36.97 -9.83
CA HIS M 134 22.30 -38.00 -9.25
C HIS M 134 22.65 -39.36 -9.77
N ILE M 135 22.27 -40.36 -8.98
CA ILE M 135 22.24 -41.74 -9.40
C ILE M 135 20.76 -42.07 -9.62
N GLY M 136 20.48 -42.87 -10.63
CA GLY M 136 19.10 -43.12 -10.98
C GLY M 136 18.94 -44.43 -11.68
N ILE M 137 17.71 -44.96 -11.65
CA ILE M 137 17.31 -46.16 -12.39
C ILE M 137 16.45 -45.71 -13.57
N ASP M 138 16.85 -46.14 -14.75
CA ASP M 138 16.18 -45.80 -16.00
C ASP M 138 15.52 -47.02 -16.60
N VAL M 139 14.26 -46.84 -16.98
CA VAL M 139 13.44 -47.91 -17.60
C VAL M 139 12.83 -47.34 -18.84
N ASN M 140 13.52 -47.58 -19.92
CA ASN M 140 13.08 -47.17 -21.26
C ASN M 140 12.99 -45.67 -21.55
N SER M 141 13.65 -44.86 -20.73
CA SER M 141 13.56 -43.42 -20.85
C SER M 141 14.78 -42.90 -20.18
N ILE M 142 15.30 -41.80 -20.74
CA ILE M 142 16.39 -41.04 -20.10
C ILE M 142 15.90 -40.26 -18.81
N VAL M 143 14.57 -40.16 -18.66
CA VAL M 143 13.95 -39.72 -17.40
C VAL M 143 13.82 -40.90 -16.46
N SER M 144 14.74 -40.94 -15.50
CA SER M 144 14.83 -41.95 -14.45
C SER M 144 13.50 -42.07 -13.75
N VAL M 145 13.05 -43.29 -13.53
CA VAL M 145 11.84 -43.56 -12.78
C VAL M 145 12.09 -43.49 -11.31
N ARG M 146 13.33 -43.61 -10.90
CA ARG M 146 13.68 -43.43 -9.51
C ARG M 146 15.13 -42.82 -9.42
N VAL M 147 15.32 -41.79 -8.59
CA VAL M 147 16.51 -40.99 -8.69
C VAL M 147 16.86 -40.41 -7.32
N THR M 148 18.16 -40.40 -6.98
CA THR M 148 18.58 -39.93 -5.68
C THR M 148 19.80 -39.08 -5.85
N ARG M 149 19.96 -38.15 -4.89
CA ARG M 149 21.01 -37.15 -4.97
C ARG M 149 22.35 -37.85 -4.77
N TRP M 150 23.31 -37.47 -5.61
CA TRP M 150 24.67 -37.98 -5.60
C TRP M 150 25.56 -36.81 -5.14
N GLN M 151 26.12 -36.90 -3.93
CA GLN M 151 26.83 -35.78 -3.28
C GLN M 151 28.00 -35.38 -4.11
N ASP M 152 28.21 -34.09 -4.30
CA ASP M 152 29.33 -33.63 -5.14
C ASP M 152 30.71 -34.00 -4.52
N LYS M 153 30.78 -33.98 -3.18
CA LYS M 153 31.94 -34.48 -2.41
C LYS M 153 32.45 -35.81 -2.98
N ASP M 154 31.51 -36.71 -3.27
CA ASP M 154 31.78 -38.06 -3.82
C ASP M 154 32.01 -38.11 -5.34
N VAL M 155 31.31 -37.28 -6.10
CA VAL M 155 31.48 -37.20 -7.55
C VAL M 155 32.92 -36.81 -7.83
N PHE M 156 33.37 -35.74 -7.16
CA PHE M 156 34.69 -35.20 -7.40
C PHE M 156 35.80 -35.77 -6.52
N SER M 157 35.49 -36.78 -5.71
CA SER M 157 36.50 -37.36 -4.79
C SER M 157 37.70 -38.02 -5.48
N ARG M 158 37.46 -38.52 -6.70
CA ARG M 158 38.41 -39.38 -7.39
C ARG M 158 38.82 -40.63 -6.55
N SER M 159 37.86 -41.15 -5.77
CA SER M 159 38.02 -42.41 -5.06
C SER M 159 37.68 -43.50 -6.03
N ILE M 160 38.10 -44.71 -5.69
CA ILE M 160 37.59 -45.94 -6.27
C ILE M 160 36.25 -46.24 -5.51
N ALA M 161 35.15 -46.14 -6.23
CA ALA M 161 33.85 -46.37 -5.64
C ALA M 161 33.31 -47.71 -6.03
N THR M 162 32.41 -48.23 -5.22
CA THR M 162 31.81 -49.54 -5.48
C THR M 162 30.32 -49.42 -5.71
N ALA M 163 29.85 -50.13 -6.73
CA ALA M 163 28.44 -50.33 -7.00
C ALA M 163 28.06 -51.80 -6.80
N HIS M 164 26.89 -52.00 -6.29
CA HIS M 164 26.31 -53.31 -6.23
C HIS M 164 24.95 -53.15 -6.94
N VAL M 165 24.70 -53.91 -8.01
CA VAL M 165 23.40 -53.93 -8.65
C VAL M 165 22.84 -55.34 -8.56
N GLY M 166 21.60 -55.49 -8.11
CA GLY M 166 20.97 -56.79 -7.95
C GLY M 166 19.53 -56.81 -8.42
N TYR M 167 19.11 -57.93 -9.00
CA TYR M 167 17.73 -58.13 -9.49
C TYR M 167 17.15 -59.37 -8.82
N ASP M 168 16.01 -59.19 -8.17
CA ASP M 168 15.26 -60.30 -7.58
C ASP M 168 14.13 -60.66 -8.56
N GLY M 169 14.25 -61.83 -9.16
CA GLY M 169 13.34 -62.30 -10.22
C GLY M 169 11.97 -62.77 -9.80
N ILE M 170 11.84 -63.03 -8.50
CA ILE M 170 10.56 -63.35 -7.86
C ILE M 170 9.78 -62.05 -7.57
N SER M 171 10.33 -61.15 -6.74
CA SER M 171 9.62 -59.92 -6.39
C SER M 171 9.68 -58.82 -7.47
N LYS M 172 10.55 -58.99 -8.48
CA LYS M 172 10.67 -58.14 -9.67
C LYS M 172 11.25 -56.77 -9.29
N ILE M 173 12.38 -56.81 -8.62
CA ILE M 173 12.95 -55.61 -8.02
C ILE M 173 14.41 -55.48 -8.39
N LEU M 174 14.74 -54.35 -9.03
CA LEU M 174 16.08 -53.95 -9.33
C LEU M 174 16.53 -52.99 -8.26
N THR M 175 17.74 -53.22 -7.76
CA THR M 175 18.30 -52.46 -6.64
C THR M 175 19.74 -52.10 -6.91
N ALA M 176 20.17 -50.91 -6.49
CA ALA M 176 21.54 -50.48 -6.57
C ALA M 176 22.02 -49.97 -5.22
N PHE M 177 23.11 -50.54 -4.69
CA PHE M 177 23.80 -49.93 -3.55
C PHE M 177 25.10 -49.33 -4.13
N VAL M 178 25.42 -48.08 -3.76
CA VAL M 178 26.68 -47.47 -4.17
C VAL M 178 27.42 -46.91 -2.95
N THR M 179 28.70 -47.24 -2.83
CA THR M 179 29.50 -46.87 -1.64
C THR M 179 30.81 -46.21 -2.01
N TYR M 180 31.21 -45.29 -1.15
CA TYR M 180 32.42 -44.51 -1.32
C TYR M 180 33.25 -44.71 -0.02
N PRO M 181 34.57 -44.98 -0.15
CA PRO M 181 35.43 -45.09 1.04
C PRO M 181 35.50 -43.74 1.75
N ASP M 182 35.10 -43.75 3.02
CA ASP M 182 34.91 -42.52 3.87
C ASP M 182 33.99 -41.47 3.27
N GLY M 183 32.98 -41.93 2.53
CA GLY M 183 32.09 -41.05 1.84
C GLY M 183 30.71 -41.59 2.00
N GLY M 184 29.88 -41.23 1.04
CA GLY M 184 28.48 -41.54 1.06
C GLY M 184 28.10 -42.94 0.62
N ASN M 185 26.88 -43.29 0.98
CA ASN M 185 26.22 -44.53 0.62
C ASN M 185 24.80 -44.26 0.08
N TYR M 186 24.48 -44.92 -1.03
CA TYR M 186 23.31 -44.62 -1.80
C TYR M 186 22.54 -45.89 -2.01
N VAL M 187 21.23 -45.79 -1.94
CA VAL M 187 20.32 -46.94 -2.10
C VAL M 187 19.11 -46.58 -2.98
N LEU M 188 18.89 -47.36 -4.02
CA LEU M 188 17.76 -47.18 -4.88
C LEU M 188 17.16 -48.53 -5.16
N SER M 189 15.84 -48.62 -5.15
CA SER M 189 15.14 -49.84 -5.55
C SER M 189 13.90 -49.48 -6.37
N HIS M 190 13.60 -50.30 -7.36
CA HIS M 190 12.41 -50.08 -8.23
C HIS M 190 11.76 -51.37 -8.67
N VAL M 191 10.45 -51.44 -8.57
CA VAL M 191 9.70 -52.61 -9.05
C VAL M 191 9.63 -52.53 -10.57
N VAL M 192 10.21 -53.51 -11.25
CA VAL M 192 10.22 -53.58 -12.72
C VAL M 192 10.39 -55.05 -13.20
N ASP M 193 9.54 -55.47 -14.14
CA ASP M 193 9.55 -56.86 -14.62
C ASP M 193 10.47 -56.95 -15.83
N LEU M 194 11.75 -57.27 -15.59
CA LEU M 194 12.74 -57.32 -16.66
C LEU M 194 12.41 -58.41 -17.69
N ALA M 195 11.81 -59.52 -17.26
CA ALA M 195 11.47 -60.61 -18.20
C ALA M 195 10.46 -60.18 -19.25
N GLU M 196 9.57 -59.30 -18.85
CA GLU M 196 8.50 -58.81 -19.71
C GLU M 196 8.97 -57.74 -20.70
N ILE M 197 9.89 -56.88 -20.29
CA ILE M 197 10.55 -55.94 -21.21
C ILE M 197 11.50 -56.67 -22.20
N PHE M 198 12.28 -57.64 -21.68
CA PHE M 198 13.25 -58.41 -22.46
C PHE M 198 12.87 -59.93 -22.57
N PRO M 199 11.92 -60.27 -23.49
CA PRO M 199 11.54 -61.65 -23.61
C PRO M 199 12.63 -62.50 -24.25
N GLY M 200 13.59 -61.89 -24.94
CA GLY M 200 14.63 -62.65 -25.61
C GLY M 200 15.97 -62.55 -24.94
N ASP M 201 17.02 -62.45 -25.74
CA ASP M 201 18.40 -62.29 -25.22
C ASP M 201 18.71 -60.86 -24.78
N VAL M 202 19.68 -60.73 -23.88
CA VAL M 202 20.23 -59.44 -23.47
C VAL M 202 21.75 -59.51 -23.24
N ARG M 203 22.40 -58.34 -23.24
CA ARG M 203 23.79 -58.17 -22.77
C ARG M 203 23.87 -57.08 -21.75
N ILE M 204 24.78 -57.29 -20.82
CA ILE M 204 25.02 -56.34 -19.76
C ILE M 204 26.39 -55.69 -20.02
N GLY M 205 26.47 -54.40 -19.72
CA GLY M 205 27.68 -53.62 -19.95
C GLY M 205 27.62 -52.17 -19.50
N PHE M 206 28.62 -51.42 -19.89
CA PHE M 206 28.73 -50.04 -19.51
C PHE M 206 28.62 -49.16 -20.71
N SER M 207 27.93 -48.03 -20.55
CA SER M 207 27.85 -46.95 -21.53
C SER M 207 28.24 -45.60 -20.87
N GLY M 208 29.25 -44.96 -21.46
CA GLY M 208 29.72 -43.67 -21.01
C GLY M 208 29.52 -42.66 -22.13
N ALA M 209 29.47 -41.39 -21.76
CA ALA M 209 29.31 -40.32 -22.72
C ALA M 209 29.85 -39.00 -22.20
N THR M 210 30.32 -38.20 -23.15
CA THR M 210 30.64 -36.79 -22.97
C THR M 210 29.78 -36.02 -24.01
N GLY M 211 29.53 -34.71 -23.82
CA GLY M 211 29.92 -33.97 -22.64
C GLY M 211 31.28 -33.30 -22.75
N GLN M 212 31.99 -33.27 -21.60
CA GLN M 212 33.18 -32.50 -21.41
C GLN M 212 33.87 -32.81 -20.08
N TYR M 213 35.19 -32.65 -20.07
CA TYR M 213 36.03 -32.67 -18.87
C TYR M 213 35.94 -33.92 -18.03
N GLU M 214 35.51 -35.03 -18.63
CA GLU M 214 35.23 -36.20 -17.86
C GLU M 214 35.71 -37.43 -18.60
N THR M 215 36.33 -38.33 -17.84
CA THR M 215 36.55 -39.69 -18.29
C THR M 215 36.02 -40.65 -17.19
N GLN M 216 35.42 -41.76 -17.60
CA GLN M 216 34.86 -42.75 -16.68
C GLN M 216 35.64 -44.04 -16.88
N TYR M 217 36.17 -44.56 -15.76
CA TYR M 217 36.96 -45.79 -15.74
C TYR M 217 36.23 -46.85 -14.89
N ILE M 218 36.19 -48.11 -15.38
CA ILE M 218 35.74 -49.28 -14.62
C ILE M 218 37.03 -50.07 -14.32
N HIS M 219 37.26 -50.34 -13.02
CA HIS M 219 38.50 -50.97 -12.48
C HIS M 219 38.35 -52.44 -12.15
N SER M 220 37.13 -52.87 -11.79
CA SER M 220 36.83 -54.27 -11.56
C SER M 220 35.33 -54.54 -11.87
N TRP M 221 34.96 -55.80 -12.08
CA TRP M 221 33.57 -56.18 -12.41
C TRP M 221 33.32 -57.69 -12.20
N SER M 222 32.31 -58.05 -11.43
CA SER M 222 31.86 -59.46 -11.41
C SER M 222 30.37 -59.52 -11.56
N PHE M 223 29.90 -60.69 -11.98
CA PHE M 223 28.49 -60.92 -12.31
C PHE M 223 28.16 -62.39 -12.00
N SER M 224 26.97 -62.62 -11.42
CA SER M 224 26.42 -63.96 -11.25
C SER M 224 24.91 -63.91 -11.40
N SER M 225 24.37 -64.64 -12.38
CA SER M 225 22.92 -64.86 -12.53
C SER M 225 22.58 -66.32 -12.15
N THR M 226 21.40 -66.52 -11.59
CA THR M 226 20.94 -67.88 -11.28
C THR M 226 19.46 -67.94 -11.55
N SER M 227 18.96 -69.16 -11.77
CA SER M 227 17.55 -69.42 -12.01
C SER M 227 16.77 -69.33 -10.70
N THR M 228 15.51 -68.90 -10.73
CA THR M 228 14.67 -68.79 -9.52
C THR M 228 13.77 -70.05 -9.36
N ASN M 229 14.42 -71.22 -9.29
CA ASN M 229 13.76 -72.56 -9.33
C ASN M 229 14.53 -73.57 -8.43
C ACE N 1 23.04 -24.34 -18.13
O ACE N 1 23.70 -24.62 -17.09
CH3 ACE N 1 23.36 -23.07 -18.86
N GLY N 2 22.04 -25.07 -18.68
CA GLY N 2 21.13 -24.58 -19.76
C GLY N 2 20.87 -25.69 -20.71
N VAL N 3 20.07 -25.41 -21.70
CA VAL N 3 19.86 -26.35 -22.77
C VAL N 3 21.14 -26.35 -23.59
N THR N 4 21.82 -27.48 -23.75
CA THR N 4 23.09 -27.50 -24.46
C THR N 4 23.11 -28.08 -25.89
N SER N 5 21.96 -28.57 -26.38
CA SER N 5 21.76 -29.12 -27.75
C SER N 5 20.41 -29.89 -27.87
N ALA N 6 20.08 -30.29 -29.13
CA ALA N 6 18.93 -31.24 -29.43
C ALA N 6 17.49 -30.70 -28.98
N SER O 1 15.21 -41.17 11.13
CA SER O 1 16.28 -40.24 11.62
C SER O 1 17.64 -40.66 11.05
N GLU O 2 18.66 -39.84 11.29
CA GLU O 2 20.01 -39.99 10.74
C GLU O 2 20.94 -40.51 11.79
N LEU O 3 21.61 -41.61 11.47
CA LEU O 3 22.56 -42.26 12.36
C LEU O 3 23.60 -42.97 11.55
N SER O 4 24.87 -42.88 11.96
CA SER O 4 25.90 -43.68 11.34
C SER O 4 27.00 -44.09 12.33
N PHE O 5 27.50 -45.31 12.14
CA PHE O 5 28.53 -45.91 12.97
C PHE O 5 29.37 -46.83 12.09
N ASN O 6 30.57 -47.13 12.62
CA ASN O 6 31.53 -47.94 11.92
C ASN O 6 32.38 -48.74 12.90
N TYR O 7 32.37 -50.06 12.73
CA TYR O 7 33.26 -50.96 13.42
C TYR O 7 34.05 -51.73 12.34
N PRO O 8 35.28 -51.30 12.00
CA PRO O 8 36.15 -52.05 11.07
C PRO O 8 36.52 -53.43 11.54
N ASN O 9 36.70 -53.53 12.86
CA ASN O 9 36.69 -54.77 13.66
C ASN O 9 36.01 -54.43 14.98
N PHE O 10 35.97 -55.33 15.95
CA PHE O 10 35.32 -55.04 17.26
C PHE O 10 36.31 -55.01 18.38
N GLN O 11 37.47 -54.40 18.15
CA GLN O 11 38.51 -54.25 19.18
C GLN O 11 37.97 -53.42 20.36
N SER O 12 37.16 -52.42 20.00
CA SER O 12 36.30 -51.72 20.92
C SER O 12 34.86 -52.18 20.63
N VAL O 13 34.08 -52.32 21.70
CA VAL O 13 32.68 -52.72 21.59
C VAL O 13 31.83 -51.72 22.29
N GLU O 14 32.13 -50.45 22.02
CA GLU O 14 31.70 -49.39 22.90
C GLU O 14 30.17 -49.23 22.92
N ASP O 15 29.52 -49.08 21.79
CA ASP O 15 28.08 -48.87 21.90
C ASP O 15 27.33 -50.11 21.51
N ILE O 16 27.81 -51.28 21.96
CA ILE O 16 27.14 -52.56 21.66
C ILE O 16 26.55 -53.06 22.97
N THR O 17 25.25 -53.37 22.99
CA THR O 17 24.60 -54.01 24.13
C THR O 17 24.57 -55.51 23.87
N PHE O 18 25.14 -56.31 24.78
CA PHE O 18 25.06 -57.78 24.78
C PHE O 18 23.97 -58.31 25.76
N GLN O 19 23.21 -59.29 25.28
CA GLN O 19 22.18 -59.96 26.07
C GLN O 19 22.23 -61.43 25.79
N GLY O 20 21.75 -62.23 26.75
CA GLY O 20 21.72 -63.67 26.65
C GLY O 20 23.13 -64.21 26.55
N GLY O 21 23.37 -65.14 25.63
CA GLY O 21 24.68 -65.75 25.41
C GLY O 21 25.69 -64.98 24.56
N ALA O 22 25.34 -63.83 24.03
CA ALA O 22 26.29 -63.11 23.21
C ALA O 22 27.37 -62.44 24.05
N SER O 23 28.56 -62.32 23.49
CA SER O 23 29.70 -61.65 24.14
C SER O 23 30.79 -61.28 23.12
N PRO O 24 31.75 -60.39 23.50
CA PRO O 24 32.86 -60.08 22.57
C PRO O 24 33.97 -61.12 22.66
N ARG O 25 34.64 -61.40 21.55
CA ARG O 25 35.65 -62.43 21.54
C ARG O 25 36.60 -62.25 20.37
N ASN O 26 37.92 -62.17 20.67
CA ASN O 26 39.00 -61.97 19.66
C ASN O 26 38.57 -60.96 18.60
N GLU O 27 38.18 -59.78 19.08
CA GLU O 27 37.82 -58.66 18.21
C GLU O 27 36.63 -58.97 17.25
N THR O 28 35.68 -59.76 17.75
CA THR O 28 34.43 -60.04 17.04
C THR O 28 33.26 -60.16 18.02
N LEU O 29 32.05 -60.16 17.48
CA LEU O 29 30.87 -60.45 18.25
C LEU O 29 30.58 -61.95 18.16
N GLN O 30 30.62 -62.62 19.29
CA GLN O 30 30.18 -64.02 19.41
C GLN O 30 28.73 -64.00 19.84
N LEU O 31 27.86 -64.46 18.95
CA LEU O 31 26.42 -64.35 19.18
C LEU O 31 25.90 -65.43 20.12
N THR O 32 26.49 -66.64 20.09
CA THR O 32 26.06 -67.76 20.96
C THR O 32 27.25 -68.33 21.70
N PRO O 33 27.02 -68.76 22.97
CA PRO O 33 28.14 -69.01 23.87
C PRO O 33 28.81 -70.36 23.60
N THR O 34 30.05 -70.46 24.08
CA THR O 34 30.86 -71.68 24.06
C THR O 34 31.32 -72.01 25.50
N ASP O 35 31.43 -73.31 25.79
CA ASP O 35 31.85 -73.81 27.11
C ASP O 35 33.38 -73.66 27.28
N SER O 36 33.90 -74.14 28.40
CA SER O 36 35.34 -74.04 28.68
C SER O 36 36.26 -74.67 27.59
N ASN O 37 35.80 -75.67 26.83
CA ASN O 37 36.57 -76.25 25.71
C ASN O 37 36.35 -75.61 24.32
N GLY O 38 35.64 -74.49 24.26
CA GLY O 38 35.25 -73.91 22.97
C GLY O 38 34.08 -74.57 22.24
N ILE O 39 33.43 -75.59 22.83
CA ILE O 39 32.36 -76.30 22.17
C ILE O 39 31.08 -75.46 22.27
N PRO O 40 30.33 -75.29 21.15
CA PRO O 40 29.03 -74.55 21.19
C PRO O 40 27.98 -75.14 22.11
N ILE O 41 27.29 -74.33 22.88
CA ILE O 41 26.35 -74.83 23.85
C ILE O 41 25.00 -74.89 23.17
N ARG O 42 24.32 -76.02 23.39
CA ARG O 42 23.00 -76.31 22.86
C ARG O 42 21.95 -75.35 23.48
N GLN O 43 20.92 -75.00 22.68
CA GLN O 43 19.72 -74.27 23.14
C GLN O 43 20.03 -72.94 23.88
N ARG O 44 20.74 -72.07 23.17
CA ARG O 44 21.01 -70.71 23.65
C ARG O 44 20.80 -69.72 22.55
N ALA O 45 20.42 -68.52 22.92
CA ALA O 45 20.27 -67.39 22.00
C ALA O 45 21.04 -66.20 22.55
N GLY O 46 21.56 -65.37 21.65
CA GLY O 46 22.23 -64.15 22.06
C GLY O 46 21.98 -63.01 21.10
N HIS O 47 21.96 -61.78 21.64
CA HIS O 47 21.77 -60.55 20.91
C HIS O 47 22.98 -59.63 21.13
N ALA O 48 23.52 -59.07 20.05
CA ALA O 48 24.46 -57.95 20.10
C ALA O 48 23.85 -56.86 19.25
N VAL O 49 23.33 -55.82 19.93
CA VAL O 49 22.61 -54.69 19.26
C VAL O 49 23.37 -53.36 19.45
N TYR O 50 23.31 -52.49 18.43
CA TYR O 50 23.77 -51.12 18.56
C TYR O 50 22.83 -50.40 19.52
N SER O 51 23.37 -49.79 20.58
CA SER O 51 22.53 -49.37 21.74
C SER O 51 21.65 -48.16 21.49
N GLN O 52 22.07 -47.29 20.58
CA GLN O 52 21.35 -46.06 20.26
C GLN O 52 20.09 -46.34 19.39
N PRO O 53 18.90 -45.97 19.90
CA PRO O 53 17.73 -46.08 19.04
C PRO O 53 17.77 -45.11 17.85
N PHE O 54 16.92 -45.37 16.85
CA PHE O 54 16.67 -44.44 15.77
C PHE O 54 15.21 -44.61 15.28
N GLN O 55 14.76 -43.74 14.37
CA GLN O 55 13.42 -43.83 13.76
C GLN O 55 13.53 -44.17 12.28
N LEU O 56 12.45 -44.74 11.77
CA LEU O 56 12.40 -45.13 10.38
C LEU O 56 11.50 -44.26 9.53
N ARG O 57 10.72 -43.32 10.11
CA ARG O 57 9.88 -42.50 9.28
C ARG O 57 10.75 -41.68 8.32
N ASP O 58 10.42 -41.69 7.03
CA ASP O 58 11.12 -40.95 5.99
C ASP O 58 12.61 -41.18 6.02
N THR O 59 12.99 -42.46 6.04
CA THR O 59 14.37 -42.88 6.18
C THR O 59 14.76 -43.98 5.20
N SER O 60 15.95 -43.85 4.64
CA SER O 60 16.65 -44.92 3.92
C SER O 60 17.88 -45.33 4.71
N PHE O 61 18.31 -46.58 4.58
CA PHE O 61 19.55 -47.00 5.23
C PHE O 61 20.29 -48.03 4.43
N TYR O 62 21.59 -48.10 4.72
CA TYR O 62 22.51 -49.09 4.20
C TYR O 62 23.35 -49.60 5.36
N THR O 63 23.53 -50.91 5.44
CA THR O 63 24.40 -51.49 6.40
C THR O 63 25.10 -52.62 5.76
N THR O 64 26.35 -52.83 6.14
CA THR O 64 27.16 -53.96 5.67
C THR O 64 27.88 -54.54 6.87
N PHE O 65 28.06 -55.85 6.84
CA PHE O 65 28.84 -56.54 7.87
C PHE O 65 29.60 -57.71 7.28
N THR O 66 30.68 -58.10 7.95
CA THR O 66 31.35 -59.36 7.65
C THR O 66 31.05 -60.36 8.76
N PHE O 67 30.97 -61.64 8.37
CA PHE O 67 30.62 -62.72 9.29
C PHE O 67 31.24 -64.05 8.90
N VAL O 68 31.38 -64.88 9.94
CA VAL O 68 31.84 -66.26 9.81
C VAL O 68 30.82 -67.12 10.52
N ILE O 69 30.51 -68.24 9.88
CA ILE O 69 29.84 -69.31 10.58
C ILE O 69 30.83 -70.47 10.80
N ARG O 70 31.03 -70.82 12.09
CA ARG O 70 31.94 -71.91 12.49
C ARG O 70 31.09 -73.10 12.86
N THR O 71 31.28 -74.21 12.14
CA THR O 71 30.53 -75.45 12.42
C THR O 71 31.43 -76.56 12.86
N THR O 72 31.01 -77.30 13.90
CA THR O 72 31.81 -78.41 14.41
C THR O 72 31.31 -79.77 13.94
N SER O 73 30.21 -79.83 13.18
CA SER O 73 29.85 -81.05 12.42
C SER O 73 28.77 -80.86 11.33
N ASN O 74 28.24 -81.98 10.82
CA ASN O 74 27.17 -82.09 9.77
C ASN O 74 25.95 -81.22 9.74
N SER O 75 25.33 -81.05 10.91
CA SER O 75 23.91 -80.61 11.01
C SER O 75 23.75 -79.44 11.97
N PRO O 76 24.42 -78.33 11.63
CA PRO O 76 24.49 -77.22 12.54
C PRO O 76 23.16 -76.53 12.62
N ALA O 77 22.93 -75.86 13.73
CA ALA O 77 21.74 -75.11 13.94
C ALA O 77 22.00 -73.98 14.94
N ASP O 78 21.29 -72.86 14.84
CA ASP O 78 20.21 -72.63 13.88
C ASP O 78 20.53 -71.56 12.86
N GLY O 79 21.55 -70.75 13.14
CA GLY O 79 21.85 -69.58 12.34
C GLY O 79 21.80 -68.28 13.14
N PHE O 80 21.78 -67.17 12.38
CA PHE O 80 21.68 -65.82 12.94
C PHE O 80 20.98 -64.87 11.95
N ALA O 81 20.65 -63.70 12.48
CA ALA O 81 19.92 -62.70 11.70
C ALA O 81 20.39 -61.33 12.12
N ILE O 82 20.34 -60.41 11.16
CA ILE O 82 20.38 -58.99 11.45
C ILE O 82 18.92 -58.54 11.52
N PHE O 83 18.58 -57.85 12.58
CA PHE O 83 17.21 -57.51 12.81
C PHE O 83 16.97 -56.12 13.34
N ILE O 84 15.73 -55.66 13.16
CA ILE O 84 15.22 -54.36 13.59
C ILE O 84 14.00 -54.61 14.42
N ALA O 85 13.91 -53.97 15.56
CA ALA O 85 12.83 -54.18 16.49
C ALA O 85 12.77 -53.04 17.46
N PRO O 86 11.67 -52.95 18.23
CA PRO O 86 11.71 -51.92 19.29
C PRO O 86 12.91 -51.99 20.31
N PRO O 87 13.12 -50.88 21.04
CA PRO O 87 14.31 -50.86 21.90
C PRO O 87 14.29 -51.85 23.05
N ASP O 88 13.11 -52.12 23.58
CA ASP O 88 12.89 -53.01 24.75
C ASP O 88 12.72 -54.52 24.34
N PHE O 89 13.20 -54.90 23.14
CA PHE O 89 13.03 -56.24 22.60
C PHE O 89 13.91 -57.27 23.33
N PRO O 90 13.26 -58.25 24.04
CA PRO O 90 14.06 -59.23 24.76
C PRO O 90 14.74 -60.25 23.86
N VAL O 91 15.62 -61.05 24.43
CA VAL O 91 16.13 -62.23 23.76
C VAL O 91 15.03 -63.23 23.89
N LYS O 92 14.53 -63.73 22.75
CA LYS O 92 13.38 -64.65 22.73
C LYS O 92 13.89 -66.08 22.55
N ARG O 93 13.05 -67.01 22.11
CA ARG O 93 13.42 -68.39 22.19
C ARG O 93 14.60 -68.76 21.27
N TYR O 94 15.49 -69.57 21.86
CA TYR O 94 16.57 -70.30 21.17
C TYR O 94 16.02 -71.23 20.05
N GLY O 95 16.91 -71.96 19.42
CA GLY O 95 16.50 -72.91 18.38
C GLY O 95 16.23 -72.22 17.08
N GLY O 96 15.26 -72.75 16.34
CA GLY O 96 14.87 -72.26 15.00
C GLY O 96 14.13 -70.93 15.01
N TYR O 97 13.67 -70.55 16.21
CA TYR O 97 13.12 -69.23 16.45
C TYR O 97 14.17 -68.12 16.33
N LEU O 98 15.46 -68.49 16.33
CA LEU O 98 16.58 -67.53 16.11
C LEU O 98 16.70 -66.38 17.13
N GLY O 99 16.16 -66.61 18.33
CA GLY O 99 16.13 -65.58 19.35
C GLY O 99 15.23 -64.40 19.05
N LEU O 100 14.32 -64.56 18.08
CA LEU O 100 13.41 -63.49 17.63
C LEU O 100 11.93 -63.77 17.79
N PHE O 101 11.56 -65.00 18.10
CA PHE O 101 10.15 -65.30 18.32
C PHE O 101 9.89 -66.22 19.47
N GLU O 102 8.66 -66.22 19.96
CA GLU O 102 8.20 -67.21 20.94
C GLU O 102 7.39 -68.29 20.16
N PRO O 103 7.41 -69.55 20.61
CA PRO O 103 6.64 -70.62 19.96
C PRO O 103 5.12 -70.38 19.68
N ASN O 104 4.40 -69.95 20.69
CA ASN O 104 2.99 -69.61 20.55
C ASN O 104 2.61 -68.82 19.28
N THR O 105 3.45 -67.83 19.00
CA THR O 105 3.11 -66.69 18.18
C THR O 105 4.09 -66.53 17.06
N ALA O 106 4.94 -67.47 16.82
CA ALA O 106 6.00 -67.27 15.85
C ALA O 106 5.67 -67.10 14.39
N THR O 107 4.51 -67.61 13.96
CA THR O 107 4.06 -67.44 12.60
C THR O 107 2.95 -66.45 12.48
N ASN O 108 2.47 -65.85 13.57
CA ASN O 108 1.34 -64.91 13.55
C ASN O 108 1.88 -63.49 13.31
N THR O 109 1.72 -62.95 12.11
CA THR O 109 2.24 -61.59 11.78
C THR O 109 1.54 -60.44 12.56
N SER O 110 0.36 -60.66 13.12
CA SER O 110 -0.21 -59.65 13.96
C SER O 110 0.15 -59.77 15.45
N ALA O 111 1.06 -60.66 15.85
CA ALA O 111 1.56 -60.70 17.23
C ALA O 111 3.02 -60.39 17.36
N ASN O 112 3.63 -59.92 16.28
CA ASN O 112 5.07 -59.64 16.26
C ASN O 112 5.32 -58.29 15.62
N LYS O 113 6.47 -57.72 15.98
CA LYS O 113 6.97 -56.50 15.40
C LYS O 113 8.45 -56.64 15.34
N VAL O 114 8.87 -57.24 14.22
CA VAL O 114 10.29 -57.46 13.97
C VAL O 114 10.57 -57.80 12.53
N VAL O 115 11.63 -57.28 11.98
CA VAL O 115 11.99 -57.57 10.61
C VAL O 115 13.44 -57.92 10.57
N ALA O 116 13.81 -58.90 9.78
CA ALA O 116 15.14 -59.46 9.80
C ALA O 116 15.57 -59.97 8.47
N VAL O 117 16.88 -60.06 8.32
CA VAL O 117 17.48 -60.84 7.27
C VAL O 117 18.20 -62.03 7.93
N GLU O 118 17.70 -63.22 7.65
CA GLU O 118 18.15 -64.42 8.32
C GLU O 118 19.07 -65.24 7.46
N PHE O 119 20.08 -65.79 8.14
CA PHE O 119 21.01 -66.78 7.62
C PHE O 119 20.82 -68.12 8.33
N ASP O 120 20.07 -69.01 7.68
CA ASP O 120 19.36 -70.13 8.34
C ASP O 120 20.02 -71.42 7.99
N THR O 121 20.61 -72.02 9.01
CA THR O 121 21.45 -73.22 8.80
C THR O 121 20.69 -74.53 9.05
N TRP O 122 19.47 -74.41 9.59
CA TRP O 122 18.68 -75.61 9.98
C TRP O 122 17.25 -75.57 9.41
N VAL O 123 16.95 -76.55 8.57
CA VAL O 123 15.62 -76.69 7.93
C VAL O 123 14.66 -77.18 8.99
N ASN O 124 13.72 -76.34 9.38
CA ASN O 124 12.77 -76.69 10.39
C ASN O 124 11.60 -77.36 9.79
N THR O 125 11.32 -78.53 10.30
CA THR O 125 10.12 -79.25 9.94
C THR O 125 8.85 -78.59 10.54
N GLU O 126 9.01 -77.89 11.66
CA GLU O 126 7.90 -77.40 12.46
C GLU O 126 7.02 -76.36 11.71
N TRP O 127 7.61 -75.59 10.80
CA TRP O 127 6.85 -74.63 9.94
C TRP O 127 7.25 -74.73 8.46
N LYS O 128 7.53 -75.99 8.13
CA LYS O 128 7.67 -76.52 6.76
C LYS O 128 8.46 -75.57 5.88
N GLU O 129 9.67 -75.21 6.35
CA GLU O 129 10.61 -74.35 5.62
C GLU O 129 11.02 -75.10 4.36
N PRO O 130 11.48 -74.40 3.35
CA PRO O 130 11.99 -75.08 2.16
C PRO O 130 13.18 -76.00 2.43
N ARG O 131 13.39 -76.97 1.55
CA ARG O 131 14.26 -78.09 1.87
C ARG O 131 15.72 -77.83 1.52
N TYR O 132 16.26 -76.78 2.12
CA TYR O 132 17.65 -76.40 1.95
C TYR O 132 17.97 -75.30 2.93
N ARG O 133 19.26 -75.08 3.19
CA ARG O 133 19.63 -73.99 4.05
C ARG O 133 19.30 -72.76 3.22
N HIS O 134 19.02 -71.67 3.87
CA HIS O 134 18.53 -70.54 3.13
C HIS O 134 18.82 -69.24 3.82
N ILE O 135 18.79 -68.19 3.00
CA ILE O 135 18.83 -66.78 3.45
C ILE O 135 17.44 -66.24 3.16
N GLY O 136 16.90 -65.47 4.09
CA GLY O 136 15.53 -65.04 3.94
C GLY O 136 15.29 -63.70 4.56
N ILE O 137 14.18 -63.05 4.16
CA ILE O 137 13.70 -61.81 4.76
C ILE O 137 12.49 -62.13 5.54
N ASP O 138 12.50 -61.78 6.81
CA ASP O 138 11.41 -62.05 7.72
C ASP O 138 10.65 -60.79 8.09
N VAL O 139 9.32 -60.87 8.09
CA VAL O 139 8.48 -59.77 8.44
C VAL O 139 7.43 -60.28 9.37
N ASN O 140 7.69 -60.10 10.64
CA ASN O 140 6.77 -60.45 11.73
C ASN O 140 6.39 -61.92 11.87
N SER O 141 7.21 -62.78 11.27
CA SER O 141 7.01 -64.24 11.31
C SER O 141 8.34 -64.91 11.06
N ILE O 142 8.53 -66.03 11.72
CA ILE O 142 9.67 -66.91 11.44
C ILE O 142 9.63 -67.58 10.04
N VAL O 143 8.43 -67.63 9.42
CA VAL O 143 8.24 -68.02 8.04
C VAL O 143 8.57 -66.84 7.18
N SER O 144 9.72 -66.92 6.53
CA SER O 144 10.24 -65.86 5.63
C SER O 144 9.26 -65.56 4.53
N VAL O 145 8.99 -64.29 4.29
CA VAL O 145 8.13 -63.87 3.18
C VAL O 145 8.88 -63.91 1.86
N ARG O 146 10.20 -63.90 1.90
CA ARG O 146 10.99 -64.14 0.71
C ARG O 146 12.28 -64.90 1.13
N VAL O 147 12.61 -65.92 0.33
CA VAL O 147 13.61 -66.91 0.72
C VAL O 147 14.37 -67.44 -0.49
N THR O 148 15.68 -67.62 -0.35
CA THR O 148 16.48 -68.16 -1.43
C THR O 148 17.49 -69.16 -0.87
N ARG O 149 17.87 -70.09 -1.74
CA ARG O 149 18.78 -71.17 -1.41
C ARG O 149 20.17 -70.66 -1.16
N TRP O 150 20.75 -71.11 -0.04
CA TRP O 150 22.06 -70.72 0.47
C TRP O 150 22.85 -71.97 0.28
N GLN O 151 23.82 -71.90 -0.61
CA GLN O 151 24.61 -73.11 -1.02
C GLN O 151 25.36 -73.67 0.21
N ASP O 152 25.32 -74.97 0.38
CA ASP O 152 26.07 -75.59 1.47
C ASP O 152 27.59 -75.38 1.30
N LYS O 153 28.10 -75.40 0.06
CA LYS O 153 29.51 -75.02 -0.22
C LYS O 153 29.93 -73.77 0.61
N ASP O 154 29.03 -72.76 0.61
CA ASP O 154 29.24 -71.46 1.24
C ASP O 154 28.96 -71.47 2.74
N VAL O 155 27.95 -72.22 3.19
CA VAL O 155 27.64 -72.31 4.63
C VAL O 155 28.88 -72.80 5.41
N PHE O 156 29.37 -73.95 4.94
CA PHE O 156 30.49 -74.66 5.58
C PHE O 156 31.88 -74.16 5.18
N SER O 157 31.99 -73.13 4.30
CA SER O 157 33.29 -72.65 3.75
C SER O 157 34.22 -72.09 4.81
N ARG O 158 33.64 -71.58 5.90
CA ARG O 158 34.38 -70.87 6.95
C ARG O 158 35.16 -69.67 6.38
N SER O 159 34.60 -69.07 5.32
CA SER O 159 35.08 -67.82 4.77
C SER O 159 34.45 -66.67 5.60
N ILE O 160 35.15 -65.53 5.51
CA ILE O 160 34.64 -64.26 5.95
C ILE O 160 33.71 -63.79 4.80
N ALA O 161 32.42 -63.79 5.10
CA ALA O 161 31.44 -63.44 4.14
C ALA O 161 30.98 -62.04 4.39
N THR O 162 30.43 -61.41 3.36
CA THR O 162 29.91 -60.05 3.43
C THR O 162 28.42 -59.99 3.11
N ALA O 163 27.67 -59.28 3.95
CA ALA O 163 26.26 -58.99 3.75
C ALA O 163 26.14 -57.48 3.52
N HIS O 164 25.28 -57.08 2.57
CA HIS O 164 24.87 -55.69 2.36
C HIS O 164 23.33 -55.65 2.53
N VAL O 165 22.82 -54.91 3.48
CA VAL O 165 21.39 -54.83 3.62
C VAL O 165 21.03 -53.37 3.47
N GLY O 166 20.01 -53.09 2.65
CA GLY O 166 19.63 -51.69 2.38
C GLY O 166 18.14 -51.47 2.26
N TYR O 167 17.65 -50.32 2.75
CA TYR O 167 16.24 -50.02 2.71
C TYR O 167 16.08 -48.76 1.96
N ASP O 168 15.25 -48.79 0.91
CA ASP O 168 14.89 -47.58 0.16
C ASP O 168 13.53 -47.08 0.72
N GLY O 169 13.55 -45.94 1.41
CA GLY O 169 12.37 -45.39 2.10
C GLY O 169 11.29 -44.78 1.22
N ILE O 170 11.64 -44.52 -0.05
CA ILE O 170 10.70 -44.02 -1.04
C ILE O 170 9.90 -45.13 -1.66
N SER O 171 10.57 -46.12 -2.21
CA SER O 171 9.87 -47.31 -2.85
C SER O 171 9.46 -48.41 -1.84
N LYS O 172 9.95 -48.34 -0.61
CA LYS O 172 9.55 -49.22 0.50
C LYS O 172 10.06 -50.63 0.31
N ILE O 173 11.37 -50.73 0.06
CA ILE O 173 12.01 -51.99 -0.38
C ILE O 173 13.24 -52.29 0.45
N LEU O 174 13.22 -53.44 1.11
CA LEU O 174 14.33 -53.99 1.83
C LEU O 174 15.04 -54.94 0.92
N THR O 175 16.36 -54.86 0.86
CA THR O 175 17.17 -55.67 -0.06
C THR O 175 18.41 -56.19 0.64
N ALA O 176 18.78 -57.43 0.36
CA ALA O 176 19.98 -58.02 0.87
C ALA O 176 20.78 -58.56 -0.32
N PHE O 177 22.07 -58.21 -0.34
CA PHE O 177 23.10 -58.83 -1.16
C PHE O 177 24.07 -59.55 -0.21
N VAL O 178 24.31 -60.83 -0.47
CA VAL O 178 25.31 -61.53 0.31
C VAL O 178 26.33 -62.11 -0.63
N THR O 179 27.63 -61.96 -0.28
CA THR O 179 28.75 -62.39 -1.11
C THR O 179 29.80 -63.24 -0.34
N TYR O 180 30.38 -64.20 -1.06
CA TYR O 180 31.39 -65.08 -0.52
C TYR O 180 32.64 -64.98 -1.44
N PRO O 181 33.81 -64.72 -0.86
CA PRO O 181 35.02 -64.73 -1.74
C PRO O 181 35.10 -66.06 -2.53
N ASP O 182 35.24 -66.01 -3.86
CA ASP O 182 35.26 -67.25 -4.74
C ASP O 182 34.10 -68.23 -4.43
N GLY O 183 32.97 -67.67 -4.03
CA GLY O 183 31.80 -68.45 -3.75
C GLY O 183 30.59 -67.78 -4.34
N GLY O 184 29.45 -68.08 -3.75
CA GLY O 184 28.17 -67.61 -4.25
C GLY O 184 27.79 -66.20 -3.88
N ASN O 185 26.81 -65.68 -4.64
CA ASN O 185 26.25 -64.37 -4.48
C ASN O 185 24.74 -64.49 -4.49
N TYR O 186 24.15 -63.86 -3.51
CA TYR O 186 22.72 -64.01 -3.22
C TYR O 186 22.08 -62.66 -3.20
N VAL O 187 20.85 -62.59 -3.74
CA VAL O 187 20.04 -61.38 -3.87
C VAL O 187 18.59 -61.60 -3.44
N LEU O 188 18.13 -60.81 -2.50
CA LEU O 188 16.73 -60.83 -2.09
C LEU O 188 16.19 -59.41 -1.90
N SER O 189 14.96 -59.19 -2.33
CA SER O 189 14.28 -57.94 -2.18
C SER O 189 12.81 -58.13 -1.85
N HIS O 190 12.29 -57.27 -1.00
CA HIS O 190 10.90 -57.39 -0.64
C HIS O 190 10.30 -56.00 -0.39
N VAL O 191 9.11 -55.78 -0.93
CA VAL O 191 8.35 -54.57 -0.63
C VAL O 191 7.81 -54.65 0.78
N VAL O 192 8.24 -53.75 1.64
CA VAL O 192 7.71 -53.68 3.00
C VAL O 192 7.86 -52.25 3.56
N ASP O 193 6.78 -51.73 4.17
CA ASP O 193 6.78 -50.38 4.74
C ASP O 193 7.24 -50.42 6.20
N LEU O 194 8.52 -50.22 6.40
CA LEU O 194 9.07 -50.27 7.76
C LEU O 194 8.53 -49.19 8.67
N ALA O 195 8.28 -48.00 8.15
CA ALA O 195 7.72 -46.90 8.97
C ALA O 195 6.36 -47.25 9.56
N GLU O 196 5.62 -48.06 8.83
CA GLU O 196 4.30 -48.45 9.25
C GLU O 196 4.30 -49.53 10.30
N ILE O 197 5.20 -50.49 10.17
CA ILE O 197 5.40 -51.49 11.22
C ILE O 197 5.99 -50.89 12.51
N PHE O 198 6.98 -49.98 12.35
CA PHE O 198 7.70 -49.32 13.45
C PHE O 198 7.46 -47.81 13.41
N PRO O 199 6.29 -47.36 13.91
CA PRO O 199 6.05 -45.93 14.01
C PRO O 199 6.94 -45.26 15.05
N GLY O 200 7.52 -45.97 16.00
CA GLY O 200 8.35 -45.33 17.02
C GLY O 200 9.84 -45.57 16.83
N ASP O 201 10.53 -45.79 17.95
CA ASP O 201 11.98 -46.11 18.00
C ASP O 201 12.29 -47.57 17.70
N VAL O 202 13.46 -47.82 17.15
CA VAL O 202 13.93 -49.16 16.89
C VAL O 202 15.39 -49.27 17.20
N ARG O 203 15.91 -50.49 17.29
CA ARG O 203 17.37 -50.74 17.29
C ARG O 203 17.72 -51.75 16.25
N ILE O 204 18.93 -51.65 15.72
CA ILE O 204 19.39 -52.64 14.78
C ILE O 204 20.48 -53.45 15.47
N GLY O 205 20.52 -54.74 15.16
CA GLY O 205 21.51 -55.64 15.74
C GLY O 205 21.44 -57.06 15.24
N PHE O 206 22.20 -57.93 15.90
CA PHE O 206 22.29 -59.33 15.52
C PHE O 206 21.66 -60.28 16.59
N SER O 207 21.00 -61.31 16.12
CA SER O 207 20.51 -62.34 16.99
C SER O 207 21.06 -63.63 16.39
N GLY O 208 21.65 -64.44 17.26
CA GLY O 208 22.07 -65.82 16.96
C GLY O 208 21.44 -66.84 17.92
N ALA O 209 21.35 -68.08 17.47
CA ALA O 209 20.78 -69.15 18.26
C ALA O 209 21.28 -70.52 17.88
N THR O 210 21.31 -71.34 18.91
CA THR O 210 21.53 -72.76 18.81
C THR O 210 20.30 -73.45 19.46
N GLY O 211 20.09 -74.74 19.23
CA GLY O 211 20.75 -75.49 18.15
C GLY O 211 21.91 -76.31 18.56
N GLN O 212 22.89 -76.42 17.69
CA GLN O 212 23.98 -77.35 17.92
C GLN O 212 25.11 -77.15 16.88
N TYR O 213 26.33 -77.40 17.33
CA TYR O 213 27.54 -77.43 16.51
C TYR O 213 27.85 -76.15 15.73
N GLU O 214 27.42 -75.01 16.26
CA GLU O 214 27.51 -73.77 15.53
C GLU O 214 27.80 -72.56 16.44
N THR O 215 28.72 -71.76 15.95
CA THR O 215 28.91 -70.45 16.53
C THR O 215 28.88 -69.45 15.35
N GLN O 216 28.26 -68.31 15.61
CA GLN O 216 28.18 -67.23 14.61
C GLN O 216 28.97 -65.99 15.12
N TYR O 217 29.91 -65.52 14.30
CA TYR O 217 30.80 -64.42 14.60
C TYR O 217 30.58 -63.26 13.60
N ILE O 218 30.47 -62.04 14.11
CA ILE O 218 30.43 -60.85 13.29
C ILE O 218 31.77 -60.20 13.43
N HIS O 219 32.47 -59.98 12.31
CA HIS O 219 33.85 -59.48 12.26
C HIS O 219 33.96 -57.95 12.05
N SER O 220 33.04 -57.35 11.30
CA SER O 220 33.00 -55.92 11.06
C SER O 220 31.58 -55.49 10.84
N TRP O 221 31.27 -54.20 11.01
CA TRP O 221 29.87 -53.71 10.80
C TRP O 221 29.84 -52.21 10.63
N SER O 222 29.22 -51.71 9.56
CA SER O 222 28.94 -50.27 9.41
C SER O 222 27.51 -50.02 9.02
N PHE O 223 27.01 -48.82 9.30
CA PHE O 223 25.59 -48.50 9.11
C PHE O 223 25.54 -47.05 8.78
N SER O 224 24.67 -46.66 7.86
CA SER O 224 24.36 -45.24 7.59
C SER O 224 22.88 -45.08 7.22
N SER O 225 22.14 -44.27 7.99
CA SER O 225 20.78 -43.91 7.66
C SER O 225 20.75 -42.46 7.27
N THR O 226 19.85 -42.11 6.35
CA THR O 226 19.60 -40.73 5.92
C THR O 226 18.13 -40.49 5.62
N SER O 227 17.75 -39.22 5.76
CA SER O 227 16.40 -38.79 5.54
C SER O 227 16.14 -38.83 4.02
N THR O 228 14.89 -39.08 3.64
CA THR O 228 14.48 -39.07 2.23
C THR O 228 13.84 -37.72 1.85
N ASN O 229 14.58 -36.63 2.03
CA ASN O 229 14.05 -35.25 1.88
C ASN O 229 15.13 -34.30 1.33
C ACE P 1 14.57 -84.56 10.92
O ACE P 1 14.46 -85.77 11.28
CH3 ACE P 1 15.68 -84.04 10.07
N GLY P 2 13.75 -83.56 11.18
CA GLY P 2 12.59 -83.84 11.96
C GLY P 2 12.32 -82.71 12.85
N VAL P 3 11.22 -82.87 13.51
CA VAL P 3 10.76 -81.95 14.46
C VAL P 3 11.63 -82.15 15.67
N THR P 4 12.09 -81.04 16.24
CA THR P 4 12.95 -81.07 17.38
C THR P 4 12.42 -80.36 18.66
N SER P 5 11.43 -79.47 18.53
CA SER P 5 10.70 -78.90 19.70
C SER P 5 9.26 -78.49 19.41
N ALA P 6 8.54 -78.10 20.48
CA ALA P 6 7.24 -77.36 20.36
C ALA P 6 7.46 -75.88 19.84
N SER Q 1 -2.21 -12.61 -25.73
CA SER Q 1 -1.95 -13.54 -26.88
C SER Q 1 -0.67 -13.13 -27.62
N GLU Q 2 -0.26 -13.99 -28.56
CA GLU Q 2 0.99 -13.81 -29.35
C GLU Q 2 0.71 -13.30 -30.75
N LEU Q 3 1.32 -12.20 -31.10
CA LEU Q 3 1.12 -11.60 -32.40
C LEU Q 3 2.38 -10.86 -32.73
N SER Q 4 2.81 -10.92 -34.00
CA SER Q 4 3.91 -10.09 -34.46
C SER Q 4 3.73 -9.69 -35.93
N PHE Q 5 4.19 -8.51 -36.26
CA PHE Q 5 4.16 -7.97 -37.63
C PHE Q 5 5.31 -7.00 -37.85
N ASN Q 6 5.58 -6.75 -39.12
CA ASN Q 6 6.71 -5.95 -39.50
C ASN Q 6 6.42 -5.22 -40.80
N TYR Q 7 6.55 -3.89 -40.74
CA TYR Q 7 6.50 -2.98 -41.88
C TYR Q 7 7.84 -2.20 -41.86
N PRO Q 8 8.86 -2.63 -42.63
CA PRO Q 8 10.12 -1.87 -42.76
C PRO Q 8 9.89 -0.51 -43.40
N ASN Q 9 8.97 -0.48 -44.36
CA ASN Q 9 8.27 0.73 -44.82
C ASN Q 9 6.77 0.38 -45.01
N PHE Q 10 5.98 1.29 -45.59
CA PHE Q 10 4.56 1.00 -45.87
C PHE Q 10 4.27 0.97 -47.34
N GLN Q 11 5.13 0.31 -48.09
CA GLN Q 11 4.93 0.12 -49.51
C GLN Q 11 3.68 -0.74 -49.75
N SER Q 12 3.49 -1.72 -48.87
CA SER Q 12 2.25 -2.47 -48.74
C SER Q 12 1.63 -1.98 -47.46
N VAL Q 13 0.30 -1.85 -47.44
CA VAL Q 13 -0.45 -1.46 -46.21
C VAL Q 13 -1.50 -2.51 -45.84
N GLU Q 14 -1.07 -3.77 -45.91
CA GLU Q 14 -2.02 -4.87 -46.14
C GLU Q 14 -2.97 -5.04 -44.97
N ASP Q 15 -2.45 -5.08 -43.74
CA ASP Q 15 -3.35 -5.30 -42.62
C ASP Q 15 -3.53 -4.04 -41.81
N ILE Q 16 -3.64 -2.91 -42.52
CA ILE Q 16 -3.87 -1.63 -41.88
C ILE Q 16 -5.30 -1.19 -42.21
N THR Q 17 -6.05 -0.84 -41.17
CA THR Q 17 -7.36 -0.22 -41.30
C THR Q 17 -7.22 1.30 -41.11
N PHE Q 18 -7.61 2.05 -42.14
CA PHE Q 18 -7.64 3.53 -42.13
C PHE Q 18 -9.04 4.04 -41.82
N GLN Q 19 -9.15 5.04 -40.94
CA GLN Q 19 -10.44 5.68 -40.62
C GLN Q 19 -10.27 7.19 -40.51
N GLY Q 20 -11.34 7.95 -40.69
CA GLY Q 20 -11.28 9.42 -40.63
C GLY Q 20 -10.35 9.97 -41.70
N GLY Q 21 -9.48 10.90 -41.36
CA GLY Q 21 -8.54 11.47 -42.38
C GLY Q 21 -7.23 10.74 -42.73
N ALA Q 22 -6.99 9.60 -42.09
CA ALA Q 22 -5.74 8.89 -42.34
C ALA Q 22 -5.78 8.19 -43.70
N SER Q 23 -4.62 8.09 -44.32
CA SER Q 23 -4.47 7.36 -45.59
C SER Q 23 -2.99 7.01 -45.82
N PRO Q 24 -2.70 6.09 -46.77
CA PRO Q 24 -1.29 5.83 -47.12
C PRO Q 24 -0.76 6.88 -48.09
N ARG Q 25 0.53 7.17 -47.99
CA ARG Q 25 1.11 8.20 -48.85
C ARG Q 25 2.61 8.04 -48.92
N ASN Q 26 3.18 7.96 -50.13
CA ASN Q 26 4.65 7.80 -50.35
C ASN Q 26 5.28 6.82 -49.38
N GLU Q 27 4.67 5.64 -49.33
CA GLU Q 27 5.18 4.55 -48.50
C GLU Q 27 5.26 4.89 -47.01
N THR Q 28 4.29 5.67 -46.52
CA THR Q 28 4.13 5.96 -45.07
C THR Q 28 2.64 6.02 -44.73
N LEU Q 29 2.37 6.06 -43.43
CA LEU Q 29 1.04 6.38 -42.91
C LEU Q 29 0.86 7.88 -42.63
N GLN Q 30 0.00 8.55 -43.39
CA GLN Q 30 -0.34 9.92 -43.18
C GLN Q 30 -1.57 9.89 -42.33
N LEU Q 31 -1.45 10.37 -41.08
CA LEU Q 31 -2.52 10.24 -40.06
C LEU Q 31 -3.62 11.31 -40.17
N THR Q 32 -3.28 12.51 -40.64
CA THR Q 32 -4.25 13.60 -40.88
C THR Q 32 -4.18 14.10 -42.34
N PRO Q 33 -5.33 14.48 -42.90
CA PRO Q 33 -5.37 14.75 -44.34
C PRO Q 33 -4.78 16.10 -44.78
N THR Q 34 -4.42 16.17 -46.06
CA THR Q 34 -3.96 17.40 -46.70
C THR Q 34 -4.86 17.73 -47.90
N ASP Q 35 -5.04 19.01 -48.18
CA ASP Q 35 -5.84 19.45 -49.34
C ASP Q 35 -5.06 19.28 -50.65
N SER Q 36 -5.67 19.71 -51.77
CA SER Q 36 -5.06 19.58 -53.12
C SER Q 36 -3.66 20.24 -53.26
N ASN Q 37 -3.35 21.28 -52.45
CA ASN Q 37 -1.98 21.89 -52.40
C ASN Q 37 -1.00 21.29 -51.33
N GLY Q 38 -1.34 20.18 -50.69
CA GLY Q 38 -0.50 19.63 -49.65
C GLY Q 38 -0.58 20.35 -48.31
N ILE Q 39 -1.48 21.33 -48.18
CA ILE Q 39 -1.69 22.07 -46.92
C ILE Q 39 -2.55 21.27 -45.89
N PRO Q 40 -2.06 21.13 -44.63
CA PRO Q 40 -2.84 20.39 -43.64
C PRO Q 40 -4.21 20.96 -43.42
N ILE Q 41 -5.19 20.12 -43.22
CA ILE Q 41 -6.56 20.56 -43.01
C ILE Q 41 -6.81 20.65 -41.50
N ARG Q 42 -7.43 21.78 -41.13
CA ARG Q 42 -7.77 22.09 -39.74
C ARG Q 42 -8.87 21.14 -39.26
N GLN Q 43 -8.82 20.83 -37.95
CA GLN Q 43 -9.89 20.07 -37.21
C GLN Q 43 -10.27 18.72 -37.79
N ARG Q 44 -9.27 17.89 -37.97
CA ARG Q 44 -9.47 16.51 -38.46
C ARG Q 44 -8.70 15.55 -37.60
N ALA Q 45 -9.19 14.30 -37.56
CA ALA Q 45 -8.53 13.21 -36.85
C ALA Q 45 -8.51 12.03 -37.75
N GLY Q 46 -7.47 11.20 -37.60
CA GLY Q 46 -7.36 9.97 -38.36
C GLY Q 46 -6.71 8.86 -37.57
N HIS Q 47 -7.13 7.63 -37.87
CA HIS Q 47 -6.61 6.43 -37.26
C HIS Q 47 -6.02 5.47 -38.32
N ALA Q 48 -4.82 4.98 -38.07
CA ALA Q 48 -4.25 3.87 -38.84
C ALA Q 48 -3.93 2.76 -37.83
N VAL Q 49 -4.76 1.72 -37.77
CA VAL Q 49 -4.62 0.62 -36.80
C VAL Q 49 -4.29 -0.70 -37.50
N TYR Q 50 -3.51 -1.55 -36.83
CA TYR Q 50 -3.30 -2.92 -37.24
C TYR Q 50 -4.62 -3.68 -37.02
N SER Q 51 -5.18 -4.27 -38.08
CA SER Q 51 -6.58 -4.75 -38.09
C SER Q 51 -6.87 -5.96 -37.22
N GLN Q 52 -5.84 -6.79 -36.97
CA GLN Q 52 -5.98 -8.01 -36.14
C GLN Q 52 -6.04 -7.69 -34.63
N PRO Q 53 -7.14 -8.09 -33.97
CA PRO Q 53 -7.18 -7.93 -32.53
C PRO Q 53 -6.24 -8.88 -31.79
N PHE Q 54 -5.93 -8.57 -30.54
CA PHE Q 54 -5.18 -9.47 -29.67
C PHE Q 54 -5.61 -9.26 -28.23
N GLN Q 55 -5.14 -10.10 -27.31
CA GLN Q 55 -5.48 -9.95 -25.87
C GLN Q 55 -4.25 -9.59 -25.07
N LEU Q 56 -4.48 -9.04 -23.90
CA LEU Q 56 -3.39 -8.61 -23.05
C LEU Q 56 -3.24 -9.45 -21.81
N ARG Q 57 -4.11 -10.41 -21.54
CA ARG Q 57 -3.89 -11.17 -20.33
C ARG Q 57 -2.59 -11.95 -20.46
N ASP Q 58 -1.75 -11.87 -19.42
CA ASP Q 58 -0.45 -12.58 -19.32
C ASP Q 58 0.40 -12.37 -20.56
N THR Q 59 0.58 -11.11 -20.89
CA THR Q 59 1.24 -10.68 -22.13
C THR Q 59 2.23 -9.52 -21.90
N SER Q 60 3.41 -9.66 -22.52
CA SER Q 60 4.38 -8.58 -22.69
C SER Q 60 4.39 -8.22 -24.13
N PHE Q 61 4.72 -6.98 -24.45
CA PHE Q 61 4.96 -6.57 -25.84
C PHE Q 61 6.05 -5.56 -26.00
N TYR Q 62 6.59 -5.48 -27.21
CA TYR Q 62 7.53 -4.47 -27.64
C TYR Q 62 7.09 -4.04 -29.04
N THR Q 63 7.12 -2.75 -29.31
CA THR Q 63 6.82 -2.21 -30.62
C THR Q 63 7.72 -1.02 -30.83
N THR Q 64 8.24 -0.87 -32.05
CA THR Q 64 9.06 0.28 -32.41
C THR Q 64 8.51 0.81 -33.71
N PHE Q 65 8.60 2.13 -33.87
CA PHE Q 65 8.19 2.82 -35.10
C PHE Q 65 9.02 4.06 -35.34
N THR Q 66 9.18 4.41 -36.62
CA THR Q 66 9.81 5.65 -37.02
C THR Q 66 8.75 6.63 -37.51
N PHE Q 67 8.99 7.91 -37.22
CA PHE Q 67 8.02 8.96 -37.50
C PHE Q 67 8.69 10.29 -37.85
N VAL Q 68 7.93 11.07 -38.60
CA VAL Q 68 8.25 12.44 -38.97
C VAL Q 68 7.02 13.31 -38.66
N ILE Q 69 7.28 14.44 -37.99
CA ILE Q 69 6.31 15.49 -37.83
C ILE Q 69 6.72 16.55 -38.88
N ARG Q 70 5.79 16.90 -39.78
CA ARG Q 70 5.98 17.98 -40.74
C ARG Q 70 5.13 19.19 -40.35
N THR Q 71 5.79 20.32 -40.08
CA THR Q 71 5.09 21.53 -39.69
C THR Q 71 5.23 22.55 -40.76
N THR Q 72 4.16 23.30 -40.99
CA THR Q 72 4.19 24.42 -41.93
C THR Q 72 4.25 25.78 -41.26
N SER Q 73 4.18 25.88 -39.93
CA SER Q 73 4.53 27.14 -39.25
C SER Q 73 4.72 27.01 -37.71
N ASN Q 74 4.79 28.15 -37.01
CA ASN Q 74 5.05 28.31 -35.58
C ASN Q 74 4.42 27.41 -34.61
N SER Q 75 3.10 27.22 -34.76
CA SER Q 75 2.20 26.82 -33.64
C SER Q 75 1.39 25.61 -34.05
N PRO Q 76 2.09 24.50 -34.37
CA PRO Q 76 1.40 23.34 -34.88
C PRO Q 76 0.55 22.68 -33.80
N ALA Q 77 -0.45 21.96 -34.28
CA ALA Q 77 -1.32 21.22 -33.42
C ALA Q 77 -1.93 20.08 -34.22
N ASP Q 78 -2.27 18.95 -33.57
CA ASP Q 78 -2.18 18.71 -32.13
C ASP Q 78 -1.21 17.63 -31.69
N GLY Q 79 -0.72 16.85 -32.64
CA GLY Q 79 0.12 15.69 -32.39
C GLY Q 79 -0.51 14.35 -32.81
N PHE Q 80 0.09 13.30 -32.29
CA PHE Q 80 -0.40 11.95 -32.52
C PHE Q 80 -0.01 11.08 -31.33
N ALA Q 81 -0.50 9.86 -31.36
CA ALA Q 81 -0.28 8.90 -30.30
C ALA Q 81 -0.33 7.50 -30.85
N ILE Q 82 0.46 6.62 -30.26
CA ILE Q 82 0.28 5.20 -30.46
C ILE Q 82 -0.60 4.78 -29.31
N PHE Q 83 -1.68 4.05 -29.66
CA PHE Q 83 -2.75 3.71 -28.69
C PHE Q 83 -3.30 2.29 -28.77
N ILE Q 84 -3.85 1.85 -27.64
CA ILE Q 84 -4.43 0.54 -27.49
C ILE Q 84 -5.83 0.81 -27.06
N ALA Q 85 -6.80 0.18 -27.71
CA ALA Q 85 -8.21 0.34 -27.35
C ALA Q 85 -9.02 -0.85 -27.87
N PRO Q 86 -10.30 -1.00 -27.40
CA PRO Q 86 -11.08 -2.09 -27.97
C PRO Q 86 -11.21 -2.07 -29.50
N PRO Q 87 -11.66 -3.18 -30.12
CA PRO Q 87 -11.64 -3.24 -31.61
C PRO Q 87 -12.61 -2.30 -32.32
N ASP Q 88 -13.74 -2.04 -31.66
CA ASP Q 88 -14.79 -1.21 -32.21
C ASP Q 88 -14.60 0.32 -31.87
N PHE Q 89 -13.37 0.75 -31.57
CA PHE Q 89 -13.09 2.13 -31.12
C PHE Q 89 -13.18 3.12 -32.30
N PRO Q 90 -14.11 4.07 -32.19
CA PRO Q 90 -14.26 5.02 -33.32
C PRO Q 90 -13.15 6.07 -33.32
N VAL Q 91 -13.03 6.80 -34.43
CA VAL Q 91 -12.26 8.04 -34.44
C VAL Q 91 -13.09 9.00 -33.60
N LYS Q 92 -12.47 9.60 -32.60
CA LYS Q 92 -13.15 10.55 -31.69
C LYS Q 92 -12.70 11.97 -32.01
N ARG Q 93 -12.91 12.89 -31.10
CA ARG Q 93 -12.77 14.27 -31.45
C ARG Q 93 -11.32 14.66 -31.86
N TYR Q 94 -11.28 15.46 -32.92
CA TYR Q 94 -10.12 16.22 -33.39
C TYR Q 94 -9.60 17.24 -32.34
N GLY Q 95 -8.55 17.96 -32.72
CA GLY Q 95 -7.95 18.91 -31.83
C GLY Q 95 -7.06 18.25 -30.78
N GLY Q 96 -7.07 18.82 -29.58
CA GLY Q 96 -6.22 18.32 -28.49
C GLY Q 96 -6.69 17.03 -27.84
N TYR Q 97 -7.90 16.60 -28.20
CA TYR Q 97 -8.39 15.27 -27.87
C TYR Q 97 -7.64 14.14 -28.63
N LEU Q 98 -6.84 14.49 -29.64
CA LEU Q 98 -5.96 13.58 -30.41
C LEU Q 98 -6.66 12.39 -31.10
N GLY Q 99 -7.95 12.56 -31.37
CA GLY Q 99 -8.78 11.49 -31.92
C GLY Q 99 -9.09 10.37 -30.92
N LEU Q 100 -8.85 10.59 -29.62
CA LEU Q 100 -9.02 9.53 -28.65
C LEU Q 100 -10.05 9.76 -27.56
N PHE Q 101 -10.61 10.97 -27.49
CA PHE Q 101 -11.56 11.28 -26.46
C PHE Q 101 -12.62 12.19 -26.97
N GLU Q 102 -13.72 12.26 -26.21
CA GLU Q 102 -14.87 13.17 -26.46
C GLU Q 102 -14.93 14.25 -25.35
N PRO Q 103 -15.31 15.51 -25.68
CA PRO Q 103 -15.14 16.65 -24.76
C PRO Q 103 -15.77 16.46 -23.41
N ASN Q 104 -16.99 16.00 -23.41
CA ASN Q 104 -17.70 15.64 -22.18
C ASN Q 104 -16.99 14.83 -21.11
N THR Q 105 -16.23 13.85 -21.56
CA THR Q 105 -15.73 12.76 -20.75
C THR Q 105 -14.20 12.65 -20.78
N ALA Q 106 -13.50 13.57 -21.44
CA ALA Q 106 -12.07 13.39 -21.73
C ALA Q 106 -11.11 13.32 -20.53
N THR Q 107 -11.51 13.84 -19.39
CA THR Q 107 -10.67 13.71 -18.23
C THR Q 107 -11.23 12.76 -17.23
N ASN Q 108 -12.37 12.10 -17.52
CA ASN Q 108 -13.00 11.17 -16.60
C ASN Q 108 -12.53 9.72 -16.82
N THR Q 109 -11.61 9.25 -15.97
CA THR Q 109 -11.01 7.92 -16.14
C THR Q 109 -11.99 6.80 -16.11
N SER Q 110 -13.16 6.95 -15.49
CA SER Q 110 -14.16 5.86 -15.51
C SER Q 110 -15.12 5.85 -16.75
N ALA Q 111 -14.98 6.80 -17.66
CA ALA Q 111 -15.78 6.82 -18.87
C ALA Q 111 -15.00 6.50 -20.14
N ASN Q 112 -13.74 6.07 -19.98
CA ASN Q 112 -12.85 5.72 -21.08
C ASN Q 112 -12.12 4.38 -20.88
N LYS Q 113 -11.77 3.77 -22.00
CA LYS Q 113 -10.92 2.62 -22.04
C LYS Q 113 -9.97 2.82 -23.22
N VAL Q 114 -8.84 3.45 -22.92
CA VAL Q 114 -7.79 3.68 -23.88
C VAL Q 114 -6.45 4.02 -23.20
N VAL Q 115 -5.37 3.54 -23.77
CA VAL Q 115 -4.06 3.83 -23.27
C VAL Q 115 -3.25 4.20 -24.47
N ALA Q 116 -2.37 5.18 -24.28
CA ALA Q 116 -1.61 5.75 -25.37
C ALA Q 116 -0.27 6.33 -24.92
N VAL Q 117 0.64 6.38 -25.88
CA VAL Q 117 1.82 7.19 -25.75
C VAL Q 117 1.64 8.32 -26.76
N GLU Q 118 1.54 9.54 -26.24
CA GLU Q 118 1.25 10.73 -27.02
C GLU Q 118 2.51 11.57 -27.26
N PHE Q 119 2.49 12.16 -28.43
CA PHE Q 119 3.49 13.10 -28.88
C PHE Q 119 2.76 14.41 -29.12
N ASP Q 120 2.79 15.31 -28.12
CA ASP Q 120 1.83 16.38 -28.04
C ASP Q 120 2.48 17.69 -28.40
N THR Q 121 2.01 18.30 -29.50
CA THR Q 121 2.62 19.50 -30.09
C THR Q 121 1.99 20.79 -29.64
N TRP Q 122 0.83 20.68 -29.02
CA TRP Q 122 0.05 21.84 -28.66
C TRP Q 122 -0.33 21.86 -27.18
N VAL Q 123 0.09 22.90 -26.49
CA VAL Q 123 -0.19 23.04 -25.05
C VAL Q 123 -1.60 23.47 -24.90
N ASN Q 124 -2.44 22.61 -24.35
CA ASN Q 124 -3.86 22.92 -24.20
C ASN Q 124 -4.11 23.60 -22.88
N THR Q 125 -4.67 24.80 -22.98
CA THR Q 125 -5.07 25.55 -21.80
C THR Q 125 -6.31 24.89 -21.15
N GLU Q 126 -7.13 24.20 -21.94
CA GLU Q 126 -8.42 23.72 -21.48
C GLU Q 126 -8.29 22.70 -20.33
N TRP Q 127 -7.22 21.92 -20.27
CA TRP Q 127 -6.98 21.02 -19.16
C TRP Q 127 -5.58 21.25 -18.53
N LYS Q 128 -5.16 22.49 -18.64
CA LYS Q 128 -3.97 23.01 -17.98
C LYS Q 128 -2.78 22.08 -18.13
N GLU Q 129 -2.42 21.75 -19.38
CA GLU Q 129 -1.27 20.89 -19.64
C GLU Q 129 -0.03 21.63 -19.27
N PRO Q 130 1.09 20.94 -18.98
CA PRO Q 130 2.36 21.64 -18.67
C PRO Q 130 2.85 22.49 -19.83
N ARG Q 131 3.62 23.53 -19.51
CA ARG Q 131 3.83 24.66 -20.42
C ARG Q 131 4.97 24.44 -21.40
N TYR Q 132 4.83 23.35 -22.14
CA TYR Q 132 5.82 22.94 -23.12
C TYR Q 132 5.27 21.77 -23.86
N ARG Q 133 5.77 21.58 -25.08
CA ARG Q 133 5.37 20.42 -25.87
C ARG Q 133 5.92 19.18 -25.18
N HIS Q 134 5.22 18.08 -25.28
CA HIS Q 134 5.57 17.00 -24.41
C HIS Q 134 5.21 15.65 -25.02
N ILE Q 135 5.89 14.64 -24.45
CA ILE Q 135 5.57 13.26 -24.66
C ILE Q 135 5.00 12.75 -23.35
N GLY Q 136 3.97 11.94 -23.47
CA GLY Q 136 3.25 11.50 -22.30
C GLY Q 136 2.60 10.12 -22.42
N ILE Q 137 2.29 9.53 -21.27
CA ILE Q 137 1.57 8.28 -21.22
C ILE Q 137 0.18 8.63 -20.72
N ASP Q 138 -0.82 8.23 -21.50
CA ASP Q 138 -2.23 8.47 -21.16
C ASP Q 138 -2.90 7.18 -20.74
N VAL Q 139 -3.68 7.25 -19.65
CA VAL Q 139 -4.45 6.12 -19.14
C VAL Q 139 -5.86 6.58 -18.80
N ASN Q 140 -6.72 6.38 -19.80
CA ASN Q 140 -8.12 6.73 -19.77
C ASN Q 140 -8.47 8.16 -19.57
N SER Q 141 -7.55 9.06 -19.90
CA SER Q 141 -7.76 10.51 -19.75
C SER Q 141 -6.77 11.20 -20.66
N ILE Q 142 -7.22 12.33 -21.24
CA ILE Q 142 -6.36 13.20 -22.03
C ILE Q 142 -5.29 13.87 -21.14
N VAL Q 143 -5.53 13.90 -19.82
CA VAL Q 143 -4.52 14.33 -18.86
C VAL Q 143 -3.54 13.21 -18.55
N SER Q 144 -2.36 13.30 -19.14
CA SER Q 144 -1.31 12.29 -19.08
C SER Q 144 -0.97 12.02 -17.64
N VAL Q 145 -0.87 10.75 -17.26
CA VAL Q 145 -0.47 10.38 -15.92
C VAL Q 145 1.03 10.51 -15.72
N ARG Q 146 1.76 10.51 -16.81
CA ARG Q 146 3.18 10.77 -16.74
C ARG Q 146 3.60 11.51 -18.01
N VAL Q 147 4.40 12.54 -17.84
CA VAL Q 147 4.65 13.48 -18.92
C VAL Q 147 6.06 14.09 -18.83
N THR Q 148 6.73 14.25 -19.96
CA THR Q 148 8.03 14.82 -19.95
C THR Q 148 8.20 15.77 -21.10
N ARG Q 149 9.08 16.73 -20.89
CA ARG Q 149 9.30 17.79 -21.84
C ARG Q 149 9.84 17.21 -23.12
N TRP Q 150 9.31 17.65 -24.24
CA TRP Q 150 9.72 17.26 -25.58
C TRP Q 150 10.35 18.50 -26.16
N GLN Q 151 11.67 18.47 -26.41
CA GLN Q 151 12.44 19.66 -26.83
C GLN Q 151 11.93 20.18 -28.16
N ASP Q 152 11.75 21.49 -28.28
CA ASP Q 152 11.29 22.07 -29.54
C ASP Q 152 12.32 21.88 -30.67
N LYS Q 153 13.63 21.90 -30.34
CA LYS Q 153 14.70 21.50 -31.27
C LYS Q 153 14.33 20.22 -32.03
N ASP Q 154 13.83 19.23 -31.30
CA ASP Q 154 13.44 17.91 -31.85
C ASP Q 154 12.05 17.87 -32.54
N VAL Q 155 11.09 18.61 -32.04
CA VAL Q 155 9.75 18.67 -32.62
C VAL Q 155 9.88 19.14 -34.04
N PHE Q 156 10.57 20.26 -34.18
CA PHE Q 156 10.68 20.94 -35.47
C PHE Q 156 11.86 20.51 -36.34
N SER Q 157 12.63 19.51 -35.88
CA SER Q 157 13.85 19.06 -36.60
C SER Q 157 13.53 18.48 -37.99
N ARG Q 158 12.31 17.93 -38.15
CA ARG Q 158 11.92 17.15 -39.34
C ARG Q 158 12.83 15.92 -39.57
N SER Q 159 13.39 15.36 -38.50
CA SER Q 159 14.17 14.13 -38.57
C SER Q 159 13.23 12.97 -38.56
N ILE Q 160 13.75 11.82 -38.97
CA ILE Q 160 13.07 10.56 -38.81
C ILE Q 160 13.43 10.15 -37.39
N ALA Q 161 12.42 10.13 -36.52
CA ALA Q 161 12.62 9.82 -35.09
C ALA Q 161 12.16 8.43 -34.84
N THR Q 162 12.69 7.83 -33.76
CA THR Q 162 12.36 6.47 -33.38
C THR Q 162 11.72 6.44 -32.00
N ALA Q 163 10.62 5.68 -31.90
CA ALA Q 163 9.97 5.37 -30.64
C ALA Q 163 10.11 3.86 -30.37
N HIS Q 164 10.33 3.53 -29.10
CA HIS Q 164 10.30 2.18 -28.63
C HIS Q 164 9.25 2.19 -27.51
N VAL Q 165 8.18 1.40 -27.63
CA VAL Q 165 7.22 1.26 -26.56
C VAL Q 165 7.17 -0.20 -26.11
N GLY Q 166 7.24 -0.43 -24.82
CA GLY Q 166 7.25 -1.78 -24.29
C GLY Q 166 6.43 -1.95 -23.04
N TYR Q 167 5.77 -3.11 -22.92
CA TYR Q 167 4.97 -3.45 -21.74
C TYR Q 167 5.42 -4.76 -21.09
N ASP Q 168 5.80 -4.67 -19.82
CA ASP Q 168 6.25 -5.82 -19.06
C ASP Q 168 5.03 -6.33 -18.27
N GLY Q 169 4.47 -7.46 -18.71
CA GLY Q 169 3.23 -8.04 -18.15
C GLY Q 169 3.29 -8.61 -16.73
N ILE Q 170 4.51 -8.83 -16.25
CA ILE Q 170 4.80 -9.27 -14.89
C ILE Q 170 4.79 -8.10 -13.93
N SER Q 171 5.68 -7.13 -14.15
CA SER Q 171 5.77 -5.95 -13.29
C SER Q 171 4.71 -4.85 -13.59
N LYS Q 172 3.99 -4.98 -14.72
CA LYS Q 172 2.82 -4.15 -15.07
C LYS Q 172 3.28 -2.74 -15.36
N ILE Q 173 4.25 -2.59 -16.26
CA ILE Q 173 4.90 -1.32 -16.53
C ILE Q 173 4.96 -1.06 -18.02
N LEU Q 174 4.37 0.05 -18.42
CA LEU Q 174 4.48 0.57 -19.78
C LEU Q 174 5.63 1.59 -19.84
N THR Q 175 6.46 1.48 -20.88
CA THR Q 175 7.66 2.29 -21.02
C THR Q 175 7.74 2.76 -22.45
N ALA Q 176 8.22 3.98 -22.63
CA ALA Q 176 8.53 4.54 -23.94
C ALA Q 176 9.95 5.14 -23.92
N PHE Q 177 10.78 4.70 -24.86
CA PHE Q 177 12.01 5.39 -25.16
C PHE Q 177 11.79 6.06 -26.48
N VAL Q 178 12.17 7.34 -26.62
CA VAL Q 178 12.11 8.07 -27.91
C VAL Q 178 13.44 8.73 -28.23
N THR Q 179 13.92 8.52 -29.44
CA THR Q 179 15.25 8.99 -29.83
C THR Q 179 15.21 9.78 -31.13
N TYR Q 180 16.14 10.74 -31.20
CA TYR Q 180 16.32 11.62 -32.35
C TYR Q 180 17.80 11.52 -32.80
N PRO Q 181 18.05 11.30 -34.10
CA PRO Q 181 19.45 11.32 -34.58
C PRO Q 181 20.16 12.67 -34.29
N ASP Q 182 21.27 12.66 -33.53
CA ASP Q 182 21.95 13.88 -33.04
C ASP Q 182 20.99 14.80 -32.30
N GLY Q 183 20.01 14.24 -31.61
CA GLY Q 183 19.04 15.04 -30.88
C GLY Q 183 18.80 14.42 -29.53
N GLY Q 184 17.62 14.68 -28.98
CA GLY Q 184 17.27 14.25 -27.64
C GLY Q 184 16.82 12.81 -27.51
N ASN Q 185 16.87 12.35 -26.26
CA ASN Q 185 16.42 11.05 -25.87
C ASN Q 185 15.52 11.14 -24.67
N TYR Q 186 14.39 10.50 -24.75
CA TYR Q 186 13.31 10.66 -23.77
C TYR Q 186 12.97 9.32 -23.18
N VAL Q 187 12.59 9.29 -21.90
CA VAL Q 187 12.29 8.08 -21.19
C VAL Q 187 11.13 8.33 -20.25
N LEU Q 188 10.08 7.53 -20.40
CA LEU Q 188 8.89 7.53 -19.53
C LEU Q 188 8.54 6.15 -19.14
N SER Q 189 8.14 5.95 -17.89
CA SER Q 189 7.61 4.66 -17.46
C SER Q 189 6.44 4.87 -16.52
N HIS Q 190 5.48 3.99 -16.60
CA HIS Q 190 4.34 4.05 -15.71
C HIS Q 190 3.82 2.66 -15.31
N VAL Q 191 3.55 2.49 -14.03
CA VAL Q 191 2.88 1.30 -13.54
C VAL Q 191 1.39 1.36 -13.91
N VAL Q 192 0.95 0.40 -14.71
CA VAL Q 192 -0.45 0.29 -15.14
C VAL Q 192 -0.76 -1.16 -15.55
N ASP Q 193 -1.89 -1.68 -15.06
CA ASP Q 193 -2.33 -3.06 -15.34
C ASP Q 193 -3.23 -3.05 -16.60
N LEU Q 194 -2.64 -3.29 -17.76
CA LEU Q 194 -3.38 -3.29 -19.01
C LEU Q 194 -4.39 -4.46 -19.12
N ALA Q 195 -4.06 -5.60 -18.52
CA ALA Q 195 -5.00 -6.74 -18.54
C ALA Q 195 -6.30 -6.39 -17.81
N GLU Q 196 -6.18 -5.56 -16.77
CA GLU Q 196 -7.33 -5.18 -15.95
C GLU Q 196 -8.19 -4.14 -16.62
N ILE Q 197 -7.60 -3.22 -17.36
CA ILE Q 197 -8.36 -2.22 -18.13
C ILE Q 197 -9.03 -2.86 -19.34
N PHE Q 198 -8.27 -3.73 -20.01
CA PHE Q 198 -8.73 -4.41 -21.23
C PHE Q 198 -8.86 -5.90 -21.03
N PRO Q 199 -9.98 -6.35 -20.39
CA PRO Q 199 -10.15 -7.81 -20.19
C PRO Q 199 -10.41 -8.59 -21.49
N GLY Q 200 -10.85 -7.93 -22.55
CA GLY Q 200 -11.14 -8.59 -23.81
C GLY Q 200 -10.09 -8.33 -24.86
N ASP Q 201 -10.58 -8.15 -26.07
CA ASP Q 201 -9.74 -7.87 -27.23
C ASP Q 201 -9.29 -6.42 -27.26
N VAL Q 202 -8.17 -6.16 -27.95
CA VAL Q 202 -7.68 -4.81 -28.27
C VAL Q 202 -7.00 -4.71 -29.64
N ARG Q 203 -6.87 -3.48 -30.13
CA ARG Q 203 -6.06 -3.21 -31.30
C ARG Q 203 -5.10 -2.09 -31.03
N ILE Q 204 -3.95 -2.20 -31.68
CA ILE Q 204 -2.92 -1.22 -31.51
C ILE Q 204 -2.84 -0.46 -32.78
N GLY Q 205 -2.56 0.83 -32.66
CA GLY Q 205 -2.47 1.72 -33.79
C GLY Q 205 -2.18 3.17 -33.46
N PHE Q 206 -2.27 4.00 -34.52
CA PHE Q 206 -1.93 5.40 -34.43
C PHE Q 206 -3.17 6.30 -34.58
N SER Q 207 -3.27 7.33 -33.74
CA SER Q 207 -4.25 8.38 -33.89
C SER Q 207 -3.53 9.72 -33.97
N GLY Q 208 -3.81 10.48 -35.02
CA GLY Q 208 -3.30 11.82 -35.21
C GLY Q 208 -4.44 12.81 -35.28
N ALA Q 209 -4.15 14.07 -35.02
CA ALA Q 209 -5.20 15.08 -35.08
C ALA Q 209 -4.66 16.46 -35.34
N THR Q 210 -5.50 17.27 -35.99
CA THR Q 210 -5.31 18.68 -36.11
C THR Q 210 -6.55 19.34 -35.48
N GLY Q 211 -6.50 20.64 -35.13
CA GLY Q 211 -5.28 21.45 -35.10
C GLY Q 211 -5.00 22.22 -36.36
N GLN Q 212 -3.70 22.38 -36.65
CA GLN Q 212 -3.25 23.29 -37.69
C GLN Q 212 -1.76 23.10 -37.99
N TYR Q 213 -1.42 23.33 -39.26
CA TYR Q 213 -0.05 23.41 -39.76
C TYR Q 213 0.78 22.18 -39.57
N GLU Q 214 0.13 21.03 -39.41
CA GLU Q 214 0.82 19.81 -38.99
C GLU Q 214 0.30 18.60 -39.68
N THR Q 215 1.24 17.78 -40.17
CA THR Q 215 0.96 16.44 -40.64
C THR Q 215 1.92 15.48 -39.91
N GLN Q 216 1.40 14.30 -39.55
CA GLN Q 216 2.17 13.28 -38.85
C GLN Q 216 2.28 12.06 -39.78
N TYR Q 217 3.51 11.60 -39.99
CA TYR Q 217 3.80 10.47 -40.85
C TYR Q 217 4.45 9.36 -40.02
N ILE Q 218 4.00 8.12 -40.17
CA ILE Q 218 4.71 6.95 -39.63
C ILE Q 218 5.40 6.27 -40.81
N HIS Q 219 6.71 6.07 -40.69
CA HIS Q 219 7.60 5.57 -41.80
C HIS Q 219 7.89 4.06 -41.73
N SER Q 220 7.94 3.52 -40.52
CA SER Q 220 8.18 2.09 -40.25
C SER Q 220 7.51 1.67 -38.92
N TRP Q 221 7.20 0.39 -38.75
CA TRP Q 221 6.49 -0.11 -37.57
C TRP Q 221 6.64 -1.66 -37.45
N SER Q 222 7.16 -2.11 -36.31
CA SER Q 222 7.13 -3.54 -35.96
C SER Q 222 6.60 -3.72 -34.56
N PHE Q 223 6.10 -4.94 -34.31
CA PHE Q 223 5.41 -5.30 -33.07
C PHE Q 223 5.68 -6.76 -32.78
N SER Q 224 5.91 -7.10 -31.52
CA SER Q 224 6.00 -8.51 -31.06
C SER Q 224 5.43 -8.63 -29.63
N SER Q 225 4.38 -9.44 -29.47
CA SER Q 225 3.84 -9.76 -28.14
C SER Q 225 4.15 -11.19 -27.89
N THR Q 226 4.36 -11.52 -26.62
CA THR Q 226 4.57 -12.91 -26.18
C THR Q 226 3.92 -13.12 -24.80
N SER Q 227 3.63 -14.37 -24.52
CA SER Q 227 3.01 -14.74 -23.27
C SER Q 227 4.06 -14.65 -22.17
N THR Q 228 3.64 -14.40 -20.94
CA THR Q 228 4.56 -14.37 -19.77
C THR Q 228 4.49 -15.69 -19.00
N ASN Q 229 4.81 -16.79 -19.69
CA ASN Q 229 4.65 -18.18 -19.19
C ASN Q 229 5.78 -19.08 -19.78
C ACE R 1 -3.07 30.52 -26.24
O ACE R 1 -3.33 31.71 -26.34
CH3 ACE R 1 -1.76 29.99 -26.73
N GLY R 2 -3.81 29.58 -25.69
CA GLY R 2 -5.06 29.92 -24.97
C GLY R 2 -6.07 28.83 -25.15
N VAL R 3 -7.16 28.90 -24.39
CA VAL R 3 -8.40 28.12 -24.68
C VAL R 3 -8.72 28.32 -26.15
N THR R 4 -9.20 27.27 -26.85
CA THR R 4 -9.61 27.35 -28.32
C THR R 4 -10.94 26.68 -28.74
N SER R 5 -11.46 25.70 -27.99
CA SER R 5 -12.84 25.15 -28.20
C SER R 5 -13.47 24.50 -26.88
N ALA R 6 -14.57 23.73 -26.95
CA ALA R 6 -14.97 22.69 -25.90
C ALA R 6 -15.35 23.22 -24.47
N SER S 1 23.17 14.09 -12.05
CA SER S 1 23.91 15.08 -12.90
C SER S 1 23.77 14.73 -14.40
N GLU S 2 24.26 15.62 -15.25
CA GLU S 2 24.15 15.52 -16.71
C GLU S 2 25.44 15.11 -17.35
N LEU S 3 25.39 14.02 -18.09
CA LEU S 3 26.58 13.47 -18.74
C LEU S 3 26.12 12.80 -20.00
N SER S 4 26.90 12.94 -21.06
CA SER S 4 26.65 12.17 -22.24
C SER S 4 27.95 11.85 -22.97
N PHE S 5 27.95 10.70 -23.64
CA PHE S 5 29.08 10.22 -24.42
C PHE S 5 28.58 9.33 -25.55
N ASN S 6 29.45 9.12 -26.51
CA ASN S 6 29.12 8.34 -27.69
C ASN S 6 30.37 7.66 -28.28
N TYR S 7 30.30 6.32 -28.40
CA TYR S 7 31.28 5.50 -29.07
C TYR S 7 30.51 4.77 -30.16
N PRO S 8 30.48 5.27 -31.40
CA PRO S 8 29.87 4.53 -32.54
C PRO S 8 30.57 3.20 -32.80
N ASN S 9 31.89 3.18 -32.62
CA ASN S 9 32.67 1.96 -32.41
C ASN S 9 33.66 2.28 -31.29
N PHE S 10 34.63 1.42 -31.03
CA PHE S 10 35.70 1.70 -30.02
C PHE S 10 37.09 1.82 -30.64
N GLN S 11 37.17 2.48 -31.79
CA GLN S 11 38.44 2.70 -32.45
C GLN S 11 39.36 3.55 -31.56
N SER S 12 38.73 4.49 -30.85
CA SER S 12 39.30 5.18 -29.70
C SER S 12 38.62 4.61 -28.48
N VAL S 13 39.39 4.44 -27.41
CA VAL S 13 38.88 3.96 -26.10
C VAL S 13 39.23 4.99 -25.02
N GLU S 14 38.99 6.27 -25.32
CA GLU S 14 39.70 7.30 -24.61
C GLU S 14 39.27 7.36 -23.15
N ASP S 15 37.98 7.42 -22.88
CA ASP S 15 37.60 7.55 -21.47
C ASP S 15 37.04 6.25 -20.92
N ILE S 16 37.71 5.14 -21.27
CA ILE S 16 37.35 3.82 -20.77
C ILE S 16 38.46 3.35 -19.85
N THR S 17 38.08 2.94 -18.63
CA THR S 17 38.99 2.28 -17.66
C THR S 17 38.79 0.74 -17.75
N PHE S 18 39.89 0.04 -18.09
CA PHE S 18 39.96 -1.43 -18.13
C PHE S 18 40.57 -1.99 -16.84
N GLN S 19 39.97 -3.03 -16.32
CA GLN S 19 40.46 -3.71 -15.12
C GLN S 19 40.26 -5.20 -15.27
N GLY S 20 41.08 -5.99 -14.58
CA GLY S 20 40.99 -7.46 -14.64
C GLY S 20 41.35 -7.95 -16.02
N GLY S 21 40.57 -8.87 -16.59
CA GLY S 21 40.82 -9.37 -17.95
C GLY S 21 40.30 -8.58 -19.15
N ALA S 22 39.61 -7.47 -18.91
CA ALA S 22 39.08 -6.70 -20.01
C ALA S 22 40.20 -5.94 -20.77
N SER S 23 40.02 -5.79 -22.09
CA SER S 23 40.93 -5.04 -22.93
C SER S 23 40.24 -4.64 -24.25
N PRO S 24 40.79 -3.66 -24.99
CA PRO S 24 40.23 -3.33 -26.31
C PRO S 24 40.75 -4.27 -27.37
N ARG S 25 39.94 -4.52 -28.39
CA ARG S 25 40.29 -5.49 -29.42
C ARG S 25 39.47 -5.25 -30.71
N ASN S 26 40.12 -5.14 -31.85
CA ASN S 26 39.42 -4.94 -33.15
C ASN S 26 38.24 -4.03 -33.01
N GLU S 27 38.52 -2.88 -32.43
CA GLU S 27 37.54 -1.81 -32.30
C GLU S 27 36.29 -2.23 -31.50
N THR S 28 36.51 -3.04 -30.46
CA THR S 28 35.48 -3.39 -29.48
C THR S 28 36.07 -3.51 -28.08
N LEU S 29 35.18 -3.59 -27.11
CA LEU S 29 35.55 -3.95 -25.74
C LEU S 29 35.47 -5.47 -25.49
N GLN S 30 36.61 -6.12 -25.31
CA GLN S 30 36.64 -7.53 -24.96
C GLN S 30 36.62 -7.59 -23.44
N LEU S 31 35.55 -8.14 -22.86
CA LEU S 31 35.35 -8.12 -21.39
C LEU S 31 36.09 -9.22 -20.63
N THR S 32 36.29 -10.38 -21.24
CA THR S 32 37.09 -11.48 -20.66
C THR S 32 38.22 -11.92 -21.62
N PRO S 33 39.36 -12.31 -21.04
CA PRO S 33 40.55 -12.47 -21.87
C PRO S 33 40.54 -13.77 -22.69
N THR S 34 41.41 -13.79 -23.70
CA THR S 34 41.71 -14.96 -24.50
C THR S 34 43.22 -15.24 -24.48
N ASP S 35 43.60 -16.52 -24.58
CA ASP S 35 45.02 -16.93 -24.62
C ASP S 35 45.64 -16.67 -26.02
N SER S 36 46.90 -17.03 -26.21
CA SER S 36 47.56 -16.83 -27.48
C SER S 36 46.86 -17.49 -28.72
N ASN S 37 46.04 -18.54 -28.54
CA ASN S 37 45.23 -19.15 -29.65
C ASN S 37 43.81 -18.60 -29.80
N GLY S 38 43.48 -17.52 -29.11
CA GLY S 38 42.13 -16.98 -29.14
C GLY S 38 41.10 -17.73 -28.33
N ILE S 39 41.52 -18.74 -27.56
CA ILE S 39 40.63 -19.56 -26.69
C ILE S 39 40.30 -18.82 -25.36
N PRO S 40 39.00 -18.69 -25.00
CA PRO S 40 38.61 -18.00 -23.77
C PRO S 40 39.19 -18.65 -22.55
N ILE S 41 39.62 -17.84 -21.59
CA ILE S 41 40.29 -18.33 -20.38
C ILE S 41 39.27 -18.50 -19.27
N ARG S 42 39.33 -19.69 -18.63
CA ARG S 42 38.44 -20.10 -17.56
C ARG S 42 38.71 -19.25 -16.33
N GLN S 43 37.63 -18.97 -15.61
CA GLN S 43 37.64 -18.27 -14.30
C GLN S 43 38.30 -16.90 -14.24
N ARG S 44 37.83 -16.01 -15.12
CA ARG S 44 38.29 -14.62 -15.18
C ARG S 44 37.10 -13.67 -15.19
N ALA S 45 37.36 -12.44 -14.76
CA ALA S 45 36.38 -11.38 -14.81
C ALA S 45 37.12 -10.13 -15.29
N GLY S 46 36.39 -9.30 -16.02
CA GLY S 46 36.89 -8.01 -16.48
C GLY S 46 35.82 -6.94 -16.45
N HIS S 47 36.26 -5.71 -16.25
CA HIS S 47 35.41 -4.52 -16.25
C HIS S 47 35.93 -3.55 -17.30
N ALA S 48 35.03 -3.02 -18.12
CA ALA S 48 35.31 -1.85 -18.96
C ALA S 48 34.28 -0.80 -18.56
N VAL S 49 34.71 0.23 -17.82
CA VAL S 49 33.80 1.29 -17.31
C VAL S 49 34.15 2.65 -17.92
N TYR S 50 33.12 3.48 -18.06
CA TYR S 50 33.31 4.89 -18.40
C TYR S 50 33.90 5.59 -17.18
N SER S 51 35.06 6.26 -17.36
CA SER S 51 35.86 6.69 -16.20
C SER S 51 35.32 7.89 -15.41
N GLN S 52 34.48 8.72 -16.04
CA GLN S 52 33.89 9.90 -15.37
C GLN S 52 32.73 9.50 -14.49
N PRO S 53 32.83 9.80 -13.19
CA PRO S 53 31.68 9.56 -12.33
C PRO S 53 30.51 10.49 -12.68
N PHE S 54 29.32 10.16 -12.17
CA PHE S 54 28.17 11.06 -12.20
C PHE S 54 27.24 10.74 -11.02
N GLN S 55 26.19 11.56 -10.80
CA GLN S 55 25.23 11.37 -9.68
C GLN S 55 23.87 11.01 -10.23
N LEU S 56 23.09 10.38 -9.38
CA LEU S 56 21.78 9.92 -9.75
C LEU S 56 20.66 10.69 -9.11
N ARG S 57 20.93 11.60 -8.16
CA ARG S 57 19.79 12.32 -7.59
C ARG S 57 19.08 13.14 -8.70
N ASP S 58 17.75 13.07 -8.75
CA ASP S 58 16.94 13.84 -9.69
C ASP S 58 17.47 13.68 -11.12
N THR S 59 17.66 12.43 -11.52
CA THR S 59 18.27 12.12 -12.80
C THR S 59 17.53 11.00 -13.51
N SER S 60 17.30 11.19 -14.83
CA SER S 60 16.91 10.14 -15.78
C SER S 60 18.10 9.88 -16.68
N PHE S 61 18.19 8.64 -17.18
CA PHE S 61 19.18 8.28 -18.24
C PHE S 61 18.68 7.27 -19.26
N TYR S 62 19.30 7.35 -20.41
CA TYR S 62 19.12 6.38 -21.47
C TYR S 62 20.53 5.98 -21.97
N THR S 63 20.74 4.69 -22.19
CA THR S 63 21.98 4.19 -22.77
C THR S 63 21.64 3.06 -23.67
N THR S 64 22.34 2.99 -24.78
CA THR S 64 22.18 1.90 -25.73
C THR S 64 23.58 1.38 -26.07
N PHE S 65 23.66 0.07 -26.31
CA PHE S 65 24.89 -0.56 -26.77
C PHE S 65 24.57 -1.74 -27.68
N THR S 66 25.54 -2.02 -28.57
CA THR S 66 25.54 -3.24 -29.36
C THR S 66 26.58 -4.22 -28.82
N PHE S 67 26.24 -5.50 -28.90
CA PHE S 67 27.08 -6.54 -28.33
C PHE S 67 27.03 -7.84 -29.16
N VAL S 68 28.09 -8.63 -29.01
CA VAL S 68 28.18 -9.97 -29.54
C VAL S 68 28.64 -10.89 -28.44
N ILE S 69 27.97 -12.04 -28.31
CA ILE S 69 28.46 -13.14 -27.50
C ILE S 69 29.10 -14.14 -28.48
N ARG S 70 30.38 -14.47 -28.27
CA ARG S 70 31.06 -15.49 -29.06
C ARG S 70 31.26 -16.73 -28.22
N THR S 71 30.70 -17.86 -28.65
CA THR S 71 30.81 -19.10 -27.89
C THR S 71 31.60 -20.12 -28.70
N THR S 72 32.45 -20.90 -28.03
CA THR S 72 33.21 -21.96 -28.68
C THR S 72 32.70 -23.35 -28.34
N SER S 73 31.67 -23.51 -27.51
CA SER S 73 30.92 -24.79 -27.47
C SER S 73 29.58 -24.73 -26.71
N ASN S 74 28.94 -25.89 -26.48
CA ASN S 74 27.61 -26.07 -25.83
C ASN S 74 27.17 -25.24 -24.70
N SER S 75 28.09 -25.09 -23.73
CA SER S 75 27.74 -24.75 -22.33
C SER S 75 28.56 -23.56 -21.87
N PRO S 76 28.34 -22.40 -22.53
CA PRO S 76 29.13 -21.22 -22.23
C PRO S 76 28.75 -20.58 -20.88
N ALA S 77 29.72 -19.95 -20.29
CA ALA S 77 29.50 -19.28 -19.02
C ALA S 77 30.49 -18.14 -18.90
N ASP S 78 30.12 -17.07 -18.23
CA ASP S 78 28.88 -16.94 -17.48
C ASP S 78 27.95 -15.86 -17.97
N GLY S 79 28.41 -15.02 -18.89
CA GLY S 79 27.70 -13.82 -19.36
C GLY S 79 28.36 -12.49 -19.01
N PHE S 80 27.59 -11.43 -19.16
CA PHE S 80 28.05 -10.10 -18.81
C PHE S 80 26.85 -9.23 -18.38
N ALA S 81 27.17 -8.06 -17.85
CA ALA S 81 26.17 -7.11 -17.33
C ALA S 81 26.62 -5.66 -17.56
N ILE S 82 25.64 -4.78 -17.79
CA ILE S 82 25.87 -3.36 -17.74
C ILE S 82 25.49 -2.99 -16.34
N PHE S 83 26.39 -2.30 -15.63
CA PHE S 83 26.20 -2.05 -14.21
C PHE S 83 26.54 -0.64 -13.74
N ILE S 84 25.93 -0.27 -12.63
CA ILE S 84 26.13 0.99 -11.98
C ILE S 84 26.60 0.66 -10.59
N ALA S 85 27.65 1.33 -10.15
CA ALA S 85 28.23 1.11 -8.81
C ALA S 85 29.12 2.27 -8.42
N PRO S 86 29.54 2.35 -7.12
CA PRO S 86 30.43 3.46 -6.76
C PRO S 86 31.73 3.48 -7.58
N PRO S 87 32.47 4.61 -7.50
CA PRO S 87 33.67 4.74 -8.39
C PRO S 87 34.84 3.76 -8.07
N ASP S 88 34.98 3.44 -6.80
CA ASP S 88 36.04 2.59 -6.30
C ASP S 88 35.71 1.07 -6.33
N PHE S 89 34.74 0.67 -7.15
CA PHE S 89 34.22 -0.71 -7.19
C PHE S 89 35.21 -1.65 -7.87
N PRO S 90 35.77 -2.62 -7.11
CA PRO S 90 36.75 -3.54 -7.70
C PRO S 90 36.11 -4.58 -8.60
N VAL S 91 36.95 -5.26 -9.38
CA VAL S 91 36.54 -6.45 -10.12
C VAL S 91 36.38 -7.51 -9.06
N LYS S 92 35.20 -8.10 -8.97
CA LYS S 92 34.90 -9.08 -7.90
C LYS S 92 34.99 -10.46 -8.48
N ARG S 93 34.31 -11.43 -7.89
CA ARG S 93 34.54 -12.79 -8.29
C ARG S 93 34.08 -13.12 -9.73
N TYR S 94 34.94 -13.85 -10.42
CA TYR S 94 34.61 -14.57 -11.66
C TYR S 94 33.45 -15.61 -11.53
N GLY S 95 33.16 -16.30 -12.63
CA GLY S 95 32.11 -17.27 -12.62
C GLY S 95 30.74 -16.62 -12.62
N GLY S 96 29.77 -17.28 -11.95
CA GLY S 96 28.35 -16.83 -11.96
C GLY S 96 28.11 -15.57 -11.19
N TYR S 97 29.10 -15.14 -10.43
CA TYR S 97 29.08 -13.85 -9.79
C TYR S 97 29.26 -12.66 -10.76
N LEU S 98 29.62 -12.93 -12.02
CA LEU S 98 29.69 -11.94 -13.14
C LEU S 98 30.67 -10.75 -12.96
N GLY S 99 31.64 -10.95 -12.07
CA GLY S 99 32.53 -9.90 -11.66
C GLY S 99 31.90 -8.85 -10.77
N LEU S 100 30.70 -9.10 -10.23
CA LEU S 100 29.95 -8.09 -9.45
C LEU S 100 29.68 -8.40 -7.98
N PHE S 101 29.96 -9.63 -7.56
CA PHE S 101 29.73 -10.01 -6.16
C PHE S 101 30.84 -10.93 -5.62
N GLU S 102 30.86 -11.05 -4.29
CA GLU S 102 31.73 -12.00 -3.56
C GLU S 102 30.85 -13.14 -3.01
N PRO S 103 31.39 -14.38 -2.97
CA PRO S 103 30.58 -15.55 -2.60
C PRO S 103 29.85 -15.44 -1.28
N ASN S 104 30.57 -14.98 -0.26
CA ASN S 104 30.00 -14.72 1.07
C ASN S 104 28.69 -13.99 1.14
N THR S 105 28.59 -12.95 0.32
CA THR S 105 27.59 -11.91 0.47
C THR S 105 26.67 -11.75 -0.75
N ALA S 106 26.85 -12.58 -1.77
CA ALA S 106 26.29 -12.35 -3.09
C ALA S 106 24.77 -12.31 -3.15
N THR S 107 24.06 -12.88 -2.15
CA THR S 107 22.59 -12.79 -2.10
C THR S 107 22.06 -11.90 -0.96
N ASN S 108 22.97 -11.27 -0.23
CA ASN S 108 22.61 -10.37 0.84
C ASN S 108 22.47 -8.91 0.35
N THR S 109 21.22 -8.43 0.19
CA THR S 109 20.97 -7.11 -0.38
C THR S 109 21.54 -6.00 0.48
N SER S 110 21.67 -6.19 1.79
CA SER S 110 22.23 -5.14 2.66
C SER S 110 23.80 -5.14 2.76
N ALA S 111 24.49 -6.01 2.01
CA ALA S 111 25.98 -6.01 1.92
C ALA S 111 26.50 -5.62 0.55
N ASN S 112 25.63 -5.14 -0.32
CA ASN S 112 26.01 -4.74 -1.66
C ASN S 112 25.42 -3.37 -2.04
N LYS S 113 26.10 -2.73 -3.00
CA LYS S 113 25.61 -1.51 -3.65
C LYS S 113 25.98 -1.58 -5.12
N VAL S 114 25.10 -2.20 -5.90
CA VAL S 114 25.30 -2.37 -7.30
C VAL S 114 23.97 -2.73 -7.95
N VAL S 115 23.76 -2.19 -9.14
CA VAL S 115 22.60 -2.47 -9.93
C VAL S 115 23.07 -2.76 -11.32
N ALA S 116 22.41 -3.70 -11.98
CA ALA S 116 22.85 -4.17 -13.25
C ALA S 116 21.69 -4.69 -14.07
N VAL S 117 21.95 -4.79 -15.39
CA VAL S 117 21.13 -5.55 -16.31
C VAL S 117 22.05 -6.63 -16.84
N GLU S 118 21.73 -7.88 -16.51
CA GLU S 118 22.59 -9.02 -16.79
C GLU S 118 22.07 -9.82 -17.97
N PHE S 119 23.04 -10.35 -18.71
CA PHE S 119 22.84 -11.24 -19.86
C PHE S 119 23.53 -12.54 -19.45
N ASP S 120 22.73 -13.50 -18.96
CA ASP S 120 23.21 -14.64 -18.18
C ASP S 120 23.14 -15.92 -19.02
N THR S 121 24.33 -16.43 -19.38
CA THR S 121 24.45 -17.59 -20.27
C THR S 121 24.59 -18.93 -19.54
N TRP S 122 24.66 -18.90 -18.20
CA TRP S 122 24.85 -20.11 -17.37
C TRP S 122 23.86 -20.18 -16.20
N VAL S 123 23.06 -21.23 -16.19
CA VAL S 123 22.11 -21.48 -15.13
C VAL S 123 22.88 -21.99 -13.92
N ASN S 124 22.89 -21.20 -12.88
CA ASN S 124 23.58 -21.57 -11.65
C ASN S 124 22.69 -22.30 -10.70
N THR S 125 23.15 -23.46 -10.35
CA THR S 125 22.47 -24.27 -9.39
C THR S 125 22.62 -23.70 -7.98
N GLU S 126 23.69 -22.95 -7.75
CA GLU S 126 24.11 -22.54 -6.42
C GLU S 126 23.11 -21.60 -5.77
N TRP S 127 22.39 -20.79 -6.55
CA TRP S 127 21.28 -19.93 -6.00
C TRP S 127 19.97 -20.11 -6.81
N LYS S 128 19.85 -21.34 -7.32
CA LYS S 128 18.63 -21.90 -7.93
C LYS S 128 18.04 -20.92 -8.91
N GLU S 129 18.82 -20.48 -9.89
CA GLU S 129 18.32 -19.57 -10.93
C GLU S 129 17.29 -20.34 -11.78
N PRO S 130 16.45 -19.61 -12.57
CA PRO S 130 15.44 -20.29 -13.40
C PRO S 130 16.09 -21.10 -14.43
N ARG S 131 15.40 -22.10 -14.94
CA ARG S 131 16.00 -23.17 -15.74
C ARG S 131 16.07 -22.85 -17.26
N TYR S 132 16.76 -21.74 -17.53
CA TYR S 132 17.01 -21.28 -18.88
C TYR S 132 17.95 -20.13 -18.82
N ARG S 133 18.55 -19.82 -19.95
CA ARG S 133 19.39 -18.66 -20.01
C ARG S 133 18.45 -17.45 -19.96
N HIS S 134 18.92 -16.37 -19.34
CA HIS S 134 18.01 -15.31 -19.05
C HIS S 134 18.69 -13.97 -19.08
N ILE S 135 17.85 -12.94 -19.27
CA ILE S 135 18.22 -11.52 -19.07
C ILE S 135 17.44 -11.06 -17.84
N GLY S 136 18.12 -10.28 -16.99
CA GLY S 136 17.59 -9.95 -15.67
C GLY S 136 18.07 -8.61 -15.14
N ILE S 137 17.29 -8.04 -14.24
CA ILE S 137 17.68 -6.83 -13.54
C ILE S 137 18.11 -7.23 -12.13
N ASP S 138 19.33 -6.83 -11.75
CA ASP S 138 19.90 -7.13 -10.45
C ASP S 138 19.93 -5.87 -9.57
N VAL S 139 19.52 -6.02 -8.31
CA VAL S 139 19.51 -4.95 -7.32
C VAL S 139 20.08 -5.49 -6.01
N ASN S 140 21.40 -5.27 -5.90
CA ASN S 140 22.20 -5.65 -4.74
C ASN S 140 22.26 -7.17 -4.42
N SER S 141 22.04 -8.01 -5.45
CA SER S 141 22.06 -9.45 -5.27
C SER S 141 22.28 -10.05 -6.64
N ILE S 142 22.99 -11.16 -6.69
CA ILE S 142 23.13 -11.95 -7.90
C ILE S 142 21.79 -12.65 -8.28
N VAL S 143 20.88 -12.76 -7.32
CA VAL S 143 19.51 -13.19 -7.58
C VAL S 143 18.69 -12.02 -8.13
N SER S 144 18.53 -12.02 -9.46
CA SER S 144 17.76 -11.01 -10.16
C SER S 144 16.41 -10.84 -9.53
N VAL S 145 15.99 -9.60 -9.32
CA VAL S 145 14.66 -9.29 -8.82
C VAL S 145 13.59 -9.34 -9.90
N ARG S 146 14.02 -9.30 -11.16
CA ARG S 146 13.12 -9.51 -12.27
C ARG S 146 13.95 -10.15 -13.37
N VAL S 147 13.37 -11.15 -14.05
CA VAL S 147 14.11 -12.04 -14.94
C VAL S 147 13.22 -12.62 -16.03
N THR S 148 13.72 -12.74 -17.22
CA THR S 148 12.94 -13.25 -18.33
C THR S 148 13.84 -14.14 -19.22
N ARG S 149 13.16 -15.06 -19.88
CA ARG S 149 13.83 -16.07 -20.67
C ARG S 149 14.50 -15.43 -21.87
N TRP S 150 15.74 -15.83 -22.08
CA TRP S 150 16.58 -15.38 -23.16
C TRP S 150 16.69 -16.57 -24.05
N GLN S 151 16.10 -16.49 -25.25
CA GLN S 151 16.00 -17.64 -26.18
C GLN S 151 17.39 -18.14 -26.59
N ASP S 152 17.61 -19.45 -26.59
CA ASP S 152 18.93 -19.97 -26.99
C ASP S 152 19.23 -19.63 -28.46
N LYS S 153 18.20 -19.64 -29.32
CA LYS S 153 18.33 -19.18 -30.71
C LYS S 153 19.18 -17.87 -30.81
N ASP S 154 18.85 -16.94 -29.92
CA ASP S 154 19.48 -15.61 -29.87
C ASP S 154 20.84 -15.59 -29.18
N VAL S 155 20.98 -16.36 -28.09
CA VAL S 155 22.25 -16.45 -27.35
C VAL S 155 23.34 -16.87 -28.36
N PHE S 156 23.09 -18.00 -29.04
CA PHE S 156 24.07 -18.62 -29.94
C PHE S 156 24.05 -18.09 -31.40
N SER S 157 23.21 -17.08 -31.70
CA SER S 157 23.08 -16.53 -33.07
C SER S 157 24.36 -15.85 -33.59
N ARG S 158 25.20 -15.35 -32.68
CA ARG S 158 26.38 -14.54 -33.03
C ARG S 158 26.01 -13.31 -33.89
N SER S 159 24.80 -12.76 -33.66
CA SER S 159 24.39 -11.54 -34.26
C SER S 159 24.92 -10.44 -33.40
N ILE S 160 24.94 -9.23 -33.98
CA ILE S 160 25.17 -7.99 -33.25
C ILE S 160 23.81 -7.60 -32.70
N ALA S 161 23.68 -7.67 -31.38
CA ALA S 161 22.43 -7.42 -30.70
C ALA S 161 22.46 -6.06 -30.10
N THR S 162 21.29 -5.48 -29.90
CA THR S 162 21.13 -4.12 -29.31
C THR S 162 20.36 -4.14 -27.99
N ALA S 163 20.94 -3.48 -26.99
CA ALA S 163 20.31 -3.26 -25.69
C ALA S 163 19.98 -1.77 -25.54
N HIS S 164 18.82 -1.47 -24.97
CA HIS S 164 18.42 -0.12 -24.59
C HIS S 164 18.13 -0.19 -23.12
N VAL S 165 18.87 0.55 -22.31
CA VAL S 165 18.59 0.62 -20.88
C VAL S 165 18.20 2.04 -20.53
N GLY S 166 17.11 2.20 -19.77
CA GLY S 166 16.64 3.53 -19.39
C GLY S 166 16.08 3.63 -17.98
N TYR S 167 16.35 4.76 -17.31
CA TYR S 167 15.88 4.96 -15.94
C TYR S 167 15.08 6.22 -15.91
N ASP S 168 13.84 6.10 -15.46
CA ASP S 168 12.93 7.25 -15.31
C ASP S 168 13.05 7.65 -13.83
N GLY S 169 13.65 8.84 -13.59
CA GLY S 169 13.92 9.31 -12.26
C GLY S 169 12.71 9.76 -11.48
N ILE S 170 11.60 10.04 -12.18
CA ILE S 170 10.33 10.48 -11.57
C ILE S 170 9.57 9.29 -11.04
N SER S 171 9.28 8.32 -11.90
CA SER S 171 8.55 7.13 -11.53
C SER S 171 9.45 6.03 -10.91
N LYS S 172 10.78 6.20 -10.97
CA LYS S 172 11.75 5.32 -10.28
C LYS S 172 11.77 3.95 -10.92
N ILE S 173 11.88 3.92 -12.23
CA ILE S 173 11.76 2.68 -13.02
C ILE S 173 12.95 2.49 -14.00
N LEU S 174 13.66 1.39 -13.80
CA LEU S 174 14.70 0.90 -14.69
C LEU S 174 14.07 -0.08 -15.64
N THR S 175 14.39 0.07 -16.91
CA THR S 175 13.81 -0.73 -18.01
C THR S 175 14.90 -1.15 -18.98
N ALA S 176 14.78 -2.35 -19.52
CA ALA S 176 15.69 -2.82 -20.55
C ALA S 176 14.86 -3.37 -21.70
N PHE S 177 15.13 -2.86 -22.91
CA PHE S 177 14.67 -3.48 -24.15
C PHE S 177 15.87 -4.10 -24.83
N VAL S 178 15.78 -5.36 -25.25
CA VAL S 178 16.87 -5.99 -25.96
C VAL S 178 16.31 -6.56 -27.24
N THR S 179 17.03 -6.33 -28.34
CA THR S 179 16.59 -6.74 -29.69
C THR S 179 17.69 -7.44 -30.53
N TYR S 180 17.25 -8.41 -31.32
CA TYR S 180 18.11 -9.24 -32.16
C TYR S 180 17.60 -9.11 -33.62
N PRO S 181 18.48 -8.74 -34.58
CA PRO S 181 18.03 -8.69 -36.01
C PRO S 181 17.40 -10.03 -36.52
N ASP S 182 16.12 -10.02 -36.93
CA ASP S 182 15.35 -11.27 -37.21
C ASP S 182 15.26 -12.25 -36.06
N GLY S 183 15.26 -11.76 -34.84
CA GLY S 183 15.23 -12.62 -33.67
C GLY S 183 14.28 -12.05 -32.63
N GLY S 184 14.56 -12.42 -31.40
CA GLY S 184 13.69 -12.07 -30.30
C GLY S 184 13.86 -10.66 -29.80
N ASN S 185 12.82 -10.22 -29.08
CA ASN S 185 12.72 -8.94 -28.40
C ASN S 185 12.30 -9.13 -26.98
N TYR S 186 13.04 -8.52 -26.07
CA TYR S 186 12.89 -8.76 -24.64
C TYR S 186 12.61 -7.44 -23.91
N VAL S 187 11.74 -7.49 -22.90
CA VAL S 187 11.32 -6.33 -22.15
C VAL S 187 11.29 -6.62 -20.66
N LEU S 188 12.02 -5.83 -19.90
CA LEU S 188 12.04 -5.93 -18.43
C LEU S 188 11.94 -4.56 -17.81
N SER S 189 11.13 -4.43 -16.77
CA SER S 189 11.05 -3.19 -16.01
C SER S 189 10.95 -3.49 -14.52
N HIS S 190 11.57 -2.65 -13.71
CA HIS S 190 11.50 -2.83 -12.29
C HIS S 190 11.48 -1.48 -11.54
N VAL S 191 10.60 -1.38 -10.56
CA VAL S 191 10.56 -0.19 -9.71
C VAL S 191 11.73 -0.24 -8.74
N VAL S 192 12.65 0.74 -8.81
CA VAL S 192 13.82 0.84 -7.93
C VAL S 192 14.36 2.27 -7.83
N ASP S 193 14.59 2.73 -6.60
CA ASP S 193 15.01 4.11 -6.36
C ASP S 193 16.52 4.15 -6.34
N LEU S 194 17.12 4.41 -7.52
CA LEU S 194 18.60 4.44 -7.63
C LEU S 194 19.27 5.54 -6.81
N ALA S 195 18.61 6.69 -6.68
CA ALA S 195 19.12 7.80 -5.87
C ALA S 195 19.29 7.38 -4.39
N GLU S 196 18.40 6.51 -3.93
CA GLU S 196 18.41 6.06 -2.53
C GLU S 196 19.46 4.97 -2.26
N ILE S 197 19.73 4.11 -3.23
CA ILE S 197 20.84 3.17 -3.15
C ILE S 197 22.20 3.85 -3.30
N PHE S 198 22.29 4.78 -4.29
CA PHE S 198 23.54 5.55 -4.61
C PHE S 198 23.46 7.05 -4.31
N PRO S 199 23.57 7.41 -3.02
CA PRO S 199 23.45 8.83 -2.68
C PRO S 199 24.64 9.64 -3.18
N GLY S 200 25.78 9.00 -3.49
CA GLY S 200 26.96 9.73 -3.90
C GLY S 200 27.19 9.57 -5.36
N ASP S 201 28.48 9.43 -5.71
CA ASP S 201 28.94 9.20 -7.10
C ASP S 201 28.78 7.75 -7.55
N VAL S 202 28.66 7.55 -8.87
CA VAL S 202 28.64 6.22 -9.49
C VAL S 202 29.36 6.24 -10.82
N ARG S 203 29.73 5.06 -11.31
CA ARG S 203 30.17 4.88 -12.69
C ARG S 203 29.36 3.79 -13.35
N ILE S 204 29.18 3.94 -14.66
CA ILE S 204 28.46 2.95 -15.46
C ILE S 204 29.51 2.25 -16.31
N GLY S 205 29.26 0.96 -16.53
CA GLY S 205 30.16 0.12 -17.30
C GLY S 205 29.73 -1.33 -17.38
N PHE S 206 30.63 -2.12 -17.96
CA PHE S 206 30.38 -3.52 -18.30
C PHE S 206 31.28 -4.44 -17.47
N SER S 207 30.69 -5.52 -16.98
CA SER S 207 31.44 -6.54 -16.31
C SER S 207 31.10 -7.82 -17.06
N GLY S 208 32.14 -8.56 -17.43
CA GLY S 208 32.02 -9.90 -17.98
C GLY S 208 32.77 -10.94 -17.15
N ALA S 209 32.36 -12.19 -17.28
CA ALA S 209 33.01 -13.25 -16.53
C ALA S 209 32.92 -14.61 -17.20
N THR S 210 33.96 -15.40 -17.00
CA THR S 210 34.00 -16.81 -17.30
C THR S 210 34.25 -17.55 -15.95
N GLY S 211 33.95 -18.85 -15.84
CA GLY S 211 33.21 -19.61 -16.83
C GLY S 211 34.09 -20.30 -17.84
N GLN S 212 33.60 -20.37 -19.08
CA GLN S 212 34.16 -21.21 -20.10
C GLN S 212 33.52 -20.97 -21.46
N TYR S 213 34.32 -21.21 -22.50
CA TYR S 213 33.89 -21.19 -23.89
C TYR S 213 33.14 -19.94 -24.35
N GLU S 214 33.42 -18.80 -23.73
CA GLU S 214 32.67 -17.56 -23.95
C GLU S 214 33.56 -16.30 -23.89
N THR S 215 33.39 -15.45 -24.90
CA THR S 215 33.93 -14.09 -24.88
C THR S 215 32.78 -13.13 -25.21
N GLN S 216 32.73 -12.04 -24.48
CA GLN S 216 31.70 -11.03 -24.64
C GLN S 216 32.36 -9.74 -25.19
N TYR S 217 31.81 -9.25 -26.30
CA TYR S 217 32.31 -8.07 -27.01
C TYR S 217 31.25 -6.97 -27.03
N ILE S 218 31.63 -5.72 -26.69
CA ILE S 218 30.75 -4.56 -26.87
C ILE S 218 31.27 -3.78 -28.10
N HIS S 219 30.38 -3.59 -29.09
CA HIS S 219 30.73 -3.03 -30.40
C HIS S 219 30.49 -1.52 -30.49
N SER S 220 29.46 -1.04 -29.79
CA SER S 220 29.08 0.39 -29.74
C SER S 220 28.39 0.75 -28.38
N TRP S 221 28.39 2.02 -27.99
CA TRP S 221 27.81 2.43 -26.69
C TRP S 221 27.58 3.92 -26.67
N SER S 222 26.36 4.32 -26.35
CA SER S 222 26.06 5.75 -26.07
C SER S 222 25.21 5.91 -24.81
N PHE S 223 25.32 7.07 -24.20
CA PHE S 223 24.71 7.33 -22.90
C PHE S 223 24.29 8.78 -22.87
N SER S 224 23.14 9.06 -22.28
CA SER S 224 22.73 10.44 -22.00
C SER S 224 21.91 10.46 -20.71
N SER S 225 22.35 11.28 -19.75
CA SER S 225 21.58 11.55 -18.53
C SER S 225 21.14 13.00 -18.55
N THR S 226 19.99 13.25 -17.96
CA THR S 226 19.49 14.62 -17.81
C THR S 226 18.77 14.76 -16.46
N SER S 227 18.71 15.99 -15.98
CA SER S 227 18.05 16.29 -14.74
C SER S 227 16.53 16.13 -14.96
N THR S 228 15.79 15.80 -13.91
CA THR S 228 14.33 15.76 -13.95
C THR S 228 13.73 17.07 -13.38
N ASN S 229 14.13 18.21 -13.97
CA ASN S 229 13.77 19.56 -13.47
C ASN S 229 13.59 20.51 -14.69
C ACE T 1 24.81 -28.81 -14.11
O ACE T 1 25.30 -29.92 -14.18
CH3 ACE T 1 24.09 -28.18 -15.29
N GLY T 2 24.86 -28.06 -13.01
CA GLY T 2 25.43 -28.54 -11.72
C GLY T 2 26.07 -27.43 -10.91
N VAL T 3 26.14 -27.67 -9.62
CA VAL T 3 26.96 -26.88 -8.72
C VAL T 3 28.43 -26.99 -9.17
N THR T 4 29.04 -25.82 -9.46
CA THR T 4 30.44 -25.75 -9.83
C THR T 4 31.41 -24.98 -8.82
N SER T 5 30.92 -24.13 -7.87
CA SER T 5 31.72 -23.76 -6.61
C SER T 5 31.04 -23.58 -5.17
N ALA T 6 30.52 -22.38 -4.92
CA ALA T 6 30.69 -21.61 -3.61
C ALA T 6 29.37 -20.91 -3.10
CA CA U . 12.50 -29.46 52.05
CA CA V . 15.92 -31.05 53.75
O5 A2G W . 22.60 -32.97 59.97
C1 A2G W . 21.46 -32.55 60.72
C2 A2G W . 20.64 -31.53 60.02
N2 A2G W . 19.41 -31.47 60.79
C3 A2G W . 20.47 -31.92 58.54
O3 A2G W . 19.76 -30.95 57.84
C4 A2G W . 21.87 -31.93 57.96
O4 A2G W . 22.69 -30.78 58.25
C5 A2G W . 22.64 -33.09 58.56
C6 A2G W . 24.06 -33.10 58.06
O6 A2G W . 24.60 -34.29 58.62
C7 A2G W . 18.82 -30.34 61.07
O7 A2G W . 19.36 -29.26 60.77
C8 A2G W . 17.51 -30.58 61.78
CA CA X . -7.28 -11.88 22.68
CA CA Y . -7.47 -10.07 19.26
O5 A2G Z . -10.18 -7.94 10.46
C1 A2G Z . -11.28 -8.32 11.30
C2 A2G Z . -10.75 -9.35 12.25
N2 A2G Z . -11.85 -9.68 13.19
C3 A2G Z . -9.69 -8.76 13.07
O3 A2G Z . -9.33 -9.62 14.13
C4 A2G Z . -8.52 -8.45 12.20
O4 A2G Z . -7.94 -9.57 11.57
C5 A2G Z . -9.03 -7.46 11.21
C6 A2G Z . -7.91 -6.97 10.35
O6 A2G Z . -8.54 -5.82 9.76
C7 A2G Z . -12.17 -10.94 13.42
O7 A2G Z . -11.53 -11.86 12.98
C8 A2G Z . -13.38 -11.18 14.27
CA CA AA . 0.70 39.94 -22.58
CA CA BA . 0.89 37.47 -25.45
O5 A2G CA . 3.74 32.57 -32.91
C1 A2G CA . 4.77 32.57 -31.93
C2 A2G CA . 4.78 33.93 -31.32
N2 A2G CA . 5.87 34.05 -30.34
C3 A2G CA . 3.41 34.12 -30.72
O3 A2G CA . 3.44 35.35 -30.04
C4 A2G CA . 2.27 33.98 -31.76
O4 A2G CA . 2.24 35.01 -32.73
C5 A2G CA . 2.44 32.58 -32.35
C6 A2G CA . 1.39 32.21 -33.38
O6 A2G CA . 1.76 31.03 -34.13
C7 A2G CA . 6.65 35.13 -30.25
O7 A2G CA . 6.43 36.16 -30.87
C8 A2G CA . 7.87 35.01 -29.38
CA CA DA . -16.05 69.26 -1.44
CA CA EA . -18.82 71.84 -0.71
O5 A2G FA . -25.32 77.21 3.25
C1 A2G FA . -24.39 76.76 4.17
C2 A2G FA . -23.82 75.42 3.84
N2 A2G FA . -22.79 75.05 4.73
C3 A2G FA . -23.35 75.48 2.41
O3 A2G FA . -22.85 74.18 2.19
C4 A2G FA . -24.54 75.87 1.50
O4 A2G FA . -25.64 74.99 1.67
C5 A2G FA . -24.87 77.29 1.94
C6 A2G FA . -25.99 77.99 1.20
O6 A2G FA . -26.35 79.29 1.77
C7 A2G FA . -22.90 73.99 5.49
O7 A2G FA . -23.80 73.15 5.47
C8 A2G FA . -21.72 73.88 6.40
CA CA GA . -47.80 30.93 13.33
CA CA HA . -51.15 32.24 11.06
O5 A2G IA . -59.69 34.50 8.53
C1 A2G IA . -59.72 34.63 9.97
C2 A2G IA . -58.66 33.74 10.59
N2 A2G IA . -58.41 34.02 12.01
C3 A2G IA . -57.37 33.81 9.78
O3 A2G IA . -56.58 32.73 10.23
C4 A2G IA . -57.62 33.67 8.26
O4 A2G IA . -58.21 32.37 7.93
C5 A2G IA . -58.50 34.83 7.83
C6 A2G IA . -58.71 34.94 6.31
O6 A2G IA . -59.91 35.62 5.85
C7 A2G IA . -58.48 33.05 12.96
O7 A2G IA . -58.83 31.88 12.75
C8 A2G IA . -58.06 33.47 14.33
CA CA JA . -13.94 10.16 16.38
CA CA KA . -11.19 7.73 14.75
O5 A2G LA . -3.12 3.82 12.34
C1 A2G LA . -2.95 4.43 13.62
C2 A2G LA . -3.77 5.69 13.65
N2 A2G LA . -3.59 6.37 14.89
C3 A2G LA . -5.23 5.37 13.25
O3 A2G LA . -6.01 6.55 13.52
C4 A2G LA . -5.22 4.79 11.82
O4 A2G LA . -4.48 5.61 10.88
C5 A2G LA . -4.48 3.49 11.94
C6 A2G LA . -4.35 2.65 10.72
O6 A2G LA . -3.51 1.53 11.07
C7 A2G LA . -3.49 7.71 14.96
O7 A2G LA . -3.60 8.47 14.01
C8 A2G LA . -3.19 8.27 16.31
CA CA MA . 19.70 -38.30 -15.54
CA CA NA . 22.07 -35.89 -17.32
O5 A2G OA . 26.05 -30.40 -23.49
C1 A2G OA . 24.67 -30.61 -23.81
C2 A2G OA . 24.26 -32.00 -23.45
N2 A2G OA . 22.84 -32.02 -23.69
C3 A2G OA . 24.60 -32.23 -22.00
O3 A2G OA . 24.22 -33.52 -21.56
C4 A2G OA . 26.11 -32.01 -21.74
O4 A2G OA . 26.97 -32.88 -22.49
C5 A2G OA . 26.38 -30.55 -22.10
C6 A2G OA . 27.79 -30.07 -21.78
O6 A2G OA . 28.03 -28.85 -22.49
C7 A2G OA . 22.24 -33.00 -24.28
O7 A2G OA . 22.85 -34.00 -24.64
C8 A2G OA . 20.77 -32.82 -24.53
CA CA PA . 14.01 -69.79 8.05
CA CA QA . 15.29 -72.78 10.31
O5 A2G RA . 16.48 -78.83 17.45
C1 A2G RA . 15.09 -78.47 17.33
C2 A2G RA . 14.93 -77.06 16.85
N2 A2G RA . 13.53 -76.78 16.71
C3 A2G RA . 15.76 -76.91 15.58
O3 A2G RA . 15.41 -75.68 14.90
C4 A2G RA . 17.24 -77.12 16.00
O4 A2G RA . 17.65 -76.35 17.16
C5 A2G RA . 17.36 -78.62 16.35
C6 A2G RA . 18.74 -79.19 16.73
O6 A2G RA . 18.76 -80.62 16.78
C7 A2G RA . 12.98 -75.64 17.15
O7 A2G RA . 13.65 -74.73 17.69
C8 A2G RA . 11.48 -75.55 16.95
CA CA SA . -1.00 16.15 -23.63
CA CA TA . -2.11 18.98 -26.18
O5 A2G UA . -7.46 24.86 -31.16
C1 A2G UA . -8.12 24.41 -30.00
C2 A2G UA . -7.80 23.00 -29.74
N2 A2G UA . -8.38 22.65 -28.49
C3 A2G UA . -6.33 22.84 -29.69
O3 A2G UA . -6.06 21.48 -29.52
C4 A2G UA . -5.78 23.23 -31.03
O4 A2G UA . -6.37 22.44 -32.10
C5 A2G UA . -6.04 24.73 -31.18
C6 A2G UA . -5.39 25.23 -32.47
O6 A2G UA . -5.71 26.58 -32.81
C7 A2G UA . -9.16 21.58 -28.38
O7 A2G UA . -9.25 20.74 -29.29
C8 A2G UA . -9.94 21.52 -27.09
CA CA VA . 21.31 -14.68 -13.28
CA CA WA . 24.16 -17.39 -14.16
O5 A2G XA . 31.35 -23.27 -13.17
C1 A2G XA . 30.91 -22.82 -11.88
C2 A2G XA . 30.28 -21.46 -11.78
N2 A2G XA . 29.59 -21.33 -10.49
C3 A2G XA . 29.43 -21.29 -12.99
O3 A2G XA . 28.84 -20.02 -12.89
C4 A2G XA . 30.27 -21.47 -14.26
O4 A2G XA . 31.51 -20.74 -14.21
C5 A2G XA . 30.63 -22.93 -14.35
C6 A2G XA . 31.50 -23.25 -15.56
O6 A2G XA . 32.13 -24.54 -15.50
C7 A2G XA . 29.92 -20.38 -9.59
O7 A2G XA . 30.73 -19.49 -9.74
C8 A2G XA . 29.19 -20.42 -8.29
#